data_6N1I
#
_entry.id   6N1I
#
_cell.length_a   1
_cell.length_b   1
_cell.length_c   1
_cell.angle_alpha   90.00
_cell.angle_beta   90.00
_cell.angle_gamma   90.00
#
_symmetry.space_group_name_H-M   'P 1'
#
_entity_poly.entity_id   1
_entity_poly.type   'polypeptide(L)'
_entity_poly.pdbx_seq_one_letter_code
;MNFIKDNSRALIQRMGMTVIKQITDDLFVWNVLNREEVNIICCEKVEQDAARGIIHMILKKGSESCNLFLKSLKEWNYPL
FQDLN
;
_entity_poly.pdbx_strand_id   A,B,C,D,E,F,G,H,I,J,K,L,M,N,O,P
#
# COMPACT_ATOMS: atom_id res chain seq x y z
N MET A 1 -1.97 27.65 9.15
CA MET A 1 -3.30 27.78 9.72
C MET A 1 -3.36 27.29 11.17
N ASN A 2 -3.91 28.12 12.04
CA ASN A 2 -4.09 27.72 13.43
C ASN A 2 -5.29 26.81 13.59
N PHE A 3 -6.28 26.95 12.69
CA PHE A 3 -7.51 26.19 12.79
C PHE A 3 -7.30 24.72 12.46
N ILE A 4 -6.53 24.45 11.40
CA ILE A 4 -6.30 23.08 10.98
C ILE A 4 -5.40 22.36 11.98
N LYS A 5 -4.38 23.06 12.49
CA LYS A 5 -3.44 22.45 13.42
C LYS A 5 -4.11 22.08 14.75
N ASP A 6 -4.99 22.94 15.24
CA ASP A 6 -5.62 22.69 16.54
C ASP A 6 -6.68 21.61 16.43
N ASN A 7 -7.29 21.47 15.26
CA ASN A 7 -8.35 20.48 15.10
C ASN A 7 -7.84 19.24 14.36
N SER A 8 -6.53 19.14 14.17
CA SER A 8 -5.92 18.04 13.43
C SER A 8 -6.10 16.69 14.11
N ARG A 9 -6.30 16.69 15.43
CA ARG A 9 -6.56 15.44 16.12
C ARG A 9 -7.93 14.89 15.75
N ALA A 10 -8.92 15.77 15.61
CA ALA A 10 -10.25 15.33 15.22
C ALA A 10 -10.40 15.24 13.71
N LEU A 11 -9.61 16.03 12.98
CA LEU A 11 -9.71 15.97 11.52
C LEU A 11 -9.03 14.75 10.94
N ILE A 12 -8.19 14.06 11.72
CA ILE A 12 -7.71 12.77 11.25
C ILE A 12 -8.59 11.66 11.78
N GLN A 13 -9.65 12.03 12.50
CA GLN A 13 -10.50 11.01 13.10
C GLN A 13 -11.87 10.98 12.44
N ARG A 14 -12.56 12.12 12.40
CA ARG A 14 -13.95 12.14 11.96
C ARG A 14 -14.11 12.50 10.48
N MET A 15 -13.02 12.60 9.74
CA MET A 15 -13.07 13.14 8.39
C MET A 15 -13.74 12.15 7.43
N GLY A 16 -13.14 10.98 7.25
CA GLY A 16 -13.72 9.94 6.43
C GLY A 16 -13.18 9.96 5.02
N MET A 17 -13.04 8.76 4.46
CA MET A 17 -12.39 8.60 3.16
C MET A 17 -13.27 9.13 2.04
N THR A 18 -14.59 9.06 2.20
CA THR A 18 -15.50 9.41 1.12
C THR A 18 -15.47 10.90 0.82
N VAL A 19 -15.00 11.71 1.77
CA VAL A 19 -14.89 13.14 1.52
C VAL A 19 -13.44 13.51 1.20
N ILE A 20 -12.50 12.67 1.65
CA ILE A 20 -11.08 12.91 1.39
C ILE A 20 -10.77 12.77 -0.09
N LYS A 21 -11.43 11.83 -0.77
CA LYS A 21 -11.28 11.73 -2.21
C LYS A 21 -12.06 12.82 -2.92
N GLN A 22 -12.93 13.53 -2.19
CA GLN A 22 -13.67 14.63 -2.79
C GLN A 22 -12.99 15.97 -2.50
N ILE A 23 -12.35 16.08 -1.34
CA ILE A 23 -11.59 17.30 -1.04
C ILE A 23 -10.34 17.36 -1.89
N THR A 24 -9.62 16.25 -2.02
CA THR A 24 -8.41 16.22 -2.83
C THR A 24 -8.73 16.29 -4.32
N ASP A 25 -10.01 16.16 -4.69
CA ASP A 25 -10.42 16.52 -6.03
C ASP A 25 -10.34 18.04 -6.23
N ASP A 26 -10.93 18.80 -5.30
CA ASP A 26 -10.94 20.25 -5.45
C ASP A 26 -9.57 20.86 -5.19
N LEU A 27 -8.73 20.16 -4.43
CA LEU A 27 -7.37 20.62 -4.22
C LEU A 27 -6.52 20.40 -5.47
N PHE A 28 -6.92 19.45 -6.32
CA PHE A 28 -6.19 19.23 -7.56
C PHE A 28 -6.67 20.17 -8.67
N VAL A 29 -7.96 20.46 -8.70
CA VAL A 29 -8.52 21.36 -9.71
C VAL A 29 -8.01 22.77 -9.49
N TRP A 30 -7.77 23.15 -8.25
CA TRP A 30 -7.25 24.47 -7.91
C TRP A 30 -5.73 24.51 -7.89
N ASN A 31 -5.07 23.49 -8.45
CA ASN A 31 -3.63 23.38 -8.65
C ASN A 31 -2.83 23.42 -7.35
N VAL A 32 -3.40 22.99 -6.24
CA VAL A 32 -2.62 22.90 -5.01
C VAL A 32 -1.80 21.62 -5.00
N LEU A 33 -2.48 20.48 -4.99
CA LEU A 33 -1.84 19.17 -5.02
C LEU A 33 -1.73 18.74 -6.47
N ASN A 34 -0.56 18.24 -6.87
CA ASN A 34 -0.51 17.60 -8.16
C ASN A 34 -1.07 16.17 -8.06
N ARG A 35 -0.88 15.40 -9.12
CA ARG A 35 -1.48 14.08 -9.17
C ARG A 35 -0.76 13.12 -8.23
N GLU A 36 0.56 13.25 -8.11
CA GLU A 36 1.31 12.29 -7.32
C GLU A 36 1.16 12.55 -5.83
N GLU A 37 0.73 13.76 -5.45
CA GLU A 37 0.44 14.01 -4.04
C GLU A 37 -1.00 13.65 -3.70
N VAL A 38 -1.82 13.35 -4.71
CA VAL A 38 -3.10 12.71 -4.45
C VAL A 38 -2.91 11.20 -4.27
N ASN A 39 -2.02 10.60 -5.05
CA ASN A 39 -1.79 9.16 -4.97
C ASN A 39 -1.10 8.77 -3.67
N ILE A 40 -0.43 9.71 -3.01
CA ILE A 40 0.08 9.42 -1.67
C ILE A 40 -1.07 9.34 -0.68
N ILE A 41 -2.07 10.19 -0.83
CA ILE A 41 -3.21 10.20 0.07
C ILE A 41 -4.16 9.04 -0.23
N CYS A 42 -4.71 8.99 -1.43
CA CYS A 42 -5.85 8.13 -1.73
C CYS A 42 -5.49 6.65 -1.84
N CYS A 43 -4.21 6.28 -1.88
CA CYS A 43 -3.87 4.87 -2.00
C CYS A 43 -3.77 4.20 -0.64
N GLU A 44 -3.77 4.98 0.42
CA GLU A 44 -3.69 4.41 1.76
C GLU A 44 -5.05 3.90 2.18
N LYS A 45 -5.06 2.73 2.83
CA LYS A 45 -6.30 1.98 2.99
C LYS A 45 -7.16 2.55 4.11
N VAL A 46 -6.54 2.82 5.26
CA VAL A 46 -7.29 3.35 6.40
C VAL A 46 -7.65 4.80 6.13
N GLU A 47 -8.89 5.17 6.45
CA GLU A 47 -9.33 6.55 6.26
C GLU A 47 -8.65 7.53 7.18
N GLN A 48 -8.07 7.06 8.28
CA GLN A 48 -7.33 7.95 9.15
C GLN A 48 -5.96 8.26 8.58
N ASP A 49 -5.41 7.34 7.77
CA ASP A 49 -4.09 7.56 7.23
C ASP A 49 -4.13 8.53 6.06
N ALA A 50 -5.17 8.44 5.23
CA ALA A 50 -5.33 9.42 4.17
C ALA A 50 -5.66 10.79 4.73
N ALA A 51 -6.27 10.83 5.92
CA ALA A 51 -6.52 12.10 6.59
C ALA A 51 -5.24 12.70 7.13
N ARG A 52 -4.30 11.86 7.55
CA ARG A 52 -2.97 12.36 7.92
C ARG A 52 -2.19 12.78 6.68
N GLY A 53 -2.56 12.24 5.52
CA GLY A 53 -1.84 12.55 4.31
C GLY A 53 -2.19 13.91 3.75
N ILE A 54 -3.46 14.33 3.90
CA ILE A 54 -3.83 15.63 3.38
C ILE A 54 -3.26 16.72 4.26
N ILE A 55 -3.49 16.60 5.57
CA ILE A 55 -3.29 17.70 6.51
C ILE A 55 -1.80 18.05 6.61
N HIS A 56 -0.95 17.04 6.51
CA HIS A 56 0.48 17.33 6.52
C HIS A 56 0.97 17.80 5.15
N MET A 57 0.11 17.74 4.14
CA MET A 57 0.45 18.41 2.88
C MET A 57 -0.18 19.79 2.81
N ILE A 58 -1.13 20.06 3.69
CA ILE A 58 -1.68 21.41 3.79
C ILE A 58 -0.75 22.31 4.56
N LEU A 59 -0.29 21.84 5.72
CA LEU A 59 0.46 22.68 6.64
C LEU A 59 1.83 23.01 6.10
N LYS A 60 2.33 22.20 5.16
CA LYS A 60 3.57 22.55 4.48
C LYS A 60 3.33 23.53 3.36
N LYS A 61 2.13 23.54 2.79
CA LYS A 61 1.80 24.44 1.69
C LYS A 61 1.16 25.74 2.20
N GLY A 62 2.00 26.60 2.75
CA GLY A 62 1.63 27.97 3.04
C GLY A 62 0.54 28.15 4.07
N SER A 63 -0.05 29.35 4.11
CA SER A 63 -1.25 29.57 4.91
C SER A 63 -2.42 29.95 4.03
N GLU A 64 -2.15 30.62 2.91
CA GLU A 64 -3.21 31.00 1.99
C GLU A 64 -3.74 29.78 1.24
N SER A 65 -2.93 28.73 1.14
CA SER A 65 -3.37 27.51 0.50
C SER A 65 -4.03 26.57 1.50
N CYS A 66 -4.02 26.95 2.78
CA CYS A 66 -4.81 26.21 3.76
C CYS A 66 -6.29 26.52 3.62
N ASN A 67 -6.59 27.70 3.07
CA ASN A 67 -7.97 28.14 2.95
C ASN A 67 -8.74 27.30 1.95
N LEU A 68 -8.09 26.97 0.83
CA LEU A 68 -8.74 26.24 -0.25
C LEU A 68 -9.11 24.83 0.17
N PHE A 69 -8.36 24.25 1.11
CA PHE A 69 -8.84 23.08 1.82
C PHE A 69 -10.08 23.39 2.62
N LEU A 70 -10.07 24.51 3.34
CA LEU A 70 -11.14 24.77 4.30
C LEU A 70 -12.40 25.26 3.59
N LYS A 71 -12.22 25.88 2.41
CA LYS A 71 -13.37 26.15 1.55
C LYS A 71 -13.94 24.87 0.97
N SER A 72 -13.08 23.87 0.75
CA SER A 72 -13.56 22.60 0.23
C SER A 72 -14.13 21.74 1.34
N LEU A 73 -13.88 22.11 2.59
CA LEU A 73 -14.46 21.36 3.70
C LEU A 73 -15.78 21.97 4.13
N LYS A 74 -16.04 23.22 3.76
CA LYS A 74 -17.34 23.78 4.05
C LYS A 74 -18.34 23.48 2.93
N GLU A 75 -17.84 23.01 1.79
CA GLU A 75 -18.73 22.54 0.74
C GLU A 75 -19.00 21.04 0.87
N TRP A 76 -17.95 20.23 0.87
CA TRP A 76 -18.06 18.81 1.10
C TRP A 76 -17.84 18.56 2.58
N ASN A 77 -18.72 17.78 3.20
CA ASN A 77 -18.75 17.54 4.66
C ASN A 77 -18.87 18.86 5.44
N TYR A 78 -19.98 19.56 5.23
CA TYR A 78 -20.32 20.66 6.12
C TYR A 78 -20.74 20.26 7.55
N PRO A 79 -21.49 19.16 7.81
CA PRO A 79 -21.83 18.87 9.22
C PRO A 79 -20.66 18.57 10.13
N LEU A 80 -19.51 18.16 9.58
CA LEU A 80 -18.30 18.15 10.39
C LEU A 80 -17.87 19.57 10.71
N PHE A 81 -17.74 20.41 9.67
CA PHE A 81 -17.19 21.75 9.82
C PHE A 81 -18.14 22.66 10.60
N GLN A 82 -19.44 22.36 10.56
CA GLN A 82 -20.38 23.02 11.47
C GLN A 82 -20.12 22.60 12.91
N ASP A 83 -19.84 21.31 13.12
CA ASP A 83 -19.61 20.83 14.48
C ASP A 83 -18.16 21.06 14.89
N LEU A 84 -17.29 21.31 13.91
CA LEU A 84 -15.89 21.56 14.22
C LEU A 84 -15.72 22.94 14.83
N ASN A 85 -16.58 23.87 14.45
CA ASN A 85 -16.55 25.23 14.99
C ASN A 85 -17.32 25.29 16.30
N MET B 1 -3.78 -13.97 27.39
CA MET B 1 -4.61 -15.17 27.31
C MET B 1 -3.84 -16.35 26.71
N ASN B 2 -3.89 -17.49 27.41
CA ASN B 2 -3.27 -18.70 26.89
C ASN B 2 -4.15 -19.35 25.83
N PHE B 3 -5.46 -19.13 25.91
CA PHE B 3 -6.40 -19.77 24.99
C PHE B 3 -6.29 -19.19 23.59
N ILE B 4 -6.20 -17.86 23.49
CA ILE B 4 -6.14 -17.22 22.19
C ILE B 4 -4.80 -17.49 21.53
N LYS B 5 -3.72 -17.48 22.31
CA LYS B 5 -2.38 -17.69 21.75
C LYS B 5 -2.21 -19.10 21.21
N ASP B 6 -2.75 -20.09 21.92
CA ASP B 6 -2.56 -21.48 21.50
C ASP B 6 -3.44 -21.82 20.31
N ASN B 7 -4.58 -21.13 20.18
CA ASN B 7 -5.48 -21.43 19.08
C ASN B 7 -5.37 -20.39 17.97
N SER B 8 -4.37 -19.53 18.04
CA SER B 8 -4.18 -18.45 17.09
C SER B 8 -3.87 -18.95 15.68
N ARG B 9 -3.34 -20.16 15.56
CA ARG B 9 -3.10 -20.71 14.23
C ARG B 9 -4.43 -21.05 13.55
N ALA B 10 -5.38 -21.58 14.31
CA ALA B 10 -6.68 -21.90 13.74
C ALA B 10 -7.60 -20.69 13.74
N LEU B 11 -7.40 -19.76 14.67
CA LEU B 11 -8.26 -18.57 14.72
C LEU B 11 -7.91 -17.57 13.61
N ILE B 12 -6.74 -17.70 13.00
CA ILE B 12 -6.51 -16.89 11.81
C ILE B 12 -6.90 -17.67 10.55
N GLN B 13 -7.41 -18.87 10.74
CA GLN B 13 -7.75 -19.70 9.59
C GLN B 13 -9.26 -19.86 9.44
N ARG B 14 -9.93 -20.33 10.48
CA ARG B 14 -11.34 -20.69 10.37
C ARG B 14 -12.29 -19.58 10.81
N MET B 15 -11.77 -18.40 11.09
CA MET B 15 -12.58 -17.35 11.70
C MET B 15 -13.58 -16.77 10.72
N GLY B 16 -13.10 -16.16 9.65
CA GLY B 16 -13.96 -15.64 8.60
C GLY B 16 -14.27 -14.18 8.79
N MET B 17 -14.37 -13.48 7.65
CA MET B 17 -14.51 -12.03 7.67
C MET B 17 -15.89 -11.62 8.17
N THR B 18 -16.91 -12.44 7.93
CA THR B 18 -18.28 -12.04 8.24
C THR B 18 -18.52 -11.97 9.73
N VAL B 19 -17.66 -12.63 10.53
CA VAL B 19 -17.79 -12.53 11.98
C VAL B 19 -16.77 -11.56 12.54
N ILE B 20 -15.68 -11.33 11.79
CA ILE B 20 -14.64 -10.40 12.23
C ILE B 20 -15.16 -8.96 12.23
N LYS B 21 -16.02 -8.63 11.26
CA LYS B 21 -16.66 -7.32 11.29
C LYS B 21 -17.77 -7.27 12.33
N GLN B 22 -18.16 -8.43 12.86
CA GLN B 22 -19.17 -8.46 13.91
C GLN B 22 -18.54 -8.51 15.29
N ILE B 23 -17.38 -9.16 15.41
CA ILE B 23 -16.67 -9.17 16.67
C ILE B 23 -16.07 -7.80 16.96
N THR B 24 -15.45 -7.17 15.95
CA THR B 24 -14.88 -5.85 16.13
C THR B 24 -15.95 -4.77 16.27
N ASP B 25 -17.21 -5.12 16.01
CA ASP B 25 -18.30 -4.26 16.42
C ASP B 25 -18.45 -4.24 17.93
N ASP B 26 -18.49 -5.42 18.54
CA ASP B 26 -18.68 -5.49 19.99
C ASP B 26 -17.43 -5.06 20.74
N LEU B 27 -16.26 -5.16 20.10
CA LEU B 27 -15.04 -4.68 20.71
C LEU B 27 -14.98 -3.16 20.68
N PHE B 28 -15.71 -2.54 19.76
CA PHE B 28 -15.74 -1.08 19.73
C PHE B 28 -16.80 -0.52 20.67
N VAL B 29 -17.93 -1.21 20.80
CA VAL B 29 -19.00 -0.77 21.69
C VAL B 29 -18.55 -0.86 23.14
N TRP B 30 -17.70 -1.83 23.45
CA TRP B 30 -17.18 -2.00 24.79
C TRP B 30 -15.88 -1.24 25.02
N ASN B 31 -15.56 -0.28 24.14
CA ASN B 31 -14.44 0.65 24.21
C ASN B 31 -13.08 -0.02 24.27
N VAL B 32 -12.93 -1.20 23.68
CA VAL B 32 -11.61 -1.80 23.61
C VAL B 32 -10.83 -1.23 22.44
N LEU B 33 -11.31 -1.45 21.23
CA LEU B 33 -10.72 -0.92 20.01
C LEU B 33 -11.37 0.42 19.71
N ASN B 34 -10.57 1.42 19.38
CA ASN B 34 -11.17 2.62 18.83
C ASN B 34 -11.50 2.42 17.36
N ARG B 35 -11.86 3.50 16.68
CA ARG B 35 -12.31 3.39 15.31
C ARG B 35 -11.13 3.10 14.37
N GLU B 36 -9.97 3.68 14.67
CA GLU B 36 -8.84 3.53 13.75
C GLU B 36 -8.19 2.16 13.89
N GLU B 37 -8.42 1.47 14.99
CA GLU B 37 -7.94 0.10 15.11
C GLU B 37 -8.94 -0.90 14.55
N VAL B 38 -10.14 -0.44 14.22
CA VAL B 38 -11.05 -1.25 13.42
C VAL B 38 -10.68 -1.13 11.94
N ASN B 39 -10.31 0.08 11.51
CA ASN B 39 -9.99 0.32 10.11
C ASN B 39 -8.69 -0.37 9.71
N ILE B 40 -7.82 -0.68 10.68
CA ILE B 40 -6.66 -1.51 10.37
C ILE B 40 -7.10 -2.92 10.06
N ILE B 41 -8.07 -3.43 10.80
CA ILE B 41 -8.55 -4.79 10.60
C ILE B 41 -9.43 -4.90 9.36
N CYS B 42 -10.53 -4.17 9.33
CA CYS B 42 -11.59 -4.41 8.35
C CYS B 42 -11.26 -3.94 6.94
N CYS B 43 -10.17 -3.19 6.74
CA CYS B 43 -9.86 -2.73 5.39
C CYS B 43 -9.00 -3.74 4.64
N GLU B 44 -8.48 -4.74 5.34
CA GLU B 44 -7.66 -5.75 4.69
C GLU B 44 -8.55 -6.75 3.98
N LYS B 45 -8.13 -7.16 2.78
CA LYS B 45 -9.04 -7.85 1.87
C LYS B 45 -9.20 -9.32 2.25
N VAL B 46 -8.09 -10.00 2.52
CA VAL B 46 -8.14 -11.41 2.86
C VAL B 46 -8.68 -11.56 4.28
N GLU B 47 -9.58 -12.53 4.47
CA GLU B 47 -10.14 -12.76 5.79
C GLU B 47 -9.13 -13.31 6.79
N GLN B 48 -8.02 -13.87 6.31
CA GLN B 48 -6.99 -14.33 7.22
C GLN B 48 -6.17 -13.15 7.73
N ASP B 49 -6.08 -12.08 6.95
CA ASP B 49 -5.27 -10.95 7.37
C ASP B 49 -6.00 -10.10 8.40
N ALA B 50 -7.31 -9.95 8.26
CA ALA B 50 -8.09 -9.26 9.28
C ALA B 50 -8.15 -10.08 10.56
N ALA B 51 -8.02 -11.40 10.44
CA ALA B 51 -7.97 -12.26 11.62
C ALA B 51 -6.63 -12.12 12.33
N ARG B 52 -5.56 -11.87 11.59
CA ARG B 52 -4.28 -11.54 12.22
C ARG B 52 -4.31 -10.15 12.81
N GLY B 53 -5.21 -9.30 12.31
CA GLY B 53 -5.27 -7.94 12.79
C GLY B 53 -5.96 -7.82 14.14
N ILE B 54 -6.97 -8.67 14.38
CA ILE B 54 -7.65 -8.60 15.67
C ILE B 54 -6.77 -9.17 16.75
N ILE B 55 -6.26 -10.38 16.51
CA ILE B 55 -5.64 -11.20 17.56
C ILE B 55 -4.38 -10.54 18.07
N HIS B 56 -3.64 -9.89 17.20
CA HIS B 56 -2.45 -9.18 17.66
C HIS B 56 -2.81 -7.84 18.27
N MET B 57 -4.08 -7.42 18.18
CA MET B 57 -4.51 -6.26 18.98
C MET B 57 -5.15 -6.71 20.27
N ILE B 58 -5.50 -7.99 20.36
CA ILE B 58 -6.01 -8.52 21.61
C ILE B 58 -4.86 -8.81 22.57
N LEU B 59 -3.82 -9.48 22.07
CA LEU B 59 -2.76 -9.96 22.95
C LEU B 59 -1.91 -8.82 23.47
N LYS B 60 -1.95 -7.67 22.80
CA LYS B 60 -1.28 -6.50 23.34
C LYS B 60 -2.16 -5.79 24.37
N LYS B 61 -3.48 -5.96 24.27
CA LYS B 61 -4.40 -5.31 25.20
C LYS B 61 -4.76 -6.24 26.36
N GLY B 62 -3.80 -6.37 27.28
CA GLY B 62 -4.05 -6.99 28.57
C GLY B 62 -4.43 -8.45 28.54
N SER B 63 -4.98 -8.94 29.65
CA SER B 63 -5.57 -10.27 29.66
C SER B 63 -7.06 -10.19 29.97
N GLU B 64 -7.47 -9.19 30.75
CA GLU B 64 -8.88 -9.02 31.05
C GLU B 64 -9.65 -8.52 29.84
N SER B 65 -8.96 -7.87 28.91
CA SER B 65 -9.60 -7.42 27.68
C SER B 65 -9.55 -8.50 26.60
N CYS B 66 -8.88 -9.61 26.88
CA CYS B 66 -8.96 -10.75 25.98
C CYS B 66 -10.31 -11.45 26.13
N ASN B 67 -10.94 -11.30 27.29
CA ASN B 67 -12.19 -11.99 27.57
C ASN B 67 -13.32 -11.43 26.73
N LEU B 68 -13.35 -10.11 26.55
CA LEU B 68 -14.44 -9.46 25.82
C LEU B 68 -14.43 -9.82 24.35
N PHE B 69 -13.24 -10.15 23.80
CA PHE B 69 -13.19 -10.85 22.53
C PHE B 69 -13.84 -12.22 22.63
N LEU B 70 -13.51 -12.97 23.69
CA LEU B 70 -13.91 -14.36 23.75
C LEU B 70 -15.39 -14.47 24.13
N LYS B 71 -15.91 -13.48 24.84
CA LYS B 71 -17.35 -13.39 25.04
C LYS B 71 -18.06 -13.04 23.74
N SER B 72 -17.39 -12.28 22.88
CA SER B 72 -17.99 -11.94 21.60
C SER B 72 -17.82 -13.06 20.59
N LEU B 73 -16.95 -14.03 20.89
CA LEU B 73 -16.80 -15.17 20.01
C LEU B 73 -17.72 -16.32 20.43
N LYS B 74 -18.22 -16.28 21.65
CA LYS B 74 -19.20 -17.30 22.03
C LYS B 74 -20.60 -16.83 21.68
N GLU B 75 -20.77 -15.55 21.36
CA GLU B 75 -22.06 -15.08 20.86
C GLU B 75 -22.11 -15.15 19.35
N TRP B 76 -21.19 -14.49 18.67
CA TRP B 76 -21.06 -14.56 17.23
C TRP B 76 -20.06 -15.66 16.90
N ASN B 77 -20.42 -16.55 15.99
CA ASN B 77 -19.65 -17.76 15.64
C ASN B 77 -19.42 -18.64 16.87
N TYR B 78 -20.50 -19.14 17.44
CA TYR B 78 -20.39 -20.21 18.43
C TYR B 78 -19.95 -21.57 17.88
N PRO B 79 -20.37 -22.06 16.68
CA PRO B 79 -19.88 -23.38 16.26
C PRO B 79 -18.38 -23.49 16.02
N LEU B 80 -17.69 -22.38 15.81
CA LEU B 80 -16.24 -22.42 15.89
C LEU B 80 -15.79 -22.64 17.32
N PHE B 81 -16.29 -21.80 18.24
CA PHE B 81 -15.84 -21.81 19.63
C PHE B 81 -16.28 -23.08 20.35
N GLN B 82 -17.37 -23.69 19.90
CA GLN B 82 -17.72 -25.03 20.38
C GLN B 82 -16.71 -26.05 19.89
N ASP B 83 -16.27 -25.93 18.64
CA ASP B 83 -15.32 -26.89 18.10
C ASP B 83 -13.89 -26.49 18.47
N LEU B 84 -13.70 -25.24 18.87
CA LEU B 84 -12.38 -24.80 19.29
C LEU B 84 -12.00 -25.40 20.63
N ASN B 85 -12.98 -25.65 21.47
CA ASN B 85 -12.75 -26.26 22.78
C ASN B 85 -12.70 -27.78 22.66
N MET C 1 7.51 -24.74 -15.40
CA MET C 1 6.86 -24.95 -16.69
C MET C 1 7.24 -23.89 -17.71
N ASN C 2 7.66 -24.34 -18.89
CA ASN C 2 7.99 -23.42 -19.97
C ASN C 2 6.72 -22.92 -20.64
N PHE C 3 5.66 -23.72 -20.60
CA PHE C 3 4.42 -23.36 -21.29
C PHE C 3 3.69 -22.22 -20.60
N ILE C 4 3.63 -22.27 -19.27
CA ILE C 4 2.92 -21.24 -18.52
C ILE C 4 3.69 -19.92 -18.56
N LYS C 5 5.02 -19.99 -18.47
CA LYS C 5 5.85 -18.79 -18.47
C LYS C 5 5.80 -18.06 -19.81
N ASP C 6 5.81 -18.80 -20.91
CA ASP C 6 5.83 -18.16 -22.22
C ASP C 6 4.46 -17.59 -22.58
N ASN C 7 3.40 -18.19 -22.03
CA ASN C 7 2.06 -17.72 -22.36
C ASN C 7 1.47 -16.87 -21.24
N SER C 8 2.30 -16.51 -20.27
CA SER C 8 1.85 -15.76 -19.10
C SER C 8 1.38 -14.35 -19.44
N ARG C 9 1.84 -13.80 -20.57
CA ARG C 9 1.35 -12.50 -20.99
C ARG C 9 -0.10 -12.59 -21.44
N ALA C 10 -0.45 -13.67 -22.14
CA ALA C 10 -1.83 -13.85 -22.59
C ALA C 10 -2.68 -14.50 -21.51
N LEU C 11 -2.07 -15.29 -20.63
CA LEU C 11 -2.84 -15.94 -19.58
C LEU C 11 -3.21 -14.97 -18.47
N ILE C 12 -2.57 -13.81 -18.39
CA ILE C 12 -3.08 -12.80 -17.46
C ILE C 12 -4.04 -11.87 -18.19
N GLN C 13 -4.28 -12.14 -19.47
CA GLN C 13 -5.13 -11.24 -20.23
C GLN C 13 -6.46 -11.90 -20.57
N ARG C 14 -6.42 -13.07 -21.22
CA ARG C 14 -7.64 -13.68 -21.74
C ARG C 14 -8.26 -14.70 -20.82
N MET C 15 -7.76 -14.83 -19.59
CA MET C 15 -8.18 -15.91 -18.71
C MET C 15 -9.59 -15.71 -18.20
N GLY C 16 -9.81 -14.63 -17.45
CA GLY C 16 -11.13 -14.28 -16.97
C GLY C 16 -11.40 -14.81 -15.57
N MET C 17 -12.14 -14.01 -14.81
CA MET C 17 -12.36 -14.30 -13.40
C MET C 17 -13.26 -15.50 -13.20
N THR C 18 -14.18 -15.73 -14.14
CA THR C 18 -15.19 -16.77 -13.96
C THR C 18 -14.58 -18.16 -14.03
N VAL C 19 -13.39 -18.28 -14.62
CA VAL C 19 -12.71 -19.57 -14.65
C VAL C 19 -11.62 -19.63 -13.59
N ILE C 20 -11.12 -18.45 -13.16
CA ILE C 20 -10.09 -18.38 -12.14
C ILE C 20 -10.63 -18.85 -10.80
N LYS C 21 -11.88 -18.55 -10.51
CA LYS C 21 -12.49 -19.08 -9.30
C LYS C 21 -12.87 -20.56 -9.47
N GLN C 22 -12.81 -21.06 -10.71
CA GLN C 22 -13.09 -22.47 -10.95
C GLN C 22 -11.80 -23.28 -11.02
N ILE C 23 -10.73 -22.66 -11.51
CA ILE C 23 -9.43 -23.34 -11.53
C ILE C 23 -8.87 -23.44 -10.12
N THR C 24 -8.96 -22.36 -9.35
CA THR C 24 -8.47 -22.37 -7.98
C THR C 24 -9.36 -23.20 -7.06
N ASP C 25 -10.54 -23.62 -7.55
CA ASP C 25 -11.29 -24.66 -6.87
C ASP C 25 -10.58 -26.00 -6.98
N ASP C 26 -10.19 -26.38 -8.20
CA ASP C 26 -9.54 -27.68 -8.41
C ASP C 26 -8.12 -27.69 -7.87
N LEU C 27 -7.50 -26.51 -7.78
CA LEU C 27 -6.17 -26.43 -7.18
C LEU C 27 -6.25 -26.59 -5.67
N PHE C 28 -7.41 -26.30 -5.09
CA PHE C 28 -7.56 -26.47 -3.64
C PHE C 28 -7.95 -27.90 -3.30
N VAL C 29 -8.78 -28.52 -4.14
CA VAL C 29 -9.22 -29.89 -3.91
C VAL C 29 -8.05 -30.85 -4.06
N TRP C 30 -7.10 -30.53 -4.93
CA TRP C 30 -5.91 -31.34 -5.12
C TRP C 30 -4.76 -30.95 -4.21
N ASN C 31 -5.05 -30.16 -3.17
CA ASN C 31 -4.14 -29.76 -2.10
C ASN C 31 -2.93 -28.99 -2.59
N VAL C 32 -3.04 -28.25 -3.70
CA VAL C 32 -1.93 -27.40 -4.11
C VAL C 32 -1.96 -26.08 -3.35
N LEU C 33 -3.01 -25.31 -3.54
CA LEU C 33 -3.22 -24.05 -2.85
C LEU C 33 -4.02 -24.33 -1.60
N ASN C 34 -3.60 -23.75 -0.47
CA ASN C 34 -4.49 -23.79 0.68
C ASN C 34 -5.55 -22.70 0.55
N ARG C 35 -6.30 -22.48 1.63
CA ARG C 35 -7.40 -21.55 1.55
C ARG C 35 -6.92 -20.11 1.50
N GLU C 36 -5.83 -19.80 2.20
CA GLU C 36 -5.37 -18.42 2.27
C GLU C 36 -4.67 -18.00 0.99
N GLU C 37 -4.20 -18.96 0.19
CA GLU C 37 -3.63 -18.62 -1.11
C GLU C 37 -4.71 -18.55 -2.18
N VAL C 38 -5.93 -18.98 -1.86
CA VAL C 38 -7.08 -18.68 -2.72
C VAL C 38 -7.59 -17.27 -2.44
N ASN C 39 -7.60 -16.88 -1.17
CA ASN C 39 -8.10 -15.56 -0.79
C ASN C 39 -7.19 -14.44 -1.26
N ILE C 40 -5.92 -14.74 -1.53
CA ILE C 40 -5.06 -13.75 -2.16
C ILE C 40 -5.48 -13.54 -3.61
N ILE C 41 -5.87 -14.62 -4.30
CA ILE C 41 -6.29 -14.51 -5.69
C ILE C 41 -7.68 -13.94 -5.82
N CYS C 42 -8.68 -14.60 -5.23
CA CYS C 42 -10.08 -14.32 -5.54
C CYS C 42 -10.60 -13.03 -4.93
N CYS C 43 -9.85 -12.39 -4.03
CA CYS C 43 -10.36 -11.15 -3.43
C CYS C 43 -9.99 -9.93 -4.26
N GLU C 44 -9.10 -10.11 -5.23
CA GLU C 44 -8.70 -8.99 -6.07
C GLU C 44 -9.77 -8.73 -7.13
N LYS C 45 -10.04 -7.45 -7.38
CA LYS C 45 -11.25 -7.09 -8.12
C LYS C 45 -11.07 -7.30 -9.62
N VAL C 46 -9.94 -6.84 -10.16
CA VAL C 46 -9.70 -6.96 -11.59
C VAL C 46 -9.38 -8.41 -11.91
N GLU C 47 -9.94 -8.92 -13.00
CA GLU C 47 -9.68 -10.29 -13.40
C GLU C 47 -8.26 -10.51 -13.89
N GLN C 48 -7.56 -9.44 -14.27
CA GLN C 48 -6.16 -9.58 -14.65
C GLN C 48 -5.28 -9.74 -13.42
N ASP C 49 -5.71 -9.18 -12.30
CA ASP C 49 -4.89 -9.24 -11.09
C ASP C 49 -4.98 -10.61 -10.43
N ALA C 50 -6.18 -11.21 -10.45
CA ALA C 50 -6.30 -12.57 -9.94
C ALA C 50 -5.60 -13.55 -10.86
N ALA C 51 -5.47 -13.21 -12.13
CA ALA C 51 -4.73 -14.06 -13.06
C ALA C 51 -3.23 -13.95 -12.80
N ARG C 52 -2.76 -12.79 -12.36
CA ARG C 52 -1.37 -12.67 -11.92
C ARG C 52 -1.17 -13.38 -10.60
N GLY C 53 -2.24 -13.55 -9.84
CA GLY C 53 -2.13 -14.17 -8.53
C GLY C 53 -1.98 -15.67 -8.60
N ILE C 54 -2.63 -16.31 -9.60
CA ILE C 54 -2.50 -17.76 -9.71
C ILE C 54 -1.13 -18.11 -10.24
N ILE C 55 -0.74 -17.48 -11.35
CA ILE C 55 0.39 -17.91 -12.16
C ILE C 55 1.69 -17.75 -11.38
N HIS C 56 1.78 -16.71 -10.57
CA HIS C 56 2.97 -16.55 -9.76
C HIS C 56 2.91 -17.44 -8.52
N MET C 57 1.78 -18.11 -8.26
CA MET C 57 1.78 -19.14 -7.24
C MET C 57 1.97 -20.52 -7.86
N ILE C 58 1.83 -20.60 -9.18
CA ILE C 58 2.12 -21.85 -9.87
C ILE C 58 3.61 -21.99 -10.06
N LEU C 59 4.26 -20.93 -10.56
CA LEU C 59 5.65 -21.02 -10.96
C LEU C 59 6.57 -21.16 -9.76
N LYS C 60 6.09 -20.78 -8.58
CA LYS C 60 6.86 -21.03 -7.38
C LYS C 60 6.64 -22.45 -6.87
N LYS C 61 5.50 -23.05 -7.20
CA LYS C 61 5.19 -24.40 -6.75
C LYS C 61 5.60 -25.44 -7.80
N GLY C 62 6.91 -25.69 -7.87
CA GLY C 62 7.45 -26.81 -8.61
C GLY C 62 7.21 -26.80 -10.11
N SER C 63 7.40 -27.95 -10.74
CA SER C 63 7.00 -28.10 -12.14
C SER C 63 5.92 -29.15 -12.29
N GLU C 64 5.93 -30.16 -11.40
CA GLU C 64 4.90 -31.20 -11.45
C GLU C 64 3.57 -30.66 -10.96
N SER C 65 3.60 -29.60 -10.15
CA SER C 65 2.36 -28.97 -9.70
C SER C 65 1.89 -27.90 -10.68
N CYS C 66 2.68 -27.63 -11.72
CA CYS C 66 2.19 -26.78 -12.79
C CYS C 66 1.19 -27.51 -13.66
N ASN C 67 1.29 -28.85 -13.69
CA ASN C 67 0.44 -29.66 -14.55
C ASN C 67 -1.00 -29.63 -14.09
N LEU C 68 -1.21 -29.68 -12.77
CA LEU C 68 -2.55 -29.74 -12.21
C LEU C 68 -3.33 -28.46 -12.46
N PHE C 69 -2.62 -27.33 -12.58
CA PHE C 69 -3.22 -26.15 -13.18
C PHE C 69 -3.60 -26.39 -14.62
N LEU C 70 -2.71 -26.99 -15.40
CA LEU C 70 -2.91 -27.07 -16.83
C LEU C 70 -3.93 -28.16 -17.17
N LYS C 71 -4.04 -29.17 -16.31
CA LYS C 71 -5.15 -30.12 -16.43
C LYS C 71 -6.46 -29.46 -16.08
N SER C 72 -6.43 -28.48 -15.17
CA SER C 72 -7.66 -27.79 -14.81
C SER C 72 -7.99 -26.70 -15.81
N LEU C 73 -7.03 -26.36 -16.68
CA LEU C 73 -7.31 -25.38 -17.73
C LEU C 73 -7.77 -26.07 -19.01
N LYS C 74 -7.52 -27.37 -19.14
CA LYS C 74 -8.07 -28.06 -20.29
C LYS C 74 -9.45 -28.60 -20.00
N GLU C 75 -9.86 -28.59 -18.73
CA GLU C 75 -11.24 -28.92 -18.40
C GLU C 75 -12.12 -27.68 -18.35
N TRP C 76 -11.75 -26.70 -17.53
CA TRP C 76 -12.43 -25.43 -17.47
C TRP C 76 -11.68 -24.47 -18.40
N ASN C 77 -12.43 -23.78 -19.27
CA ASN C 77 -11.90 -22.91 -20.34
C ASN C 77 -10.97 -23.70 -21.27
N TYR C 78 -11.54 -24.70 -21.95
CA TYR C 78 -10.82 -25.32 -23.06
C TYR C 78 -10.66 -24.44 -24.31
N PRO C 79 -11.63 -23.59 -24.75
CA PRO C 79 -11.36 -22.79 -25.97
C PRO C 79 -10.24 -21.79 -25.86
N LEU C 80 -9.86 -21.38 -24.66
CA LEU C 80 -8.59 -20.67 -24.52
C LEU C 80 -7.42 -21.60 -24.78
N PHE C 81 -7.40 -22.74 -24.08
CA PHE C 81 -6.26 -23.67 -24.14
C PHE C 81 -6.14 -24.34 -25.51
N GLN C 82 -7.25 -24.46 -26.23
CA GLN C 82 -7.19 -24.87 -27.63
C GLN C 82 -6.55 -23.78 -28.47
N ASP C 83 -6.88 -22.51 -28.20
CA ASP C 83 -6.31 -21.43 -28.97
C ASP C 83 -4.95 -21.03 -28.43
N LEU C 84 -4.64 -21.43 -27.20
CA LEU C 84 -3.35 -21.12 -26.62
C LEU C 84 -2.26 -21.96 -27.25
N ASN C 85 -2.60 -23.16 -27.70
CA ASN C 85 -1.66 -24.05 -28.38
C ASN C 85 -1.58 -23.71 -29.85
N MET D 1 -5.57 18.36 -21.52
CA MET D 1 -6.80 19.12 -21.73
C MET D 1 -7.11 20.04 -20.55
N ASN D 2 -7.37 21.31 -20.87
CA ASN D 2 -7.75 22.26 -19.84
C ASN D 2 -9.22 22.10 -19.46
N PHE D 3 -10.03 21.60 -20.38
CA PHE D 3 -11.45 21.47 -20.15
C PHE D 3 -11.76 20.37 -19.16
N ILE D 4 -11.10 19.22 -19.30
CA ILE D 4 -11.35 18.08 -18.43
C ILE D 4 -10.83 18.36 -17.03
N LYS D 5 -9.65 19.00 -16.93
CA LYS D 5 -9.05 19.29 -15.63
C LYS D 5 -9.87 20.28 -14.82
N ASP D 6 -10.41 21.31 -15.49
CA ASP D 6 -11.15 22.34 -14.76
C ASP D 6 -12.53 21.84 -14.35
N ASN D 7 -13.09 20.89 -15.10
CA ASN D 7 -14.41 20.39 -14.79
C ASN D 7 -14.36 19.03 -14.11
N SER D 8 -13.16 18.61 -13.70
CA SER D 8 -12.96 17.30 -13.10
C SER D 8 -13.63 17.16 -11.74
N ARG D 9 -13.90 18.27 -11.07
CA ARG D 9 -14.63 18.20 -9.81
C ARG D 9 -16.08 17.83 -10.06
N ALA D 10 -16.68 18.36 -11.13
CA ALA D 10 -18.06 18.02 -11.44
C ALA D 10 -18.14 16.75 -12.28
N LEU D 11 -17.10 16.44 -13.04
CA LEU D 11 -17.13 15.23 -13.86
C LEU D 11 -16.90 13.97 -13.03
N ILE D 12 -16.41 14.10 -11.80
CA ILE D 12 -16.41 12.93 -10.92
C ILE D 12 -17.66 12.91 -10.07
N GLN D 13 -18.54 13.88 -10.28
CA GLN D 13 -19.74 13.96 -9.45
C GLN D 13 -20.98 13.62 -10.26
N ARG D 14 -21.22 14.33 -11.36
CA ARG D 14 -22.48 14.20 -12.08
C ARG D 14 -22.42 13.22 -13.24
N MET D 15 -21.32 12.48 -13.38
CA MET D 15 -21.12 11.66 -14.57
C MET D 15 -22.03 10.45 -14.58
N GLY D 16 -21.90 9.57 -13.61
CA GLY D 16 -22.77 8.41 -13.46
C GLY D 16 -22.18 7.18 -14.11
N MET D 17 -22.46 6.04 -13.46
CA MET D 17 -21.85 4.78 -13.87
C MET D 17 -22.41 4.29 -15.19
N THR D 18 -23.68 4.62 -15.48
CA THR D 18 -24.35 4.05 -16.65
C THR D 18 -23.77 4.62 -17.94
N VAL D 19 -23.09 5.76 -17.85
CA VAL D 19 -22.45 6.31 -19.05
C VAL D 19 -20.95 6.01 -19.03
N ILE D 20 -20.40 5.78 -17.85
CA ILE D 20 -18.98 5.46 -17.70
C ILE D 20 -18.67 4.11 -18.34
N LYS D 21 -19.58 3.15 -18.22
CA LYS D 21 -19.40 1.88 -18.92
C LYS D 21 -19.69 2.01 -20.40
N GLN D 22 -20.29 3.14 -20.81
CA GLN D 22 -20.55 3.38 -22.22
C GLN D 22 -19.46 4.23 -22.85
N ILE D 23 -18.86 5.13 -22.07
CA ILE D 23 -17.75 5.92 -22.58
C ILE D 23 -16.50 5.06 -22.70
N THR D 24 -16.24 4.22 -21.68
CA THR D 24 -15.07 3.34 -21.74
C THR D 24 -15.27 2.21 -22.73
N ASP D 25 -16.48 2.04 -23.26
CA ASP D 25 -16.67 1.20 -24.43
C ASP D 25 -16.05 1.85 -25.67
N ASP D 26 -16.36 3.12 -25.91
CA ASP D 26 -15.84 3.80 -27.09
C ASP D 26 -14.36 4.11 -26.96
N LEU D 27 -13.87 4.22 -25.73
CA LEU D 27 -12.44 4.41 -25.51
C LEU D 27 -11.68 3.12 -25.78
N PHE D 28 -12.34 1.98 -25.68
CA PHE D 28 -11.68 0.72 -25.98
C PHE D 28 -11.71 0.40 -27.46
N VAL D 29 -12.82 0.74 -28.12
CA VAL D 29 -12.96 0.49 -29.55
C VAL D 29 -11.99 1.36 -30.35
N TRP D 30 -11.70 2.55 -29.84
CA TRP D 30 -10.76 3.45 -30.48
C TRP D 30 -9.33 3.25 -30.00
N ASN D 31 -9.05 2.12 -29.34
CA ASN D 31 -7.74 1.67 -28.89
C ASN D 31 -7.04 2.62 -27.94
N VAL D 32 -7.79 3.39 -27.15
CA VAL D 32 -7.15 4.22 -26.14
C VAL D 32 -6.86 3.41 -24.90
N LEU D 33 -7.90 2.90 -24.25
CA LEU D 33 -7.78 2.06 -23.07
C LEU D 33 -7.75 0.62 -23.53
N ASN D 34 -6.83 -0.17 -22.99
CA ASN D 34 -6.95 -1.60 -23.22
C ASN D 34 -7.99 -2.20 -22.27
N ARG D 35 -8.03 -3.52 -22.23
CA ARG D 35 -9.07 -4.18 -21.44
C ARG D 35 -8.79 -4.05 -19.95
N GLU D 36 -7.52 -4.09 -19.55
CA GLU D 36 -7.21 -4.08 -18.14
C GLU D 36 -7.33 -2.70 -17.54
N GLU D 37 -7.32 -1.66 -18.37
CA GLU D 37 -7.58 -0.31 -17.87
C GLU D 37 -9.06 0.00 -17.86
N VAL D 38 -9.87 -0.86 -18.47
CA VAL D 38 -11.32 -0.78 -18.27
C VAL D 38 -11.69 -1.47 -16.96
N ASN D 39 -11.04 -2.59 -16.66
CA ASN D 39 -11.35 -3.35 -15.44
C ASN D 39 -10.92 -2.60 -14.19
N ILE D 40 -9.98 -1.67 -14.30
CA ILE D 40 -9.68 -0.80 -13.17
C ILE D 40 -10.84 0.16 -12.91
N ILE D 41 -11.45 0.65 -13.98
CA ILE D 41 -12.56 1.58 -13.84
C ILE D 41 -13.83 0.88 -13.44
N CYS D 42 -14.31 -0.05 -14.25
CA CYS D 42 -15.66 -0.58 -14.14
C CYS D 42 -15.86 -1.53 -12.97
N CYS D 43 -14.80 -1.97 -12.30
CA CYS D 43 -14.99 -2.90 -11.19
C CYS D 43 -15.21 -2.16 -9.88
N GLU D 44 -14.98 -0.86 -9.87
CA GLU D 44 -15.18 -0.09 -8.65
C GLU D 44 -16.66 0.20 -8.47
N LYS D 45 -17.12 0.10 -7.21
CA LYS D 45 -18.55 0.03 -6.97
C LYS D 45 -19.21 1.41 -7.04
N VAL D 46 -18.60 2.41 -6.40
CA VAL D 46 -19.16 3.75 -6.40
C VAL D 46 -18.96 4.37 -7.77
N GLU D 47 -20.00 5.05 -8.27
CA GLU D 47 -19.90 5.70 -9.58
C GLU D 47 -18.96 6.89 -9.56
N GLN D 48 -18.65 7.45 -8.40
CA GLN D 48 -17.68 8.53 -8.34
C GLN D 48 -16.27 7.99 -8.45
N ASP D 49 -16.04 6.75 -8.03
CA ASP D 49 -14.71 6.19 -8.07
C ASP D 49 -14.33 5.76 -9.49
N ALA D 50 -15.29 5.22 -10.22
CA ALA D 50 -15.03 4.90 -11.63
C ALA D 50 -14.87 6.16 -12.45
N ALA D 51 -15.48 7.25 -12.00
CA ALA D 51 -15.30 8.54 -12.67
C ALA D 51 -13.92 9.10 -12.40
N ARG D 52 -13.37 8.83 -11.22
CA ARG D 52 -11.97 9.18 -10.96
C ARG D 52 -11.03 8.27 -11.72
N GLY D 53 -11.50 7.09 -12.09
CA GLY D 53 -10.66 6.14 -12.77
C GLY D 53 -10.47 6.47 -14.23
N ILE D 54 -11.50 7.04 -14.87
CA ILE D 54 -11.35 7.39 -16.28
C ILE D 54 -10.47 8.61 -16.42
N ILE D 55 -10.80 9.66 -15.67
CA ILE D 55 -10.25 10.99 -15.90
C ILE D 55 -8.76 11.02 -15.62
N HIS D 56 -8.32 10.25 -14.65
CA HIS D 56 -6.89 10.18 -14.39
C HIS D 56 -6.20 9.22 -15.36
N MET D 57 -6.96 8.50 -16.17
CA MET D 57 -6.33 7.77 -17.27
C MET D 57 -6.42 8.56 -18.56
N ILE D 58 -7.24 9.60 -18.58
CA ILE D 58 -7.28 10.49 -19.73
C ILE D 58 -6.13 11.47 -19.67
N LEU D 59 -5.93 12.09 -18.50
CA LEU D 59 -4.98 13.19 -18.39
C LEU D 59 -3.55 12.69 -18.49
N LYS D 60 -3.34 11.40 -18.25
CA LYS D 60 -2.02 10.83 -18.49
C LYS D 60 -1.83 10.48 -19.96
N LYS D 61 -2.92 10.21 -20.67
CA LYS D 61 -2.84 9.85 -22.08
C LYS D 61 -3.00 11.07 -22.98
N GLY D 62 -1.93 11.86 -23.05
CA GLY D 62 -1.79 12.91 -24.04
C GLY D 62 -2.80 14.04 -23.95
N SER D 63 -2.91 14.82 -25.02
CA SER D 63 -3.99 15.78 -25.13
C SER D 63 -4.90 15.47 -26.32
N GLU D 64 -4.34 14.87 -27.36
CA GLU D 64 -5.15 14.48 -28.52
C GLU D 64 -6.03 13.30 -28.19
N SER D 65 -5.66 12.51 -27.18
CA SER D 65 -6.49 11.39 -26.76
C SER D 65 -7.49 11.83 -25.70
N CYS D 66 -7.42 13.07 -25.25
CA CYS D 66 -8.47 13.61 -24.39
C CYS D 66 -9.72 13.90 -25.19
N ASN D 67 -9.56 14.14 -26.50
CA ASN D 67 -10.67 14.51 -27.35
C ASN D 67 -11.63 13.36 -27.54
N LEU D 68 -11.10 12.15 -27.70
CA LEU D 68 -11.91 10.97 -27.97
C LEU D 68 -12.78 10.60 -26.78
N PHE D 69 -12.33 10.94 -25.57
CA PHE D 69 -13.24 10.96 -24.44
C PHE D 69 -14.33 12.00 -24.63
N LEU D 70 -13.96 13.20 -25.06
CA LEU D 70 -14.91 14.30 -25.07
C LEU D 70 -15.86 14.19 -26.24
N LYS D 71 -15.42 13.53 -27.32
CA LYS D 71 -16.34 13.16 -28.39
C LYS D 71 -17.30 12.09 -27.93
N SER D 72 -16.85 11.22 -27.02
CA SER D 72 -17.73 10.18 -26.52
C SER D 72 -18.62 10.71 -25.42
N LEU D 73 -18.32 11.90 -24.91
CA LEU D 73 -19.19 12.51 -23.90
C LEU D 73 -20.22 13.41 -24.55
N LYS D 74 -19.99 13.82 -25.79
CA LYS D 74 -21.03 14.59 -26.48
C LYS D 74 -21.99 13.66 -27.20
N GLU D 75 -21.64 12.39 -27.33
CA GLU D 75 -22.59 11.41 -27.86
C GLU D 75 -23.38 10.75 -26.74
N TRP D 76 -22.71 10.14 -25.79
CA TRP D 76 -23.33 9.57 -24.61
C TRP D 76 -23.29 10.62 -23.52
N ASN D 77 -24.43 10.86 -22.86
CA ASN D 77 -24.62 11.93 -21.86
C ASN D 77 -24.29 13.30 -22.46
N TYR D 78 -25.06 13.69 -23.47
CA TYR D 78 -25.03 15.08 -23.91
C TYR D 78 -25.64 16.10 -22.94
N PRO D 79 -26.74 15.85 -22.20
CA PRO D 79 -27.24 16.91 -21.29
C PRO D 79 -26.32 17.30 -20.16
N LEU D 80 -25.37 16.43 -19.79
CA LEU D 80 -24.28 16.90 -18.94
C LEU D 80 -23.38 17.87 -19.69
N PHE D 81 -22.90 17.43 -20.86
CA PHE D 81 -21.92 18.21 -21.62
C PHE D 81 -22.51 19.50 -22.18
N GLN D 82 -23.83 19.52 -22.40
CA GLN D 82 -24.51 20.78 -22.69
C GLN D 82 -24.50 21.69 -21.48
N ASP D 83 -24.72 21.12 -20.28
CA ASP D 83 -24.74 21.95 -19.08
C ASP D 83 -23.33 22.17 -18.55
N LEU D 84 -22.38 21.34 -19.00
CA LEU D 84 -21.01 21.51 -18.57
C LEU D 84 -20.38 22.73 -19.21
N ASN D 85 -20.82 23.07 -20.42
CA ASN D 85 -20.34 24.25 -21.12
C ASN D 85 -21.10 25.49 -20.67
N MET E 1 -22.90 11.07 19.84
CA MET E 1 -24.08 10.49 20.45
C MET E 1 -23.76 9.24 21.25
N ASN E 2 -24.23 9.20 22.50
CA ASN E 2 -24.05 8.01 23.33
C ASN E 2 -25.05 6.93 22.95
N PHE E 3 -26.20 7.33 22.41
CA PHE E 3 -27.26 6.38 22.10
C PHE E 3 -26.89 5.53 20.89
N ILE E 4 -26.34 6.15 19.85
CA ILE E 4 -26.00 5.42 18.63
C ILE E 4 -24.81 4.50 18.88
N LYS E 5 -23.82 4.98 19.66
CA LYS E 5 -22.62 4.19 19.93
C LYS E 5 -22.93 2.95 20.76
N ASP E 6 -23.81 3.08 21.75
CA ASP E 6 -24.10 1.95 22.62
C ASP E 6 -24.98 0.92 21.92
N ASN E 7 -25.80 1.38 20.98
CA ASN E 7 -26.71 0.46 20.29
C ASN E 7 -26.18 0.09 18.91
N SER E 8 -24.94 0.46 18.61
CA SER E 8 -24.35 0.22 17.30
C SER E 8 -24.16 -1.25 16.98
N ARG E 9 -24.08 -2.10 18.00
CA ARG E 9 -24.00 -3.53 17.75
C ARG E 9 -25.32 -4.07 17.22
N ALA E 10 -26.44 -3.56 17.74
CA ALA E 10 -27.74 -4.00 17.25
C ALA E 10 -28.18 -3.19 16.04
N LEU E 11 -27.70 -1.95 15.92
CA LEU E 11 -28.10 -1.13 14.78
C LEU E 11 -27.37 -1.55 13.51
N ILE E 12 -26.29 -2.33 13.61
CA ILE E 12 -25.74 -2.90 12.39
C ILE E 12 -26.30 -4.28 12.16
N GLN E 13 -27.22 -4.71 13.03
CA GLN E 13 -27.76 -6.05 12.89
C GLN E 13 -29.23 -6.01 12.46
N ARG E 14 -30.08 -5.31 13.20
CA ARG E 14 -31.51 -5.37 12.96
C ARG E 14 -32.04 -4.25 12.08
N MET E 15 -31.15 -3.45 11.49
CA MET E 15 -31.58 -2.25 10.79
C MET E 15 -32.26 -2.58 9.48
N GLY E 16 -31.55 -3.21 8.56
CA GLY E 16 -32.12 -3.65 7.31
C GLY E 16 -31.91 -2.64 6.19
N MET E 17 -31.70 -3.18 4.99
CA MET E 17 -31.34 -2.36 3.85
C MET E 17 -32.50 -1.51 3.38
N THR E 18 -33.74 -1.98 3.56
CA THR E 18 -34.90 -1.30 3.00
C THR E 18 -35.17 0.02 3.72
N VAL E 19 -34.62 0.18 4.93
CA VAL E 19 -34.79 1.44 5.63
C VAL E 19 -33.51 2.27 5.53
N ILE E 20 -32.38 1.61 5.28
CA ILE E 20 -31.10 2.30 5.13
C ILE E 20 -31.09 3.17 3.88
N LYS E 21 -31.73 2.69 2.82
CA LYS E 21 -31.87 3.53 1.63
C LYS E 21 -32.95 4.59 1.82
N GLN E 22 -33.74 4.47 2.89
CA GLN E 22 -34.75 5.47 3.19
C GLN E 22 -34.23 6.48 4.21
N ILE E 23 -33.38 6.03 5.13
CA ILE E 23 -32.78 6.96 6.09
C ILE E 23 -31.75 7.84 5.39
N THR E 24 -30.92 7.25 4.54
CA THR E 24 -29.92 8.03 3.80
C THR E 24 -30.55 8.90 2.73
N ASP E 25 -31.84 8.70 2.45
CA ASP E 25 -32.59 9.68 1.67
C ASP E 25 -32.79 10.96 2.47
N ASP E 26 -33.27 10.83 3.71
CA ASP E 26 -33.54 12.01 4.53
C ASP E 26 -32.24 12.67 5.02
N LEU E 27 -31.16 11.89 5.09
CA LEU E 27 -29.87 12.46 5.46
C LEU E 27 -29.30 13.26 4.30
N PHE E 28 -29.71 12.96 3.07
CA PHE E 28 -29.24 13.72 1.93
C PHE E 28 -30.07 14.97 1.71
N VAL E 29 -31.38 14.89 1.95
CA VAL E 29 -32.27 16.03 1.78
C VAL E 29 -31.95 17.10 2.82
N TRP E 30 -31.50 16.70 4.00
CA TRP E 30 -31.14 17.62 5.05
C TRP E 30 -29.67 18.02 5.00
N ASN E 31 -29.00 17.77 3.87
CA ASN E 31 -27.63 18.15 3.55
C ASN E 31 -26.59 17.61 4.52
N VAL E 32 -26.84 16.46 5.14
CA VAL E 32 -25.80 15.85 5.98
C VAL E 32 -24.82 15.08 5.11
N LEU E 33 -25.30 14.05 4.44
CA LEU E 33 -24.49 13.24 3.54
C LEU E 33 -24.63 13.82 2.15
N ASN E 34 -23.51 13.96 1.45
CA ASN E 34 -23.63 14.27 0.03
C ASN E 34 -23.94 12.99 -0.75
N ARG E 35 -23.86 13.09 -2.08
CA ARG E 35 -24.25 11.97 -2.91
C ARG E 35 -23.21 10.85 -2.85
N GLU E 36 -21.93 11.21 -2.75
CA GLU E 36 -20.89 10.20 -2.80
C GLU E 36 -20.76 9.46 -1.49
N GLU E 37 -21.28 10.04 -0.40
CA GLU E 37 -21.30 9.31 0.87
C GLU E 37 -22.56 8.46 0.99
N VAL E 38 -23.52 8.64 0.08
CA VAL E 38 -24.61 7.68 -0.04
C VAL E 38 -24.16 6.48 -0.86
N ASN E 39 -23.37 6.72 -1.91
CA ASN E 39 -22.91 5.64 -2.78
C ASN E 39 -21.91 4.73 -2.07
N ILE E 40 -21.26 5.21 -1.02
CA ILE E 40 -20.44 4.32 -0.20
C ILE E 40 -21.33 3.36 0.58
N ILE E 41 -22.46 3.86 1.08
CA ILE E 41 -23.37 3.04 1.85
C ILE E 41 -24.16 2.09 0.96
N CYS E 42 -24.95 2.64 0.03
CA CYS E 42 -25.98 1.87 -0.67
C CYS E 42 -25.43 0.92 -1.72
N CYS E 43 -24.15 0.98 -2.06
CA CYS E 43 -23.63 0.07 -3.08
C CYS E 43 -23.14 -1.23 -2.47
N GLU E 44 -23.04 -1.28 -1.15
CA GLU E 44 -22.59 -2.49 -0.49
C GLU E 44 -23.73 -3.49 -0.41
N LYS E 45 -23.43 -4.76 -0.65
CA LYS E 45 -24.49 -5.74 -0.91
C LYS E 45 -25.16 -6.20 0.37
N VAL E 46 -24.37 -6.52 1.39
CA VAL E 46 -24.92 -7.00 2.65
C VAL E 46 -25.55 -5.83 3.39
N GLU E 47 -26.74 -6.05 3.96
CA GLU E 47 -27.41 -5.00 4.71
C GLU E 47 -26.70 -4.64 6.00
N GLN E 48 -25.85 -5.53 6.51
CA GLN E 48 -25.07 -5.19 7.70
C GLN E 48 -23.92 -4.27 7.34
N ASP E 49 -23.42 -4.34 6.11
CA ASP E 49 -22.29 -3.51 5.73
C ASP E 49 -22.73 -2.08 5.45
N ALA E 50 -23.91 -1.91 4.85
CA ALA E 50 -24.43 -0.57 4.65
C ALA E 50 -24.84 0.05 5.98
N ALA E 51 -25.18 -0.80 6.97
CA ALA E 51 -25.47 -0.30 8.30
C ALA E 51 -24.22 0.15 9.01
N ARG E 52 -23.08 -0.50 8.74
CA ARG E 52 -21.80 -0.01 9.25
C ARG E 52 -21.38 1.26 8.51
N GLY E 53 -21.90 1.45 7.31
CA GLY E 53 -21.50 2.59 6.51
C GLY E 53 -22.17 3.87 6.97
N ILE E 54 -23.42 3.78 7.44
CA ILE E 54 -24.09 4.99 7.90
C ILE E 54 -23.51 5.42 9.22
N ILE E 55 -23.45 4.49 10.18
CA ILE E 55 -23.21 4.80 11.58
C ILE E 55 -21.82 5.38 11.77
N HIS E 56 -20.85 4.90 11.01
CA HIS E 56 -19.53 5.47 11.09
C HIS E 56 -19.41 6.76 10.30
N MET E 57 -20.45 7.13 9.55
CA MET E 57 -20.48 8.47 8.97
C MET E 57 -21.32 9.40 9.84
N ILE E 58 -22.09 8.84 10.77
CA ILE E 58 -22.81 9.66 11.73
C ILE E 58 -21.89 10.11 12.84
N LEU E 59 -21.12 9.16 13.38
CA LEU E 59 -20.33 9.43 14.59
C LEU E 59 -19.17 10.36 14.28
N LYS E 60 -18.77 10.44 13.01
CA LYS E 60 -17.76 11.42 12.63
C LYS E 60 -18.39 12.79 12.40
N LYS E 61 -19.68 12.82 12.05
CA LYS E 61 -20.36 14.09 11.80
C LYS E 61 -21.06 14.60 13.05
N GLY E 62 -20.26 15.14 13.97
CA GLY E 62 -20.77 15.90 15.10
C GLY E 62 -21.64 15.14 16.08
N SER E 63 -22.38 15.88 16.91
CA SER E 63 -23.39 15.26 17.74
C SER E 63 -24.77 15.80 17.40
N GLU E 64 -24.84 17.05 16.94
CA GLU E 64 -26.13 17.62 16.54
C GLU E 64 -26.61 17.02 15.23
N SER E 65 -25.68 16.49 14.43
CA SER E 65 -26.07 15.83 13.19
C SER E 65 -26.35 14.35 13.42
N CYS E 66 -26.13 13.86 14.64
CA CYS E 66 -26.56 12.51 14.97
C CYS E 66 -28.07 12.47 15.16
N ASN E 67 -28.67 13.61 15.51
CA ASN E 67 -30.09 13.67 15.79
C ASN E 67 -30.91 13.46 14.54
N LEU E 68 -30.47 14.04 13.42
CA LEU E 68 -31.23 13.97 12.18
C LEU E 68 -31.27 12.55 11.63
N PHE E 69 -30.26 11.75 11.93
CA PHE E 69 -30.39 10.31 11.77
C PHE E 69 -31.48 9.75 12.67
N LEU E 70 -31.48 10.16 13.93
CA LEU E 70 -32.35 9.51 14.91
C LEU E 70 -33.79 9.99 14.76
N LYS E 71 -33.96 11.21 14.23
CA LYS E 71 -35.29 11.65 13.82
C LYS E 71 -35.76 10.89 12.60
N SER E 72 -34.83 10.49 11.74
CA SER E 72 -35.21 9.72 10.56
C SER E 72 -35.40 8.24 10.91
N LEU E 73 -34.94 7.83 12.09
CA LEU E 73 -35.15 6.46 12.51
C LEU E 73 -36.44 6.32 13.32
N LYS E 74 -36.95 7.44 13.84
CA LYS E 74 -38.23 7.35 14.52
C LYS E 74 -39.38 7.55 13.54
N GLU E 75 -39.07 8.01 12.32
CA GLU E 75 -40.09 8.05 11.27
C GLU E 75 -40.09 6.78 10.44
N TRP E 76 -38.96 6.43 9.85
CA TRP E 76 -38.80 5.18 9.13
C TRP E 76 -38.23 4.16 10.11
N ASN E 77 -38.84 2.98 10.15
CA ASN E 77 -38.52 1.91 11.12
C ASN E 77 -38.67 2.40 12.56
N TYR E 78 -39.89 2.78 12.92
CA TYR E 78 -40.20 2.99 14.33
C TYR E 78 -40.24 1.73 15.20
N PRO E 79 -40.74 0.54 14.75
CA PRO E 79 -40.73 -0.61 15.68
C PRO E 79 -39.35 -1.09 16.10
N LEU E 80 -38.30 -0.79 15.35
CA LEU E 80 -36.96 -0.98 15.88
C LEU E 80 -36.68 0.02 17.00
N PHE E 81 -36.91 1.31 16.72
CA PHE E 81 -36.56 2.37 17.65
C PHE E 81 -37.45 2.35 18.90
N GLN E 82 -38.66 1.82 18.76
CA GLN E 82 -39.48 1.54 19.95
C GLN E 82 -38.86 0.42 20.77
N ASP E 83 -38.35 -0.62 20.10
CA ASP E 83 -37.76 -1.74 20.83
C ASP E 83 -36.31 -1.45 21.19
N LEU E 84 -35.71 -0.46 20.52
CA LEU E 84 -34.33 -0.10 20.83
C LEU E 84 -34.25 0.63 22.16
N ASN E 85 -35.31 1.34 22.52
CA ASN E 85 -35.37 2.04 23.80
C ASN E 85 -35.85 1.11 24.90
N MET F 1 -14.35 -31.88 7.53
CA MET F 1 -14.97 -32.95 6.76
C MET F 1 -14.18 -33.28 5.50
N ASN F 2 -13.89 -34.58 5.32
CA ASN F 2 -13.20 -35.01 4.11
C ASN F 2 -14.17 -35.09 2.94
N PHE F 3 -15.45 -35.31 3.22
CA PHE F 3 -16.44 -35.49 2.17
C PHE F 3 -16.73 -34.18 1.46
N ILE F 4 -16.88 -33.10 2.22
CA ILE F 4 -17.20 -31.80 1.62
C ILE F 4 -16.00 -31.26 0.84
N LYS F 5 -14.80 -31.45 1.39
CA LYS F 5 -13.60 -30.92 0.73
C LYS F 5 -13.32 -31.63 -0.59
N ASP F 6 -13.52 -32.93 -0.63
CA ASP F 6 -13.21 -33.69 -1.85
C ASP F 6 -14.25 -33.45 -2.92
N ASN F 7 -15.48 -33.14 -2.51
CA ASN F 7 -16.55 -32.94 -3.50
C ASN F 7 -16.85 -31.46 -3.70
N SER F 8 -15.99 -30.58 -3.16
CA SER F 8 -16.19 -29.14 -3.22
C SER F 8 -16.11 -28.60 -4.64
N ARG F 9 -15.43 -29.30 -5.54
CA ARG F 9 -15.39 -28.87 -6.93
C ARG F 9 -16.75 -29.05 -7.58
N ALA F 10 -17.43 -30.15 -7.26
CA ALA F 10 -18.76 -30.38 -7.83
C ALA F 10 -19.84 -29.71 -7.01
N LEU F 11 -19.60 -29.51 -5.70
CA LEU F 11 -20.60 -28.87 -4.87
C LEU F 11 -20.66 -27.37 -5.10
N ILE F 12 -19.64 -26.78 -5.73
CA ILE F 12 -19.80 -25.39 -6.15
C ILE F 12 -20.31 -25.32 -7.57
N GLN F 13 -20.58 -26.49 -8.17
CA GLN F 13 -21.01 -26.49 -9.56
C GLN F 13 -22.47 -26.91 -9.68
N ARG F 14 -22.83 -28.08 -9.14
CA ARG F 14 -24.15 -28.64 -9.37
C ARG F 14 -25.15 -28.32 -8.27
N MET F 15 -24.78 -27.46 -7.32
CA MET F 15 -25.60 -27.25 -6.13
C MET F 15 -26.87 -26.48 -6.46
N GLY F 16 -26.73 -25.25 -6.92
CA GLY F 16 -27.86 -24.44 -7.36
C GLY F 16 -28.35 -23.53 -6.25
N MET F 17 -28.81 -22.34 -6.68
CA MET F 17 -29.17 -21.30 -5.74
C MET F 17 -30.46 -21.63 -5.00
N THR F 18 -31.36 -22.39 -5.65
CA THR F 18 -32.68 -22.62 -5.08
C THR F 18 -32.60 -23.54 -3.86
N VAL F 19 -31.51 -24.28 -3.72
CA VAL F 19 -31.35 -25.11 -2.54
C VAL F 19 -30.40 -24.45 -1.55
N ILE F 20 -29.54 -23.56 -2.04
CA ILE F 20 -28.59 -22.84 -1.18
C ILE F 20 -29.33 -21.90 -0.24
N LYS F 21 -30.41 -21.28 -0.71
CA LYS F 21 -31.23 -20.48 0.18
C LYS F 21 -32.10 -21.35 1.08
N GLN F 22 -32.18 -22.65 0.78
CA GLN F 22 -32.93 -23.56 1.63
C GLN F 22 -32.01 -24.28 2.62
N ILE F 23 -30.77 -24.53 2.22
CA ILE F 23 -29.81 -25.12 3.15
C ILE F 23 -29.39 -24.10 4.19
N THR F 24 -29.12 -22.87 3.78
CA THR F 24 -28.73 -21.82 4.73
C THR F 24 -29.91 -21.37 5.58
N ASP F 25 -31.12 -21.81 5.25
CA ASP F 25 -32.23 -21.67 6.17
C ASP F 25 -32.05 -22.61 7.36
N ASP F 26 -31.78 -23.89 7.09
CA ASP F 26 -31.63 -24.86 8.16
C ASP F 26 -30.34 -24.67 8.93
N LEU F 27 -29.34 -24.06 8.30
CA LEU F 27 -28.10 -23.74 9.00
C LEU F 27 -28.31 -22.57 9.94
N PHE F 28 -29.31 -21.73 9.68
CA PHE F 28 -29.58 -20.61 10.58
C PHE F 28 -30.48 -21.03 11.73
N VAL F 29 -31.43 -21.92 11.45
CA VAL F 29 -32.35 -22.40 12.49
C VAL F 29 -31.59 -23.23 13.51
N TRP F 30 -30.56 -23.93 13.09
CA TRP F 30 -29.74 -24.73 13.98
C TRP F 30 -28.57 -23.96 14.56
N ASN F 31 -28.60 -22.62 14.47
CA ASN F 31 -27.65 -21.67 15.06
C ASN F 31 -26.22 -21.86 14.58
N VAL F 32 -26.01 -22.36 13.37
CA VAL F 32 -24.65 -22.43 12.85
C VAL F 32 -24.24 -21.09 12.26
N LEU F 33 -24.93 -20.65 11.22
CA LEU F 33 -24.69 -19.37 10.59
C LEU F 33 -25.61 -18.35 11.24
N ASN F 34 -25.07 -17.18 11.57
CA ASN F 34 -25.96 -16.11 11.95
C ASN F 34 -26.55 -15.45 10.71
N ARG F 35 -27.22 -14.31 10.91
CA ARG F 35 -27.91 -13.68 9.80
C ARG F 35 -26.93 -13.04 8.83
N GLU F 36 -25.84 -12.48 9.34
CA GLU F 36 -24.92 -11.75 8.48
C GLU F 36 -24.05 -12.69 7.67
N GLU F 37 -23.93 -13.95 8.10
CA GLU F 37 -23.22 -14.92 7.29
C GLU F 37 -24.13 -15.60 6.29
N VAL F 38 -25.44 -15.36 6.40
CA VAL F 38 -26.35 -15.73 5.32
C VAL F 38 -26.34 -14.65 4.24
N ASN F 39 -26.27 -13.38 4.65
CA ASN F 39 -26.28 -12.28 3.70
C ASN F 39 -25.01 -12.22 2.87
N ILE F 40 -23.92 -12.81 3.37
CA ILE F 40 -22.74 -12.95 2.54
C ILE F 40 -22.98 -13.95 1.43
N ILE F 41 -23.68 -15.03 1.74
CA ILE F 41 -23.97 -16.05 0.75
C ILE F 41 -25.06 -15.62 -0.22
N CYS F 42 -26.25 -15.33 0.29
CA CYS F 42 -27.44 -15.20 -0.55
C CYS F 42 -27.49 -13.91 -1.37
N CYS F 43 -26.60 -12.95 -1.11
CA CYS F 43 -26.67 -11.71 -1.88
C CYS F 43 -25.84 -11.79 -3.14
N GLU F 44 -25.02 -12.83 -3.27
CA GLU F 44 -24.21 -12.99 -4.46
C GLU F 44 -25.06 -13.55 -5.59
N LYS F 45 -24.84 -13.03 -6.80
CA LYS F 45 -25.80 -13.23 -7.88
C LYS F 45 -25.63 -14.62 -8.51
N VAL F 46 -24.40 -15.00 -8.80
CA VAL F 46 -24.14 -16.28 -9.43
C VAL F 46 -24.35 -17.39 -8.41
N GLU F 47 -25.01 -18.47 -8.82
CA GLU F 47 -25.24 -19.59 -7.91
C GLU F 47 -23.97 -20.34 -7.56
N GLN F 48 -22.91 -20.20 -8.35
CA GLN F 48 -21.64 -20.82 -8.01
C GLN F 48 -20.93 -20.03 -6.92
N ASP F 49 -21.19 -18.73 -6.86
CA ASP F 49 -20.50 -17.91 -5.85
C ASP F 49 -21.12 -18.08 -4.48
N ALA F 50 -22.45 -18.23 -4.41
CA ALA F 50 -23.08 -18.52 -3.14
C ALA F 50 -22.74 -19.93 -2.68
N ALA F 51 -22.43 -20.82 -3.61
CA ALA F 51 -21.99 -22.15 -3.26
C ALA F 51 -20.58 -22.14 -2.70
N ARG F 52 -19.74 -21.22 -3.19
CA ARG F 52 -18.43 -21.03 -2.57
C ARG F 52 -18.56 -20.35 -1.22
N GLY F 53 -19.67 -19.63 -1.01
CA GLY F 53 -19.84 -18.91 0.22
C GLY F 53 -20.24 -19.80 1.38
N ILE F 54 -21.03 -20.86 1.10
CA ILE F 54 -21.42 -21.76 2.17
C ILE F 54 -20.25 -22.61 2.59
N ILE F 55 -19.61 -23.26 1.60
CA ILE F 55 -18.67 -24.34 1.85
C ILE F 55 -17.44 -23.84 2.58
N HIS F 56 -17.02 -22.61 2.28
CA HIS F 56 -15.90 -22.04 3.00
C HIS F 56 -16.32 -21.49 4.36
N MET F 57 -17.63 -21.46 4.64
CA MET F 57 -18.06 -21.18 6.00
C MET F 57 -18.35 -22.46 6.76
N ILE F 58 -18.45 -23.57 6.04
CA ILE F 58 -18.60 -24.86 6.70
C ILE F 58 -17.24 -25.35 7.18
N LEU F 59 -16.24 -25.29 6.31
CA LEU F 59 -14.95 -25.91 6.60
C LEU F 59 -14.20 -25.14 7.68
N LYS F 60 -14.56 -23.88 7.90
CA LYS F 60 -14.00 -23.15 9.02
C LYS F 60 -14.74 -23.47 10.30
N LYS F 61 -16.01 -23.87 10.20
CA LYS F 61 -16.81 -24.17 11.39
C LYS F 61 -16.75 -25.67 11.72
N GLY F 62 -15.62 -26.08 12.29
CA GLY F 62 -15.48 -27.38 12.90
C GLY F 62 -15.62 -28.57 11.97
N SER F 63 -15.84 -29.75 12.55
CA SER F 63 -16.19 -30.92 11.75
C SER F 63 -17.58 -31.43 12.13
N GLU F 64 -17.97 -31.24 13.39
CA GLU F 64 -19.30 -31.66 13.81
C GLU F 64 -20.37 -30.76 13.26
N SER F 65 -19.99 -29.52 12.90
CA SER F 65 -20.95 -28.61 12.28
C SER F 65 -20.95 -28.76 10.77
N CYS F 66 -20.07 -29.60 10.23
CA CYS F 66 -20.16 -29.94 8.82
C CYS F 66 -21.32 -30.90 8.57
N ASN F 67 -21.70 -31.65 9.61
CA ASN F 67 -22.74 -32.66 9.46
C ASN F 67 -24.09 -32.02 9.24
N LEU F 68 -24.37 -30.92 9.94
CA LEU F 68 -25.67 -30.28 9.86
C LEU F 68 -25.92 -29.66 8.49
N PHE F 69 -24.85 -29.28 7.80
CA PHE F 69 -24.95 -29.03 6.37
C PHE F 69 -25.33 -30.29 5.62
N LEU F 70 -24.67 -31.40 5.93
CA LEU F 70 -24.82 -32.59 5.12
C LEU F 70 -26.14 -33.29 5.43
N LYS F 71 -26.66 -33.11 6.64
CA LYS F 71 -28.02 -33.53 6.94
C LYS F 71 -29.03 -32.67 6.21
N SER F 72 -28.69 -31.39 5.98
CA SER F 72 -29.60 -30.52 5.26
C SER F 72 -29.46 -30.71 3.76
N LEU F 73 -28.41 -31.40 3.32
CA LEU F 73 -28.26 -31.70 1.91
C LEU F 73 -28.89 -33.04 1.56
N LYS F 74 -29.11 -33.89 2.55
CA LYS F 74 -29.81 -35.14 2.26
C LYS F 74 -31.32 -34.94 2.38
N GLU F 75 -31.75 -33.82 2.95
CA GLU F 75 -33.18 -33.50 2.95
C GLU F 75 -33.54 -32.64 1.74
N TRP F 76 -32.89 -31.50 1.59
CA TRP F 76 -33.06 -30.66 0.42
C TRP F 76 -31.98 -31.03 -0.58
N ASN F 77 -32.39 -31.24 -1.84
CA ASN F 77 -31.52 -31.76 -2.92
C ASN F 77 -30.90 -33.10 -2.55
N TYR F 78 -31.75 -34.09 -2.36
CA TYR F 78 -31.25 -35.47 -2.28
C TYR F 78 -30.72 -36.06 -3.60
N PRO F 79 -31.30 -35.81 -4.80
CA PRO F 79 -30.71 -36.43 -6.01
C PRO F 79 -29.30 -35.99 -6.35
N LEU F 80 -28.85 -34.84 -5.86
CA LEU F 80 -27.43 -34.54 -5.91
C LEU F 80 -26.66 -35.46 -4.97
N PHE F 81 -27.08 -35.50 -3.70
CA PHE F 81 -26.36 -36.24 -2.67
C PHE F 81 -26.42 -37.74 -2.89
N GLN F 82 -27.47 -38.22 -3.56
CA GLN F 82 -27.49 -39.60 -4.02
C GLN F 82 -26.45 -39.81 -5.11
N ASP F 83 -26.32 -38.85 -6.02
CA ASP F 83 -25.36 -39.01 -7.11
C ASP F 83 -23.97 -38.57 -6.66
N LEU F 84 -23.89 -37.82 -5.56
CA LEU F 84 -22.61 -37.39 -5.05
C LEU F 84 -21.86 -38.55 -4.42
N ASN F 85 -22.59 -39.51 -3.86
CA ASN F 85 -22.00 -40.70 -3.27
C ASN F 85 -21.73 -41.75 -4.32
N MET G 1 -10.96 -11.55 -33.04
CA MET G 1 -11.82 -11.10 -34.12
C MET G 1 -11.83 -9.58 -34.27
N ASN G 2 -11.60 -9.12 -35.50
CA ASN G 2 -11.66 -7.68 -35.77
C ASN G 2 -13.10 -7.21 -35.88
N PHE G 3 -14.00 -8.11 -36.28
CA PHE G 3 -15.39 -7.73 -36.50
C PHE G 3 -16.11 -7.46 -35.19
N ILE G 4 -15.89 -8.31 -34.19
CA ILE G 4 -16.57 -8.15 -32.91
C ILE G 4 -16.03 -6.93 -32.17
N LYS G 5 -14.72 -6.71 -32.25
CA LYS G 5 -14.10 -5.59 -31.53
C LYS G 5 -14.54 -4.25 -32.10
N ASP G 6 -14.65 -4.16 -33.42
CA ASP G 6 -15.00 -2.88 -34.04
C ASP G 6 -16.48 -2.57 -33.86
N ASN G 7 -17.31 -3.60 -33.74
CA ASN G 7 -18.75 -3.38 -33.60
C ASN G 7 -19.19 -3.55 -32.16
N SER G 8 -18.25 -3.66 -31.23
CA SER G 8 -18.55 -3.90 -29.82
C SER G 8 -19.29 -2.75 -29.17
N ARG G 9 -19.16 -1.54 -29.72
CA ARG G 9 -19.92 -0.42 -29.18
C ARG G 9 -21.39 -0.57 -29.49
N ALA G 10 -21.73 -1.07 -30.69
CA ALA G 10 -23.12 -1.27 -31.04
C ALA G 10 -23.62 -2.63 -30.57
N LEU G 11 -22.73 -3.60 -30.44
CA LEU G 11 -23.15 -4.91 -29.98
C LEU G 11 -23.42 -4.95 -28.48
N ILE G 12 -22.96 -3.95 -27.73
CA ILE G 12 -23.41 -3.86 -26.35
C ILE G 12 -24.62 -2.95 -26.25
N GLN G 13 -25.09 -2.45 -27.39
CA GLN G 13 -26.21 -1.52 -27.35
C GLN G 13 -27.46 -2.15 -27.94
N ARG G 14 -27.38 -2.64 -29.18
CA ARG G 14 -28.58 -3.09 -29.88
C ARG G 14 -28.84 -4.58 -29.77
N MET G 15 -28.08 -5.28 -28.94
CA MET G 15 -28.13 -6.75 -28.92
C MET G 15 -29.42 -7.25 -28.28
N GLY G 16 -29.64 -6.94 -27.02
CA GLY G 16 -30.86 -7.29 -26.33
C GLY G 16 -30.74 -8.59 -25.56
N MET G 17 -31.43 -8.62 -24.42
CA MET G 17 -31.29 -9.74 -23.49
C MET G 17 -31.94 -11.00 -24.04
N THR G 18 -33.00 -10.84 -24.85
CA THR G 18 -33.77 -12.00 -25.29
C THR G 18 -32.98 -12.86 -26.26
N VAL G 19 -31.94 -12.29 -26.88
CA VAL G 19 -31.10 -13.09 -27.77
C VAL G 19 -29.82 -13.49 -27.05
N ILE G 20 -29.42 -12.73 -26.03
CA ILE G 20 -28.22 -13.04 -25.26
C ILE G 20 -28.38 -14.34 -24.49
N LYS G 21 -29.59 -14.60 -23.98
CA LYS G 21 -29.84 -15.88 -23.35
C LYS G 21 -30.01 -16.99 -24.38
N GLN G 22 -30.16 -16.61 -25.65
CA GLN G 22 -30.26 -17.61 -26.71
C GLN G 22 -28.90 -17.86 -27.37
N ILE G 23 -28.06 -16.83 -27.44
CA ILE G 23 -26.72 -17.01 -27.97
C ILE G 23 -25.86 -17.79 -26.99
N THR G 24 -25.95 -17.45 -25.70
CA THR G 24 -25.17 -18.17 -24.69
C THR G 24 -25.73 -19.57 -24.44
N ASP G 25 -26.89 -19.89 -25.00
CA ASP G 25 -27.33 -21.27 -25.07
C ASP G 25 -26.47 -22.06 -26.06
N ASP G 26 -26.29 -21.51 -27.26
CA ASP G 26 -25.52 -22.21 -28.29
C ASP G 26 -24.03 -22.19 -27.99
N LEU G 27 -23.58 -21.20 -27.22
CA LEU G 27 -22.19 -21.17 -26.80
C LEU G 27 -21.92 -22.20 -25.73
N PHE G 28 -22.96 -22.62 -25.00
CA PHE G 28 -22.77 -23.66 -23.99
C PHE G 28 -22.87 -25.05 -24.60
N VAL G 29 -23.75 -25.22 -25.58
CA VAL G 29 -23.92 -26.52 -26.24
C VAL G 29 -22.68 -26.87 -27.04
N TRP G 30 -21.99 -25.86 -27.57
CA TRP G 30 -20.77 -26.07 -28.33
C TRP G 30 -19.53 -26.03 -27.46
N ASN G 31 -19.70 -26.13 -26.14
CA ASN G 31 -18.65 -26.24 -25.12
C ASN G 31 -17.70 -25.05 -25.09
N VAL G 32 -18.15 -23.86 -25.47
CA VAL G 32 -17.30 -22.69 -25.35
C VAL G 32 -17.36 -22.15 -23.92
N LEU G 33 -18.53 -21.71 -23.50
CA LEU G 33 -18.77 -21.21 -22.16
C LEU G 33 -19.25 -22.37 -21.30
N ASN G 34 -18.69 -22.50 -20.10
CA ASN G 34 -19.29 -23.44 -19.18
C ASN G 34 -20.51 -22.80 -18.52
N ARG G 35 -21.03 -23.47 -17.49
CA ARG G 35 -22.26 -23.00 -16.88
C ARG G 35 -22.02 -21.75 -16.04
N GLU G 36 -20.86 -21.65 -15.39
CA GLU G 36 -20.62 -20.54 -14.49
C GLU G 36 -20.26 -19.27 -15.27
N GLU G 37 -19.85 -19.41 -16.52
CA GLU G 37 -19.63 -18.22 -17.35
C GLU G 37 -20.90 -17.80 -18.07
N VAL G 38 -21.95 -18.62 -17.99
CA VAL G 38 -23.28 -18.16 -18.39
C VAL G 38 -23.92 -17.39 -17.25
N ASN G 39 -23.71 -17.86 -16.02
CA ASN G 39 -24.32 -17.21 -14.86
C ASN G 39 -23.71 -15.84 -14.59
N ILE G 40 -22.50 -15.60 -15.07
CA ILE G 40 -21.95 -14.25 -14.99
C ILE G 40 -22.70 -13.32 -15.95
N ILE G 41 -23.05 -13.83 -17.13
CA ILE G 41 -23.75 -13.02 -18.11
C ILE G 41 -25.23 -12.85 -17.74
N CYS G 42 -25.97 -13.95 -17.64
CA CYS G 42 -27.42 -13.90 -17.60
C CYS G 42 -27.99 -13.42 -16.28
N CYS G 43 -27.18 -13.28 -15.23
CA CYS G 43 -27.73 -12.83 -13.95
C CYS G 43 -27.72 -11.31 -13.85
N GLU G 44 -27.04 -10.64 -14.76
CA GLU G 44 -27.00 -9.18 -14.74
C GLU G 44 -28.29 -8.62 -15.32
N LYS G 45 -28.80 -7.57 -14.69
CA LYS G 45 -30.18 -7.15 -14.95
C LYS G 45 -30.29 -6.36 -16.25
N VAL G 46 -29.39 -5.41 -16.45
CA VAL G 46 -29.44 -4.59 -17.65
C VAL G 46 -28.97 -5.41 -18.84
N GLU G 47 -29.68 -5.28 -19.96
CA GLU G 47 -29.31 -6.02 -21.16
C GLU G 47 -28.00 -5.54 -21.78
N GLN G 48 -27.56 -4.34 -21.44
CA GLN G 48 -26.27 -3.87 -21.92
C GLN G 48 -25.14 -4.49 -21.13
N ASP G 49 -25.40 -4.86 -19.88
CA ASP G 49 -24.33 -5.42 -19.05
C ASP G 49 -24.09 -6.88 -19.40
N ALA G 50 -25.15 -7.62 -19.70
CA ALA G 50 -24.97 -8.99 -20.17
C ALA G 50 -24.34 -9.02 -21.55
N ALA G 51 -24.53 -7.96 -22.32
CA ALA G 51 -23.88 -7.86 -23.62
C ALA G 51 -22.40 -7.56 -23.46
N ARG G 52 -22.02 -6.83 -22.42
CA ARG G 52 -20.60 -6.66 -22.11
C ARG G 52 -20.02 -7.94 -21.54
N GLY G 53 -20.88 -8.80 -21.00
CA GLY G 53 -20.40 -10.02 -20.38
C GLY G 53 -20.05 -11.08 -21.40
N ILE G 54 -20.79 -11.13 -22.51
CA ILE G 54 -20.47 -12.14 -23.53
C ILE G 54 -19.21 -11.74 -24.26
N ILE G 55 -19.17 -10.50 -24.75
CA ILE G 55 -18.17 -10.06 -25.72
C ILE G 55 -16.78 -10.08 -25.12
N HIS G 56 -16.68 -9.75 -23.84
CA HIS G 56 -15.37 -9.83 -23.19
C HIS G 56 -15.04 -11.26 -22.79
N MET G 57 -15.98 -12.20 -22.93
CA MET G 57 -15.61 -13.60 -22.80
C MET G 57 -15.35 -14.23 -24.16
N ILE G 58 -15.76 -13.54 -25.22
CA ILE G 58 -15.44 -14.01 -26.56
C ILE G 58 -14.01 -13.62 -26.91
N LEU G 59 -13.64 -12.37 -26.66
CA LEU G 59 -12.38 -11.84 -27.14
C LEU G 59 -11.20 -12.44 -26.37
N LYS G 60 -11.48 -12.97 -25.17
CA LYS G 60 -10.44 -13.70 -24.46
C LYS G 60 -10.34 -15.13 -24.96
N LYS G 61 -11.42 -15.68 -25.50
CA LYS G 61 -11.43 -17.05 -25.99
C LYS G 61 -11.10 -17.11 -27.49
N GLY G 62 -9.81 -16.92 -27.79
CA GLY G 62 -9.27 -17.20 -29.11
C GLY G 62 -9.82 -16.35 -30.24
N SER G 63 -9.60 -16.80 -31.46
CA SER G 63 -10.26 -16.18 -32.61
C SER G 63 -11.17 -17.17 -33.31
N GLU G 64 -10.82 -18.46 -33.27
CA GLU G 64 -11.67 -19.48 -33.88
C GLU G 64 -12.94 -19.69 -33.07
N SER G 65 -12.90 -19.35 -31.78
CA SER G 65 -14.10 -19.45 -30.96
C SER G 65 -14.92 -18.18 -31.00
N CYS G 66 -14.42 -17.15 -31.68
CA CYS G 66 -15.24 -15.98 -31.93
C CYS G 66 -16.28 -16.27 -33.01
N ASN G 67 -15.98 -17.25 -33.87
CA ASN G 67 -16.86 -17.55 -35.00
C ASN G 67 -18.17 -18.16 -34.52
N LEU G 68 -18.08 -19.05 -33.51
CA LEU G 68 -19.25 -19.76 -33.02
C LEU G 68 -20.24 -18.82 -32.35
N PHE G 69 -19.75 -17.73 -31.79
CA PHE G 69 -20.64 -16.61 -31.45
C PHE G 69 -21.29 -16.03 -32.70
N LEU G 70 -20.49 -15.80 -33.74
CA LEU G 70 -20.98 -15.05 -34.88
C LEU G 70 -21.87 -15.93 -35.76
N LYS G 71 -21.64 -17.24 -35.72
CA LYS G 71 -22.60 -18.16 -36.33
C LYS G 71 -23.89 -18.21 -35.56
N SER G 72 -23.82 -18.00 -34.24
CA SER G 72 -25.03 -17.99 -33.43
C SER G 72 -25.72 -16.63 -33.51
N LEU G 73 -25.03 -15.62 -34.03
CA LEU G 73 -25.66 -14.32 -34.20
C LEU G 73 -26.28 -14.19 -35.59
N LYS G 74 -25.87 -15.04 -36.53
CA LYS G 74 -26.54 -15.02 -37.82
C LYS G 74 -27.73 -15.94 -37.83
N GLU G 75 -27.86 -16.79 -36.81
CA GLU G 75 -29.08 -17.59 -36.67
C GLU G 75 -30.09 -16.89 -35.79
N TRP G 76 -29.71 -16.56 -34.56
CA TRP G 76 -30.55 -15.78 -33.66
C TRP G 76 -30.17 -14.32 -33.83
N ASN G 77 -31.19 -13.46 -34.01
CA ASN G 77 -31.02 -12.03 -34.33
C ASN G 77 -30.20 -11.82 -35.61
N TYR G 78 -30.74 -12.32 -36.72
CA TYR G 78 -30.19 -11.95 -38.03
C TYR G 78 -30.44 -10.49 -38.44
N PRO G 79 -31.59 -9.82 -38.18
CA PRO G 79 -31.71 -8.42 -38.64
C PRO G 79 -30.75 -7.44 -38.00
N LEU G 80 -30.19 -7.76 -36.84
CA LEU G 80 -29.04 -6.99 -36.38
C LEU G 80 -27.82 -7.25 -37.24
N PHE G 81 -27.48 -8.53 -37.43
CA PHE G 81 -26.27 -8.91 -38.14
C PHE G 81 -26.34 -8.58 -39.63
N GLN G 82 -27.55 -8.52 -40.18
CA GLN G 82 -27.72 -7.96 -41.52
C GLN G 82 -27.44 -6.48 -41.53
N ASP G 83 -27.88 -5.76 -40.50
CA ASP G 83 -27.67 -4.32 -40.45
C ASP G 83 -26.29 -4.01 -39.87
N LEU G 84 -25.67 -4.98 -39.21
CA LEU G 84 -24.35 -4.77 -38.65
C LEU G 84 -23.31 -4.75 -39.75
N ASN G 85 -23.55 -5.49 -40.83
CA ASN G 85 -22.65 -5.52 -41.97
C ASN G 85 -22.93 -4.36 -42.91
N MET H 1 -31.58 21.56 -9.53
CA MET H 1 -32.91 21.94 -9.12
C MET H 1 -33.10 21.85 -7.61
N ASN H 2 -33.62 22.94 -7.02
CA ASN H 2 -33.91 22.94 -5.60
C ASN H 2 -35.20 22.20 -5.31
N PHE H 3 -36.11 22.17 -6.28
CA PHE H 3 -37.43 21.57 -6.07
C PHE H 3 -37.33 20.05 -5.99
N ILE H 4 -36.54 19.45 -6.89
CA ILE H 4 -36.43 17.99 -6.91
C ILE H 4 -35.65 17.50 -5.70
N LYS H 5 -34.60 18.23 -5.30
CA LYS H 5 -33.77 17.82 -4.17
C LYS H 5 -34.54 17.88 -2.86
N ASP H 6 -35.36 18.91 -2.68
CA ASP H 6 -36.08 19.06 -1.41
C ASP H 6 -37.23 18.08 -1.31
N ASN H 7 -37.79 17.67 -2.45
CA ASN H 7 -38.93 16.76 -2.43
C ASN H 7 -38.50 15.34 -2.77
N SER H 8 -37.20 15.08 -2.82
CA SER H 8 -36.67 13.79 -3.21
C SER H 8 -37.00 12.69 -2.21
N ARG H 9 -37.27 13.05 -0.96
CA ARG H 9 -37.70 12.05 0.01
C ARG H 9 -39.09 11.53 -0.31
N ALA H 10 -39.98 12.43 -0.75
CA ALA H 10 -41.33 12.00 -1.11
C ALA H 10 -41.40 11.52 -2.55
N LEU H 11 -40.51 12.03 -3.41
CA LEU H 11 -40.53 11.58 -4.80
C LEU H 11 -39.94 10.20 -4.98
N ILE H 12 -39.21 9.69 -3.99
CA ILE H 12 -38.83 8.29 -4.07
C ILE H 12 -39.84 7.43 -3.34
N GLN H 13 -40.90 8.06 -2.81
CA GLN H 13 -41.87 7.31 -2.04
C GLN H 13 -43.20 7.21 -2.78
N ARG H 14 -43.78 8.35 -3.16
CA ARG H 14 -45.13 8.36 -3.71
C ARG H 14 -45.18 8.33 -5.23
N MET H 15 -44.04 8.14 -5.88
CA MET H 15 -43.97 8.29 -7.33
C MET H 15 -44.68 7.14 -8.05
N GLY H 16 -44.19 5.92 -7.87
CA GLY H 16 -44.81 4.74 -8.43
C GLY H 16 -44.21 4.35 -9.75
N MET H 17 -44.15 3.03 -9.97
CA MET H 17 -43.45 2.48 -11.12
C MET H 17 -44.21 2.75 -12.40
N THR H 18 -45.54 2.85 -12.33
CA THR H 18 -46.35 2.96 -13.54
C THR H 18 -46.17 4.31 -14.21
N VAL H 19 -45.68 5.30 -13.47
CA VAL H 19 -45.41 6.59 -14.08
C VAL H 19 -43.92 6.75 -14.37
N ILE H 20 -43.09 5.99 -13.65
CA ILE H 20 -41.64 6.04 -13.85
C ILE H 20 -41.27 5.49 -15.22
N LYS H 21 -41.97 4.46 -15.66
CA LYS H 21 -41.75 3.96 -17.02
C LYS H 21 -42.39 4.88 -18.06
N GLN H 22 -43.22 5.82 -17.61
CA GLN H 22 -43.82 6.78 -18.52
C GLN H 22 -43.04 8.09 -18.54
N ILE H 23 -42.44 8.46 -17.41
CA ILE H 23 -41.60 9.65 -17.38
C ILE H 23 -40.30 9.39 -18.11
N THR H 24 -39.68 8.22 -17.89
CA THR H 24 -38.43 7.88 -18.57
C THR H 24 -38.67 7.58 -20.05
N ASP H 25 -39.93 7.46 -20.46
CA ASP H 25 -40.24 7.48 -21.88
C ASP H 25 -40.01 8.87 -22.46
N ASP H 26 -40.55 9.90 -21.82
CA ASP H 26 -40.43 11.26 -22.33
C ASP H 26 -39.02 11.80 -22.13
N LEU H 27 -38.29 11.26 -21.16
CA LEU H 27 -36.90 11.66 -20.98
C LEU H 27 -36.02 11.05 -22.05
N PHE H 28 -36.46 9.94 -22.66
CA PHE H 28 -35.68 9.34 -23.74
C PHE H 28 -36.00 9.98 -25.08
N VAL H 29 -37.27 10.35 -25.29
CA VAL H 29 -37.68 10.99 -26.54
C VAL H 29 -37.05 12.36 -26.66
N TRP H 30 -36.84 13.04 -25.54
CA TRP H 30 -36.22 14.35 -25.53
C TRP H 30 -34.70 14.28 -25.40
N ASN H 31 -34.12 13.10 -25.63
CA ASN H 31 -32.69 12.83 -25.67
C ASN H 31 -31.96 13.15 -24.37
N VAL H 32 -32.62 13.07 -23.22
CA VAL H 32 -31.91 13.26 -21.96
C VAL H 32 -31.23 11.97 -21.55
N LEU H 33 -32.01 10.93 -21.30
CA LEU H 33 -31.50 9.62 -20.94
C LEU H 33 -31.36 8.81 -22.21
N ASN H 34 -30.23 8.13 -22.37
CA ASN H 34 -30.17 7.16 -23.45
C ASN H 34 -30.87 5.86 -23.02
N ARG H 35 -30.70 4.82 -23.82
CA ARG H 35 -31.41 3.58 -23.57
C ARG H 35 -30.85 2.86 -22.36
N GLU H 36 -29.53 2.91 -22.18
CA GLU H 36 -28.91 2.15 -21.11
C GLU H 36 -29.13 2.81 -19.75
N GLU H 37 -29.45 4.10 -19.73
CA GLU H 37 -29.80 4.75 -18.47
C GLU H 37 -31.28 4.59 -18.16
N VAL H 38 -32.06 4.09 -19.12
CA VAL H 38 -33.42 3.66 -18.81
C VAL H 38 -33.38 2.25 -18.20
N ASN H 39 -32.51 1.39 -18.74
CA ASN H 39 -32.43 0.02 -18.26
C ASN H 39 -31.86 -0.07 -16.86
N ILE H 40 -31.12 0.95 -16.42
CA ILE H 40 -30.72 1.00 -15.02
C ILE H 40 -31.92 1.28 -14.13
N ILE H 41 -32.82 2.13 -14.59
CA ILE H 41 -34.01 2.47 -13.81
C ILE H 41 -35.04 1.35 -13.85
N CYS H 42 -35.53 1.03 -15.05
CA CYS H 42 -36.73 0.20 -15.19
C CYS H 42 -36.51 -1.28 -14.89
N CYS H 43 -35.27 -1.73 -14.72
CA CYS H 43 -35.06 -3.15 -14.45
C CYS H 43 -35.10 -3.44 -12.96
N GLU H 44 -35.08 -2.40 -12.14
CA GLU H 44 -35.13 -2.60 -10.70
C GLU H 44 -36.56 -2.88 -10.26
N LYS H 45 -36.71 -3.82 -9.33
CA LYS H 45 -38.03 -4.41 -9.08
C LYS H 45 -38.88 -3.49 -8.22
N VAL H 46 -38.31 -2.96 -7.13
CA VAL H 46 -39.06 -2.09 -6.24
C VAL H 46 -39.27 -0.75 -6.91
N GLU H 47 -40.48 -0.21 -6.78
CA GLU H 47 -40.77 1.09 -7.37
C GLU H 47 -40.05 2.24 -6.68
N GLN H 48 -39.59 2.03 -5.45
CA GLN H 48 -38.80 3.06 -4.79
C GLN H 48 -37.38 3.10 -5.33
N ASP H 49 -36.89 1.95 -5.81
CA ASP H 49 -35.51 1.91 -6.29
C ASP H 49 -35.40 2.53 -7.68
N ALA H 50 -36.41 2.32 -8.52
CA ALA H 50 -36.41 2.99 -9.82
C ALA H 50 -36.63 4.48 -9.66
N ALA H 51 -37.30 4.88 -8.58
CA ALA H 51 -37.47 6.30 -8.29
C ALA H 51 -36.16 6.92 -7.82
N ARG H 52 -35.32 6.15 -7.12
CA ARG H 52 -33.99 6.62 -6.80
C ARG H 52 -33.11 6.64 -8.04
N GLY H 53 -33.46 5.83 -9.04
CA GLY H 53 -32.64 5.74 -10.22
C GLY H 53 -32.83 6.93 -11.15
N ILE H 54 -34.05 7.47 -11.22
CA ILE H 54 -34.28 8.62 -12.08
C ILE H 54 -33.65 9.85 -11.47
N ILE H 55 -33.97 10.12 -10.20
CA ILE H 55 -33.70 11.41 -9.57
C ILE H 55 -32.21 11.65 -9.46
N HIS H 56 -31.44 10.59 -9.21
CA HIS H 56 -30.00 10.75 -9.18
C HIS H 56 -29.40 10.80 -10.58
N MET H 57 -30.20 10.54 -11.61
CA MET H 57 -29.73 10.81 -12.96
C MET H 57 -30.21 12.16 -13.44
N ILE H 58 -31.17 12.75 -12.73
CA ILE H 58 -31.61 14.11 -13.04
C ILE H 58 -30.64 15.10 -12.45
N LEU H 59 -30.29 14.92 -11.18
CA LEU H 59 -29.52 15.93 -10.46
C LEU H 59 -28.08 15.99 -10.96
N LYS H 60 -27.62 14.92 -11.62
CA LYS H 60 -26.31 14.97 -12.25
C LYS H 60 -26.40 15.64 -13.62
N LYS H 61 -27.57 15.59 -14.26
CA LYS H 61 -27.74 16.18 -15.58
C LYS H 61 -28.28 17.60 -15.48
N GLY H 62 -27.39 18.52 -15.11
CA GLY H 62 -27.64 19.95 -15.20
C GLY H 62 -28.77 20.49 -14.35
N SER H 63 -29.24 21.69 -14.68
CA SER H 63 -30.45 22.21 -14.05
C SER H 63 -31.53 22.43 -15.09
N GLU H 64 -31.13 22.76 -16.33
CA GLU H 64 -32.10 22.95 -17.40
C GLU H 64 -32.70 21.63 -17.84
N SER H 65 -31.99 20.53 -17.60
CA SER H 65 -32.53 19.22 -17.93
C SER H 65 -33.32 18.64 -16.76
N CYS H 66 -33.35 19.34 -15.63
CA CYS H 66 -34.25 18.95 -14.56
C CYS H 66 -35.68 19.33 -14.89
N ASN H 67 -35.85 20.34 -15.76
CA ASN H 67 -37.17 20.84 -16.09
C ASN H 67 -37.95 19.84 -16.91
N LEU H 68 -37.28 19.16 -17.84
CA LEU H 68 -37.94 18.22 -18.73
C LEU H 68 -38.46 17.01 -17.98
N PHE H 69 -37.82 16.65 -16.88
CA PHE H 69 -38.45 15.75 -15.92
C PHE H 69 -39.70 16.36 -15.33
N LEU H 70 -39.63 17.62 -14.92
CA LEU H 70 -40.71 18.21 -14.16
C LEU H 70 -41.87 18.59 -15.07
N LYS H 71 -41.58 18.85 -16.35
CA LYS H 71 -42.65 18.99 -17.34
C LYS H 71 -43.30 17.64 -17.60
N SER H 72 -42.54 16.56 -17.48
CA SER H 72 -43.11 15.24 -17.70
C SER H 72 -43.81 14.74 -16.45
N LEU H 73 -43.59 15.41 -15.32
CA LEU H 73 -44.30 15.04 -14.10
C LEU H 73 -45.58 15.84 -13.94
N LYS H 74 -45.69 16.97 -14.66
CA LYS H 74 -46.96 17.69 -14.62
C LYS H 74 -47.91 17.18 -15.70
N GLU H 75 -47.40 16.38 -16.63
CA GLU H 75 -48.28 15.72 -17.59
C GLU H 75 -48.69 14.34 -17.09
N TRP H 76 -47.73 13.48 -16.80
CA TRP H 76 -47.99 12.18 -16.21
C TRP H 76 -47.86 12.32 -14.71
N ASN H 77 -48.86 11.81 -13.98
CA ASN H 77 -49.00 11.98 -12.51
C ASN H 77 -49.02 13.45 -12.11
N TYR H 78 -50.04 14.15 -12.58
CA TYR H 78 -50.33 15.48 -12.04
C TYR H 78 -50.86 15.51 -10.60
N PRO H 79 -51.72 14.58 -10.12
CA PRO H 79 -52.17 14.71 -8.71
C PRO H 79 -51.08 14.57 -7.67
N LEU H 80 -49.96 13.94 -7.99
CA LEU H 80 -48.80 14.06 -7.12
C LEU H 80 -48.24 15.47 -7.15
N PHE H 81 -47.97 15.98 -8.35
CA PHE H 81 -47.31 17.27 -8.53
C PHE H 81 -48.21 18.43 -8.08
N GLN H 82 -49.53 18.24 -8.13
CA GLN H 82 -50.44 19.18 -7.51
C GLN H 82 -50.31 19.14 -6.01
N ASP H 83 -50.16 17.94 -5.43
CA ASP H 83 -50.05 17.83 -3.99
C ASP H 83 -48.61 18.04 -3.54
N LEU H 84 -47.68 17.94 -4.48
CA LEU H 84 -46.27 18.15 -4.14
C LEU H 84 -46.00 19.64 -3.90
N ASN H 85 -46.75 20.50 -4.58
CA ASN H 85 -46.62 21.94 -4.41
C ASN H 85 -47.45 22.42 -3.22
N MET I 1 49.07 19.59 -11.28
CA MET I 1 48.00 20.35 -11.91
C MET I 1 47.77 21.69 -11.23
N ASN I 2 47.72 22.75 -12.04
CA ASN I 2 47.43 24.07 -11.51
C ASN I 2 45.94 24.25 -11.26
N PHE I 3 45.12 23.51 -12.00
CA PHE I 3 43.68 23.66 -11.89
C PHE I 3 43.15 23.09 -10.59
N ILE I 4 43.64 21.91 -10.20
CA ILE I 4 43.16 21.26 -8.98
C ILE I 4 43.64 22.01 -7.76
N LYS I 5 44.89 22.49 -7.79
CA LYS I 5 45.46 23.20 -6.64
C LYS I 5 44.76 24.53 -6.39
N ASP I 6 44.42 25.25 -7.45
CA ASP I 6 43.81 26.57 -7.27
C ASP I 6 42.35 26.44 -6.85
N ASN I 7 41.70 25.35 -7.24
CA ASN I 7 40.30 25.18 -6.90
C ASN I 7 40.12 24.21 -5.75
N SER I 8 41.20 23.84 -5.07
CA SER I 8 41.18 22.87 -3.99
C SER I 8 40.40 23.36 -2.77
N ARG I 9 40.29 24.67 -2.61
CA ARG I 9 39.48 25.20 -1.52
C ARG I 9 38.00 24.93 -1.76
N ALA I 10 37.56 25.05 -3.01
CA ALA I 10 36.16 24.79 -3.31
C ALA I 10 35.92 23.31 -3.59
N LEU I 11 36.96 22.60 -4.06
CA LEU I 11 36.79 21.17 -4.34
C LEU I 11 36.77 20.34 -3.06
N ILE I 12 37.22 20.89 -1.93
CA ILE I 12 36.99 20.18 -0.69
C ILE I 12 35.71 20.65 -0.03
N GLN I 13 34.99 21.55 -0.70
CA GLN I 13 33.78 22.08 -0.10
C GLN I 13 32.53 21.61 -0.84
N ARG I 14 32.48 21.83 -2.16
CA ARG I 14 31.25 21.57 -2.90
C ARG I 14 31.22 20.21 -3.58
N MET I 15 32.20 19.36 -3.29
CA MET I 15 32.35 18.11 -4.04
C MET I 15 31.26 17.12 -3.68
N GLY I 16 31.21 16.69 -2.42
CA GLY I 16 30.17 15.80 -1.95
C GLY I 16 30.59 14.35 -1.99
N MET I 17 30.10 13.61 -0.99
CA MET I 17 30.54 12.23 -0.80
C MET I 17 29.98 11.32 -1.89
N THR I 18 28.80 11.64 -2.41
CA THR I 18 28.12 10.75 -3.34
C THR I 18 28.85 10.68 -4.68
N VAL I 19 29.69 11.66 -4.97
CA VAL I 19 30.47 11.61 -6.20
C VAL I 19 31.90 11.17 -5.90
N ILE I 20 32.34 11.37 -4.66
CA ILE I 20 33.69 10.97 -4.26
C ILE I 20 33.83 9.45 -4.28
N LYS I 21 32.78 8.74 -3.90
CA LYS I 21 32.80 7.28 -4.02
C LYS I 21 32.61 6.85 -5.47
N GLN I 22 32.21 7.78 -6.34
CA GLN I 22 32.08 7.45 -7.76
C GLN I 22 33.31 7.85 -8.54
N ILE I 23 33.99 8.92 -8.11
CA ILE I 23 35.24 9.30 -8.75
C ILE I 23 36.34 8.31 -8.39
N THR I 24 36.43 7.93 -7.12
CA THR I 24 37.44 6.97 -6.69
C THR I 24 37.14 5.56 -7.18
N ASP I 25 35.95 5.35 -7.74
CA ASP I 25 35.69 4.13 -8.50
C ASP I 25 36.47 4.15 -9.81
N ASP I 26 36.36 5.25 -10.56
CA ASP I 26 37.04 5.34 -11.85
C ASP I 26 38.54 5.50 -11.69
N LEU I 27 38.98 6.03 -10.54
CA LEU I 27 40.41 6.12 -10.27
C LEU I 27 40.99 4.76 -9.94
N PHE I 28 40.15 3.84 -9.46
CA PHE I 28 40.64 2.49 -9.18
C PHE I 28 40.63 1.62 -10.40
N VAL I 29 39.63 1.79 -11.27
CA VAL I 29 39.52 1.00 -12.50
C VAL I 29 40.66 1.37 -13.45
N TRP I 30 41.11 2.61 -13.42
CA TRP I 30 42.20 3.07 -14.26
C TRP I 30 43.55 2.91 -13.58
N ASN I 31 43.62 2.11 -12.50
CA ASN I 31 44.83 1.73 -11.77
C ASN I 31 45.60 2.89 -11.20
N VAL I 32 44.93 4.00 -10.86
CA VAL I 32 45.64 5.08 -10.19
C VAL I 32 45.74 4.80 -8.70
N LEU I 33 44.59 4.73 -8.03
CA LEU I 33 44.53 4.42 -6.61
C LEU I 33 44.36 2.92 -6.47
N ASN I 34 45.12 2.31 -5.56
CA ASN I 34 44.80 0.93 -5.23
C ASN I 34 43.63 0.89 -4.24
N ARG I 35 43.38 -0.29 -3.70
CA ARG I 35 42.22 -0.44 -2.83
C ARG I 35 42.42 0.23 -1.48
N GLU I 36 43.65 0.21 -0.97
CA GLU I 36 43.88 0.75 0.36
C GLU I 36 43.94 2.26 0.35
N GLU I 37 44.16 2.88 -0.82
CA GLU I 37 44.08 4.33 -0.90
C GLU I 37 42.66 4.79 -1.19
N VAL I 38 41.76 3.86 -1.49
CA VAL I 38 40.34 4.18 -1.49
C VAL I 38 39.79 4.12 -0.07
N ASN I 39 40.25 3.15 0.71
CA ASN I 39 39.76 2.97 2.08
C ASN I 39 40.23 4.11 2.99
N ILE I 40 41.30 4.80 2.62
CA ILE I 40 41.67 6.01 3.35
C ILE I 40 40.66 7.11 3.09
N ILE I 41 40.19 7.22 1.85
CA ILE I 41 39.22 8.25 1.49
C ILE I 41 37.83 7.92 1.99
N CYS I 42 37.27 6.79 1.55
CA CYS I 42 35.85 6.52 1.72
C CYS I 42 35.44 6.15 3.13
N CYS I 43 36.40 5.90 4.04
CA CYS I 43 36.00 5.52 5.40
C CYS I 43 35.83 6.74 6.28
N GLU I 44 36.26 7.90 5.81
CA GLU I 44 36.11 9.12 6.59
C GLU I 44 34.68 9.63 6.49
N LYS I 45 34.13 10.09 7.61
CA LYS I 45 32.69 10.30 7.72
C LYS I 45 32.26 11.59 7.04
N VAL I 46 32.98 12.68 7.31
CA VAL I 46 32.63 13.97 6.73
C VAL I 46 33.00 13.97 5.26
N GLU I 47 32.11 14.50 4.42
CA GLU I 47 32.37 14.57 2.99
C GLU I 47 33.48 15.53 2.63
N GLN I 48 33.81 16.47 3.52
CA GLN I 48 34.92 17.36 3.26
C GLN I 48 36.24 16.66 3.52
N ASP I 49 36.25 15.67 4.42
CA ASP I 49 37.50 14.99 4.74
C ASP I 49 37.87 13.99 3.65
N ALA I 50 36.88 13.30 3.08
CA ALA I 50 37.17 12.43 1.96
C ALA I 50 37.56 13.23 0.73
N ALA I 51 37.10 14.48 0.64
CA ALA I 51 37.51 15.35 -0.44
C ALA I 51 38.94 15.81 -0.27
N ARG I 52 39.39 15.98 0.98
CA ARG I 52 40.81 16.24 1.23
C ARG I 52 41.63 15.00 0.99
N GLY I 53 41.00 13.82 1.07
CA GLY I 53 41.74 12.59 0.91
C GLY I 53 42.05 12.28 -0.54
N ILE I 54 41.16 12.66 -1.45
CA ILE I 54 41.43 12.40 -2.87
C ILE I 54 42.50 13.34 -3.37
N ILE I 55 42.29 14.64 -3.13
CA ILE I 55 43.04 15.69 -3.79
C ILE I 55 44.50 15.65 -3.39
N HIS I 56 44.77 15.30 -2.15
CA HIS I 56 46.16 15.17 -1.73
C HIS I 56 46.75 13.83 -2.16
N MET I 57 45.93 12.93 -2.72
CA MET I 57 46.49 11.76 -3.36
C MET I 57 46.61 11.97 -4.86
N ILE I 58 45.95 13.01 -5.38
CA ILE I 58 46.10 13.37 -6.78
C ILE I 58 47.39 14.15 -6.98
N LEU I 59 47.61 15.14 -6.13
CA LEU I 59 48.71 16.08 -6.34
C LEU I 59 50.06 15.42 -6.09
N LYS I 60 50.05 14.32 -5.34
CA LYS I 60 51.29 13.55 -5.19
C LYS I 60 51.50 12.61 -6.37
N LYS I 61 50.42 12.22 -7.05
CA LYS I 61 50.52 11.31 -8.19
C LYS I 61 50.61 12.09 -9.50
N GLY I 62 51.78 12.65 -9.76
CA GLY I 62 52.13 13.19 -11.05
C GLY I 62 51.29 14.36 -11.52
N SER I 63 51.36 14.66 -12.82
CA SER I 63 50.45 15.62 -13.41
C SER I 63 49.57 14.97 -14.46
N GLU I 64 50.09 13.93 -15.13
CA GLU I 64 49.29 13.22 -16.12
C GLU I 64 48.22 12.38 -15.47
N SER I 65 48.42 12.02 -14.19
CA SER I 65 47.41 11.28 -13.47
C SER I 65 46.42 12.21 -12.77
N CYS I 66 46.67 13.51 -12.85
CA CYS I 66 45.67 14.46 -12.38
C CYS I 66 44.52 14.56 -13.37
N ASN I 67 44.79 14.23 -14.63
CA ASN I 67 43.79 14.36 -15.69
C ASN I 67 42.68 13.34 -15.51
N LEU I 68 43.04 12.11 -15.13
CA LEU I 68 42.06 11.03 -15.01
C LEU I 68 41.08 11.28 -13.88
N PHE I 69 41.51 12.02 -12.85
CA PHE I 69 40.55 12.61 -11.93
C PHE I 69 39.64 13.60 -12.62
N LEU I 70 40.21 14.47 -13.44
CA LEU I 70 39.45 15.58 -13.98
C LEU I 70 38.55 15.12 -15.12
N LYS I 71 38.95 14.04 -15.80
CA LYS I 71 38.04 13.38 -16.74
C LYS I 71 36.91 12.70 -16.01
N SER I 72 37.17 12.22 -14.78
CA SER I 72 36.12 11.58 -14.01
C SER I 72 35.25 12.61 -13.32
N LEU I 73 35.71 13.87 -13.27
CA LEU I 73 34.88 14.92 -12.68
C LEU I 73 34.03 15.60 -13.75
N LYS I 74 34.39 15.44 -15.02
CA LYS I 74 33.53 15.99 -16.05
C LYS I 74 32.48 14.98 -16.47
N GLU I 75 32.64 13.72 -16.05
CA GLU I 75 31.59 12.74 -16.26
C GLU I 75 30.64 12.67 -15.07
N TRP I 76 31.16 12.42 -13.88
CA TRP I 76 30.39 12.45 -12.65
C TRP I 76 30.53 13.84 -12.05
N ASN I 77 29.41 14.45 -11.67
CA ASN I 77 29.33 15.84 -11.21
C ASN I 77 29.89 16.82 -12.25
N TYR I 78 29.24 16.86 -13.40
CA TYR I 78 29.51 17.94 -14.34
C TYR I 78 29.01 19.33 -13.92
N PRO I 79 27.84 19.53 -13.27
CA PRO I 79 27.46 20.91 -12.91
C PRO I 79 28.38 21.60 -11.93
N LEU I 80 29.16 20.86 -11.14
CA LEU I 80 30.25 21.50 -10.42
C LEU I 80 31.34 21.97 -11.38
N PHE I 81 31.81 21.05 -12.24
CA PHE I 81 32.93 21.33 -13.13
C PHE I 81 32.57 22.35 -14.20
N GLN I 82 31.29 22.44 -14.56
CA GLN I 82 30.83 23.54 -15.39
C GLN I 82 30.91 24.86 -14.63
N ASP I 83 30.54 24.85 -13.35
CA ASP I 83 30.57 26.08 -12.56
C ASP I 83 31.97 26.32 -12.01
N LEU I 84 32.81 25.28 -12.00
CA LEU I 84 34.17 25.45 -11.51
C LEU I 84 35.00 26.22 -12.51
N ASN I 85 34.69 26.11 -13.79
CA ASN I 85 35.38 26.83 -14.84
C ASN I 85 34.80 28.23 -15.00
N MET J 1 28.27 31.53 27.36
CA MET J 1 26.97 31.38 27.99
C MET J 1 27.04 30.52 29.26
N ASN J 2 26.48 31.04 30.34
CA ASN J 2 26.42 30.27 31.59
C ASN J 2 25.30 29.25 31.53
N PHE J 3 24.26 29.53 30.76
CA PHE J 3 23.10 28.65 30.70
C PHE J 3 23.41 27.36 29.97
N ILE J 4 24.12 27.44 28.85
CA ILE J 4 24.42 26.25 28.07
C ILE J 4 25.44 25.38 28.80
N LYS J 5 26.43 26.01 29.44
CA LYS J 5 27.47 25.27 30.14
C LYS J 5 26.92 24.51 31.34
N ASP J 6 26.00 25.12 32.08
CA ASP J 6 25.48 24.48 33.29
C ASP J 6 24.50 23.37 32.94
N ASN J 7 23.83 23.49 31.79
CA ASN J 7 22.85 22.49 31.42
C ASN J 7 23.39 21.55 30.36
N SER J 8 24.70 21.61 30.10
CA SER J 8 25.34 20.81 29.06
C SER J 8 25.31 19.32 29.37
N ARG J 9 25.19 18.94 30.65
CA ARG J 9 25.07 17.53 30.98
C ARG J 9 23.72 16.99 30.53
N ALA J 10 22.67 17.78 30.67
CA ALA J 10 21.35 17.34 30.24
C ALA J 10 21.12 17.64 28.77
N LEU J 11 21.78 18.66 28.23
CA LEU J 11 21.60 18.99 26.83
C LEU J 11 22.34 18.01 25.92
N ILE J 12 23.28 17.24 26.45
CA ILE J 12 23.82 16.16 25.63
C ILE J 12 23.07 14.87 25.88
N GLN J 13 22.03 14.94 26.72
CA GLN J 13 21.29 13.72 27.05
C GLN J 13 19.90 13.76 26.46
N ARG J 14 19.11 14.80 26.76
CA ARG J 14 17.71 14.80 26.38
C ARG J 14 17.42 15.52 25.08
N MET J 15 18.46 15.92 24.34
CA MET J 15 18.27 16.78 23.18
C MET J 15 17.63 16.03 22.03
N GLY J 16 18.30 15.01 21.52
CA GLY J 16 17.76 14.16 20.48
C GLY J 16 18.20 14.61 19.09
N MET J 17 18.40 13.60 18.23
CA MET J 17 18.97 13.86 16.91
C MET J 17 17.98 14.58 16.01
N THR J 18 16.68 14.36 16.21
CA THR J 18 15.69 14.89 15.29
C THR J 18 15.58 16.41 15.40
N VAL J 19 16.05 16.97 16.52
CA VAL J 19 16.04 18.43 16.65
C VAL J 19 17.43 18.99 16.39
N ILE J 20 18.46 18.16 16.56
CA ILE J 20 19.84 18.58 16.31
C ILE J 20 20.06 18.86 14.84
N LYS J 21 19.43 18.08 13.96
CA LYS J 21 19.50 18.38 12.54
C LYS J 21 18.60 19.55 12.17
N GLN J 22 17.72 19.95 13.10
CA GLN J 22 16.86 21.10 12.85
C GLN J 22 17.45 22.36 13.46
N ILE J 23 18.16 22.24 14.58
CA ILE J 23 18.84 23.39 15.16
C ILE J 23 20.03 23.79 14.32
N THR J 24 20.82 22.82 13.87
CA THR J 24 21.97 23.13 13.02
C THR J 24 21.56 23.54 11.62
N ASP J 25 20.28 23.41 11.29
CA ASP J 25 19.74 24.08 10.10
C ASP J 25 19.69 25.58 10.31
N ASP J 26 19.12 26.02 11.43
CA ASP J 26 18.98 27.45 11.69
C ASP J 26 20.31 28.08 12.04
N LEU J 27 21.26 27.28 12.55
CA LEU J 27 22.59 27.81 12.82
C LEU J 27 23.36 28.00 11.52
N PHE J 28 22.98 27.28 10.46
CA PHE J 28 23.66 27.45 9.19
C PHE J 28 23.04 28.60 8.40
N VAL J 29 21.72 28.77 8.49
CA VAL J 29 21.04 29.85 7.79
C VAL J 29 21.45 31.20 8.35
N TRP J 30 21.74 31.26 9.64
CA TRP J 30 22.17 32.48 10.29
C TRP J 30 23.68 32.65 10.27
N ASN J 31 24.38 31.88 9.43
CA ASN J 31 25.82 31.95 9.15
C ASN J 31 26.68 31.73 10.37
N VAL J 32 26.23 30.96 11.36
CA VAL J 32 27.10 30.63 12.48
C VAL J 32 28.00 29.47 12.12
N LEU J 33 27.42 28.32 11.85
CA LEU J 33 28.15 27.13 11.44
C LEU J 33 28.21 27.10 9.92
N ASN J 34 29.37 26.83 9.36
CA ASN J 34 29.40 26.55 7.94
C ASN J 34 28.95 25.11 7.67
N ARG J 35 29.13 24.67 6.44
CA ARG J 35 28.63 23.35 6.07
C ARG J 35 29.49 22.24 6.69
N GLU J 36 30.79 22.47 6.79
CA GLU J 36 31.67 21.40 7.26
C GLU J 36 31.59 21.25 8.78
N GLU J 37 31.09 22.26 9.47
CA GLU J 37 30.87 22.11 10.91
C GLU J 37 29.49 21.54 11.20
N VAL J 38 28.63 21.44 10.17
CA VAL J 38 27.42 20.65 10.31
C VAL J 38 27.74 19.17 10.09
N ASN J 39 28.62 18.88 9.13
CA ASN J 39 28.97 17.50 8.81
C ASN J 39 29.76 16.84 9.93
N ILE J 40 30.41 17.63 10.78
CA ILE J 40 31.02 17.05 11.98
C ILE J 40 29.95 16.61 12.95
N ILE J 41 28.87 17.37 13.07
CA ILE J 41 27.79 17.04 13.99
C ILE J 41 26.92 15.92 13.44
N CYS J 42 26.29 16.13 12.29
CA CYS J 42 25.21 15.28 11.81
C CYS J 42 25.67 13.92 11.30
N CYS J 43 26.97 13.70 11.11
CA CYS J 43 27.42 12.41 10.60
C CYS J 43 27.65 11.41 11.72
N GLU J 44 27.66 11.88 12.97
CA GLU J 44 27.87 10.99 14.09
C GLU J 44 26.57 10.25 14.42
N LYS J 45 26.70 8.97 14.72
CA LYS J 45 25.53 8.10 14.73
C LYS J 45 24.70 8.27 16.00
N VAL J 46 25.36 8.29 17.15
CA VAL J 46 24.65 8.42 18.41
C VAL J 46 24.16 9.85 18.55
N GLU J 47 22.92 10.02 19.02
CA GLU J 47 22.37 11.35 19.21
C GLU J 47 23.03 12.12 20.34
N GLN J 48 23.71 11.43 21.26
CA GLN J 48 24.44 12.11 22.31
C GLN J 48 25.74 12.69 21.78
N ASP J 49 26.31 12.07 20.73
CA ASP J 49 27.58 12.54 20.21
C ASP J 49 27.38 13.77 19.34
N ALA J 50 26.30 13.82 18.57
CA ALA J 50 26.00 15.03 17.81
C ALA J 50 25.60 16.17 18.74
N ALA J 51 25.07 15.83 19.92
CA ALA J 51 24.77 16.85 20.90
C ALA J 51 26.02 17.40 21.54
N ARG J 52 27.06 16.57 21.68
CA ARG J 52 28.36 17.08 22.11
C ARG J 52 29.03 17.87 21.01
N GLY J 53 28.62 17.62 19.77
CA GLY J 53 29.25 18.30 18.65
C GLY J 53 28.76 19.73 18.48
N ILE J 54 27.48 19.97 18.79
CA ILE J 54 26.97 21.33 18.67
C ILE J 54 27.51 22.20 19.78
N ILE J 55 27.36 21.72 21.02
CA ILE J 55 27.56 22.55 22.21
C ILE J 55 29.00 22.98 22.34
N HIS J 56 29.93 22.13 21.94
CA HIS J 56 31.33 22.52 21.96
C HIS J 56 31.69 23.38 20.75
N MET J 57 30.77 23.52 19.80
CA MET J 57 30.99 24.51 18.75
C MET J 57 30.25 25.80 19.07
N ILE J 58 29.34 25.75 20.04
CA ILE J 58 28.69 26.97 20.51
C ILE J 58 29.59 27.71 21.46
N LEU J 59 30.16 26.99 22.43
CA LEU J 59 30.90 27.63 23.51
C LEU J 59 32.22 28.21 23.02
N LYS J 60 32.70 27.74 21.88
CA LYS J 60 33.88 28.34 21.28
C LYS J 60 33.49 29.57 20.46
N LYS J 61 32.25 29.61 19.97
CA LYS J 61 31.80 30.74 19.16
C LYS J 61 31.08 31.79 20.02
N GLY J 62 31.89 32.55 20.75
CA GLY J 62 31.44 33.75 21.43
C GLY J 62 30.40 33.56 22.50
N SER J 63 29.73 34.65 22.88
CA SER J 63 28.57 34.54 23.77
C SER J 63 27.32 35.04 23.06
N GLU J 64 27.47 36.01 22.15
CA GLU J 64 26.32 36.51 21.40
C GLU J 64 25.85 35.50 20.39
N SER J 65 26.73 34.59 19.97
CA SER J 65 26.33 33.53 19.05
C SER J 65 25.81 32.31 19.80
N CYS J 66 25.87 32.33 21.12
CA CYS J 66 25.21 31.29 21.90
C CYS J 66 23.71 31.50 21.90
N ASN J 67 23.27 32.75 21.69
CA ASN J 67 21.86 33.08 21.77
C ASN J 67 21.10 32.48 20.61
N LEU J 68 21.70 32.51 19.41
CA LEU J 68 21.03 32.04 18.20
C LEU J 68 20.81 30.53 18.24
N PHE J 69 21.66 29.80 18.96
CA PHE J 69 21.32 28.44 19.35
C PHE J 69 20.10 28.42 20.26
N LEU J 70 20.07 29.29 21.26
CA LEU J 70 19.05 29.20 22.29
C LEU J 70 17.72 29.75 21.78
N LYS J 71 17.77 30.66 20.81
CA LYS J 71 16.56 31.05 20.10
C LYS J 71 16.05 29.91 19.23
N SER J 72 16.97 29.10 18.71
CA SER J 72 16.55 27.97 17.89
C SER J 72 16.13 26.80 18.74
N LEU J 73 16.42 26.84 20.04
CA LEU J 73 15.97 25.78 20.93
C LEU J 73 14.64 26.14 21.57
N LYS J 74 14.26 27.42 21.54
CA LYS J 74 12.94 27.75 22.04
C LYS J 74 11.91 27.67 20.92
N GLU J 75 12.37 27.57 19.67
CA GLU J 75 11.45 27.30 18.57
C GLU J 75 11.30 25.81 18.31
N TRP J 76 12.41 25.13 18.05
CA TRP J 76 12.42 23.70 17.89
C TRP J 76 12.76 23.09 19.24
N ASN J 77 11.97 22.10 19.67
CA ASN J 77 12.05 21.48 21.01
C ASN J 77 11.88 22.53 22.11
N TYR J 78 10.72 23.15 22.15
CA TYR J 78 10.34 23.95 23.31
C TYR J 78 10.05 23.15 24.59
N PRO J 79 9.41 21.96 24.59
CA PRO J 79 9.18 21.28 25.88
C PRO J 79 10.42 20.85 26.62
N LEU J 80 11.56 20.70 25.95
CA LEU J 80 12.81 20.59 26.67
C LEU J 80 13.16 21.92 27.34
N PHE J 81 13.17 23.00 26.56
CA PHE J 81 13.61 24.31 27.04
C PHE J 81 12.65 24.88 28.07
N GLN J 82 11.38 24.49 28.01
CA GLN J 82 10.45 24.81 29.10
C GLN J 82 10.82 24.04 30.36
N ASP J 83 11.22 22.77 30.21
CA ASP J 83 11.57 21.98 31.38
C ASP J 83 13.02 22.22 31.78
N LEU J 84 13.81 22.78 30.86
CA LEU J 84 15.20 23.07 31.17
C LEU J 84 15.30 24.26 32.12
N ASN J 85 14.35 25.18 32.05
CA ASN J 85 14.31 26.33 32.93
C ASN J 85 13.62 25.99 34.23
N MET K 1 31.19 -13.48 33.71
CA MET K 1 30.47 -14.68 33.34
C MET K 1 31.27 -15.58 32.41
N ASN K 2 31.37 -16.86 32.77
CA ASN K 2 32.05 -17.82 31.91
C ASN K 2 31.16 -18.25 30.76
N PHE K 3 29.84 -18.19 30.96
CA PHE K 3 28.90 -18.66 29.95
C PHE K 3 28.85 -17.71 28.76
N ILE K 4 28.82 -16.40 29.02
CA ILE K 4 28.73 -15.43 27.94
C ILE K 4 30.03 -15.37 27.16
N LYS K 5 31.17 -15.47 27.86
CA LYS K 5 32.47 -15.39 27.20
C LYS K 5 32.71 -16.58 26.29
N ASP K 6 32.32 -17.77 26.73
CA ASP K 6 32.59 -18.97 25.94
C ASP K 6 31.66 -19.06 24.74
N ASN K 7 30.46 -18.48 24.86
CA ASN K 7 29.49 -18.57 23.77
C ASN K 7 29.43 -17.27 22.98
N SER K 8 30.38 -16.35 23.23
CA SER K 8 30.39 -15.04 22.60
C SER K 8 30.64 -15.11 21.10
N ARG K 9 31.26 -16.19 20.62
CA ARG K 9 31.44 -16.35 19.19
C ARG K 9 30.11 -16.62 18.51
N ALA K 10 29.25 -17.42 19.14
CA ALA K 10 27.94 -17.71 18.57
C ALA K 10 26.93 -16.64 18.94
N LEU K 11 27.12 -15.98 20.09
CA LEU K 11 26.18 -14.94 20.49
C LEU K 11 26.35 -13.66 19.69
N ILE K 12 27.48 -13.49 19.00
CA ILE K 12 27.56 -12.38 18.06
C ILE K 12 27.15 -12.82 16.68
N GLN K 13 26.74 -14.09 16.55
CA GLN K 13 26.39 -14.59 15.24
C GLN K 13 24.89 -14.86 15.12
N ARG K 14 24.35 -15.67 16.03
CA ARG K 14 22.96 -16.11 15.89
C ARG K 14 21.96 -15.27 16.66
N MET K 15 22.40 -14.16 17.23
CA MET K 15 21.55 -13.40 18.15
C MET K 15 20.43 -12.68 17.42
N GLY K 16 20.78 -11.77 16.52
CA GLY K 16 19.81 -11.07 15.70
C GLY K 16 19.40 -9.75 16.31
N MET K 17 19.15 -8.79 15.41
CA MET K 17 18.89 -7.41 15.83
C MET K 17 17.52 -7.28 16.49
N THR K 18 16.57 -8.13 16.08
CA THR K 18 15.19 -7.97 16.55
C THR K 18 15.06 -8.32 18.02
N VAL K 19 16.02 -9.07 18.57
CA VAL K 19 15.99 -9.38 19.98
C VAL K 19 16.97 -8.49 20.74
N ILE K 20 17.98 -7.97 20.04
CA ILE K 20 18.96 -7.08 20.66
C ILE K 20 18.33 -5.77 21.08
N LYS K 21 17.38 -5.27 20.28
CA LYS K 21 16.64 -4.09 20.69
C LYS K 21 15.60 -4.42 21.77
N GLN K 22 15.34 -5.72 21.98
CA GLN K 22 14.42 -6.13 23.03
C GLN K 22 15.16 -6.49 24.30
N ILE K 23 16.38 -7.02 24.19
CA ILE K 23 17.18 -7.30 25.36
C ILE K 23 17.69 -6.01 25.98
N THR K 24 18.17 -5.08 25.15
CA THR K 24 18.64 -3.79 25.66
C THR K 24 17.49 -2.91 26.14
N ASP K 25 16.25 -3.30 25.86
CA ASP K 25 15.12 -2.69 26.54
C ASP K 25 15.10 -3.09 28.01
N ASP K 26 15.20 -4.39 28.28
CA ASP K 26 15.13 -4.87 29.66
C ASP K 26 16.39 -4.53 30.43
N LEU K 27 17.51 -4.34 29.73
CA LEU K 27 18.73 -3.91 30.39
C LEU K 27 18.65 -2.45 30.78
N PHE K 28 17.81 -1.67 30.10
CA PHE K 28 17.65 -0.27 30.46
C PHE K 28 16.63 -0.09 31.57
N VAL K 29 15.57 -0.90 31.57
CA VAL K 29 14.55 -0.83 32.60
C VAL K 29 15.10 -1.26 33.94
N TRP K 30 16.05 -2.19 33.93
CA TRP K 30 16.68 -2.66 35.15
C TRP K 30 17.92 -1.85 35.51
N ASN K 31 18.10 -0.68 34.91
CA ASN K 31 19.14 0.31 35.18
C ASN K 31 20.55 -0.20 34.99
N VAL K 32 20.76 -1.17 34.09
CA VAL K 32 22.12 -1.59 33.79
C VAL K 32 22.75 -0.64 32.78
N LEU K 33 22.20 -0.58 31.59
CA LEU K 33 22.65 0.31 30.53
C LEU K 33 21.87 1.61 30.64
N ASN K 34 22.56 2.73 30.55
CA ASN K 34 21.82 3.97 30.40
C ASN K 34 21.40 4.14 28.93
N ARG K 35 20.90 5.33 28.61
CA ARG K 35 20.37 5.54 27.27
C ARG K 35 21.49 5.63 26.24
N GLU K 36 22.62 6.22 26.62
CA GLU K 36 23.69 6.44 25.64
C GLU K 36 24.45 5.16 25.36
N GLU K 37 24.36 4.17 26.25
CA GLU K 37 24.97 2.88 25.98
C GLU K 37 24.01 1.97 25.21
N VAL K 38 22.75 2.38 25.08
CA VAL K 38 21.86 1.73 24.13
C VAL K 38 22.09 2.27 22.72
N ASN K 39 22.33 3.59 22.62
CA ASN K 39 22.53 4.21 21.32
C ASN K 39 23.85 3.79 20.69
N ILE K 40 24.82 3.33 21.48
CA ILE K 40 26.01 2.74 20.90
C ILE K 40 25.68 1.41 20.25
N ILE K 41 24.80 0.63 20.86
CA ILE K 41 24.42 -0.66 20.33
C ILE K 41 23.48 -0.53 19.15
N CYS K 42 22.31 0.08 19.36
CA CYS K 42 21.21 0.00 18.42
C CYS K 42 21.39 0.86 17.17
N CYS K 43 22.40 1.73 17.14
CA CYS K 43 22.57 2.57 15.95
C CYS K 43 23.44 1.90 14.91
N GLU K 44 24.09 0.81 15.29
CA GLU K 44 24.95 0.10 14.35
C GLU K 44 24.09 -0.77 13.43
N LYS K 45 24.46 -0.79 12.14
CA LYS K 45 23.54 -1.31 11.14
C LYS K 45 23.53 -2.83 11.11
N VAL K 46 24.72 -3.44 11.12
CA VAL K 46 24.81 -4.89 11.07
C VAL K 46 24.39 -5.47 12.40
N GLU K 47 23.59 -6.54 12.38
CA GLU K 47 23.15 -7.17 13.62
C GLU K 47 24.27 -7.86 14.37
N GLN K 48 25.38 -8.17 13.70
CA GLN K 48 26.52 -8.74 14.40
C GLN K 48 27.27 -7.67 15.17
N ASP K 49 27.22 -6.42 14.71
CA ASP K 49 27.96 -5.36 15.38
C ASP K 49 27.24 -4.91 16.64
N ALA K 50 25.91 -4.87 16.61
CA ALA K 50 25.17 -4.54 17.81
C ALA K 50 25.26 -5.68 18.82
N ALA K 51 25.49 -6.90 18.33
CA ALA K 51 25.70 -8.03 19.23
C ALA K 51 27.07 -7.96 19.89
N ARG K 52 28.06 -7.41 19.19
CA ARG K 52 29.35 -7.14 19.82
C ARG K 52 29.25 -5.96 20.78
N GLY K 53 28.25 -5.11 20.57
CA GLY K 53 28.11 -3.94 21.41
C GLY K 53 27.51 -4.25 22.76
N ILE K 54 26.61 -5.22 22.82
CA ILE K 54 26.02 -5.57 24.11
C ILE K 54 27.03 -6.33 24.94
N ILE K 55 27.61 -7.38 24.37
CA ILE K 55 28.37 -8.37 25.12
C ILE K 55 29.62 -7.75 25.73
N HIS K 56 30.23 -6.82 25.03
CA HIS K 56 31.38 -6.14 25.60
C HIS K 56 30.96 -5.05 26.58
N MET K 57 29.66 -4.76 26.68
CA MET K 57 29.20 -3.91 27.77
C MET K 57 28.68 -4.75 28.92
N ILE K 58 28.46 -6.03 28.68
CA ILE K 58 28.08 -6.93 29.76
C ILE K 58 29.32 -7.34 30.54
N LEU K 59 30.37 -7.75 29.83
CA LEU K 59 31.53 -8.34 30.48
C LEU K 59 32.33 -7.30 31.27
N LYS K 60 32.14 -6.02 30.93
CA LYS K 60 32.75 -4.97 31.74
C LYS K 60 31.90 -4.67 32.96
N LYS K 61 30.59 -4.93 32.89
CA LYS K 61 29.68 -4.65 34.00
C LYS K 61 29.50 -5.89 34.88
N GLY K 62 30.53 -6.16 35.69
CA GLY K 62 30.43 -7.12 36.77
C GLY K 62 30.17 -8.56 36.36
N SER K 63 29.74 -9.38 37.32
CA SER K 63 29.26 -10.71 37.00
C SER K 63 27.81 -10.87 37.39
N GLU K 64 27.38 -10.16 38.43
CA GLU K 64 25.98 -10.23 38.83
C GLU K 64 25.08 -9.49 37.84
N SER K 65 25.65 -8.56 37.09
CA SER K 65 24.89 -7.86 36.06
C SER K 65 24.94 -8.60 34.73
N CYS K 66 25.72 -9.68 34.67
CA CYS K 66 25.66 -10.54 33.49
C CYS K 66 24.40 -11.37 33.50
N ASN K 67 23.85 -11.61 34.70
CA ASN K 67 22.68 -12.47 34.85
C ASN K 67 21.45 -11.83 34.23
N LEU K 68 21.29 -10.51 34.43
CA LEU K 68 20.11 -9.80 33.96
C LEU K 68 20.04 -9.76 32.45
N PHE K 69 21.20 -9.80 31.78
CA PHE K 69 21.21 -10.13 30.36
C PHE K 69 20.70 -11.53 30.11
N LEU K 70 21.16 -12.49 30.91
CA LEU K 70 20.88 -13.89 30.61
C LEU K 70 19.46 -14.25 31.01
N LYS K 71 18.91 -13.54 31.99
CA LYS K 71 17.48 -13.66 32.28
C LYS K 71 16.66 -13.05 31.16
N SER K 72 17.19 -12.02 30.51
CA SER K 72 16.46 -11.40 29.40
C SER K 72 16.66 -12.18 28.12
N LEU K 73 17.62 -13.12 28.10
CA LEU K 73 17.80 -13.96 26.93
C LEU K 73 17.01 -15.25 27.07
N LYS K 74 16.60 -15.61 28.28
CA LYS K 74 15.74 -16.78 28.41
C LYS K 74 14.28 -16.38 28.28
N GLU K 75 13.99 -15.08 28.33
CA GLU K 75 12.63 -14.63 28.04
C GLU K 75 12.46 -14.29 26.56
N TRP K 76 13.29 -13.39 26.04
CA TRP K 76 13.31 -13.05 24.64
C TRP K 76 14.37 -13.92 23.98
N ASN K 77 14.02 -14.57 22.87
CA ASN K 77 14.85 -15.56 22.17
C ASN K 77 15.25 -16.71 23.10
N TYR K 78 14.25 -17.44 23.56
CA TYR K 78 14.53 -18.73 24.22
C TYR K 78 15.04 -19.84 23.29
N PRO K 79 14.59 -20.02 22.03
CA PRO K 79 15.15 -21.13 21.23
C PRO K 79 16.62 -21.02 20.91
N LEU K 80 17.20 -19.83 20.97
CA LEU K 80 18.66 -19.75 20.96
C LEU K 80 19.23 -20.29 22.26
N PHE K 81 18.73 -19.78 23.39
CA PHE K 81 19.27 -20.13 24.71
C PHE K 81 19.00 -21.58 25.07
N GLN K 82 17.93 -22.16 24.53
CA GLN K 82 17.73 -23.60 24.64
C GLN K 82 18.79 -24.35 23.83
N ASP K 83 19.12 -23.85 22.65
CA ASP K 83 20.11 -24.53 21.81
C ASP K 83 21.52 -24.10 22.21
N LEU K 84 21.64 -23.00 22.94
CA LEU K 84 22.95 -22.55 23.38
C LEU K 84 23.48 -23.44 24.50
N ASN K 85 22.58 -24.01 25.29
CA ASN K 85 22.95 -24.91 26.36
C ASN K 85 23.12 -26.33 25.83
N MET L 1 40.17 -11.40 -10.81
CA MET L 1 39.45 -11.32 -12.07
C MET L 1 39.67 -10.01 -12.79
N ASN L 2 40.04 -10.09 -14.07
CA ASN L 2 40.20 -8.89 -14.87
C ASN L 2 38.86 -8.35 -15.33
N PHE L 3 37.87 -9.24 -15.45
CA PHE L 3 36.57 -8.83 -15.97
C PHE L 3 35.80 -7.99 -14.97
N ILE L 4 35.84 -8.39 -13.68
CA ILE L 4 35.10 -7.67 -12.66
C ILE L 4 35.75 -6.32 -12.39
N LYS L 5 37.09 -6.28 -12.39
CA LYS L 5 37.81 -5.04 -12.10
C LYS L 5 37.61 -4.00 -13.18
N ASP L 6 37.60 -4.43 -14.44
CA ASP L 6 37.48 -3.47 -15.54
C ASP L 6 36.05 -2.96 -15.67
N ASN L 7 35.07 -3.77 -15.25
CA ASN L 7 33.69 -3.37 -15.39
C ASN L 7 33.12 -2.91 -14.05
N SER L 8 33.97 -2.73 -13.05
CA SER L 8 33.55 -2.35 -11.70
C SER L 8 32.94 -0.96 -11.64
N ARG L 9 33.27 -0.10 -12.60
CA ARG L 9 32.65 1.23 -12.63
C ARG L 9 31.19 1.10 -13.02
N ALA L 10 30.87 0.21 -13.96
CA ALA L 10 29.49 0.04 -14.38
C ALA L 10 28.77 -0.96 -13.48
N LEU L 11 29.51 -1.89 -12.87
CA LEU L 11 28.87 -2.86 -12.00
C LEU L 11 28.49 -2.26 -10.65
N ILE L 12 29.04 -1.11 -10.29
CA ILE L 12 28.52 -0.42 -9.11
C ILE L 12 27.45 0.57 -9.52
N GLN L 13 27.13 0.62 -10.81
CA GLN L 13 26.15 1.60 -11.27
C GLN L 13 24.87 0.93 -11.71
N ARG L 14 24.95 -0.03 -12.64
CA ARG L 14 23.75 -0.60 -13.25
C ARG L 14 23.28 -1.89 -12.60
N MET L 15 23.88 -2.27 -11.48
CA MET L 15 23.63 -3.58 -10.90
C MET L 15 22.23 -3.66 -10.29
N GLY L 16 21.98 -2.84 -9.27
CA GLY L 16 20.67 -2.77 -8.66
C GLY L 16 20.56 -3.66 -7.44
N MET L 17 19.79 -3.16 -6.46
CA MET L 17 19.71 -3.82 -5.16
C MET L 17 18.92 -5.12 -5.25
N THR L 18 17.95 -5.19 -6.17
CA THR L 18 17.06 -6.34 -6.22
C THR L 18 17.78 -7.59 -6.70
N VAL L 19 18.93 -7.44 -7.35
CA VAL L 19 19.70 -8.60 -7.76
C VAL L 19 20.87 -8.82 -6.80
N ILE L 20 21.29 -7.76 -6.10
CA ILE L 20 22.39 -7.86 -5.14
C ILE L 20 21.99 -8.71 -3.96
N LYS L 21 20.74 -8.63 -3.53
CA LYS L 21 20.25 -9.52 -2.48
C LYS L 21 19.99 -10.92 -3.02
N GLN L 22 19.99 -11.07 -4.35
CA GLN L 22 19.82 -12.40 -4.94
C GLN L 22 21.16 -13.01 -5.29
N ILE L 23 22.15 -12.20 -5.65
CA ILE L 23 23.48 -12.72 -5.91
C ILE L 23 24.15 -13.12 -4.61
N THR L 24 24.04 -12.29 -3.57
CA THR L 24 24.62 -12.62 -2.28
C THR L 24 23.86 -13.75 -1.57
N ASP L 25 22.70 -14.13 -2.10
CA ASP L 25 22.09 -15.38 -1.69
C ASP L 25 22.89 -16.57 -2.19
N ASP L 26 23.21 -16.58 -3.49
CA ASP L 26 23.94 -17.71 -4.06
C ASP L 26 25.40 -17.72 -3.61
N LEU L 27 25.93 -16.56 -3.24
CA LEU L 27 27.28 -16.52 -2.71
C LEU L 27 27.33 -17.06 -1.29
N PHE L 28 26.20 -17.04 -0.59
CA PHE L 28 26.17 -17.60 0.76
C PHE L 28 25.91 -19.10 0.73
N VAL L 29 25.08 -19.56 -0.21
CA VAL L 29 24.77 -20.98 -0.33
C VAL L 29 26.00 -21.75 -0.78
N TRP L 30 26.87 -21.12 -1.58
CA TRP L 30 28.09 -21.74 -2.04
C TRP L 30 29.27 -21.48 -1.11
N ASN L 31 28.99 -21.03 0.12
CA ASN L 31 29.94 -20.83 1.21
C ASN L 31 31.05 -19.84 0.89
N VAL L 32 30.80 -18.86 0.02
CA VAL L 32 31.81 -17.83 -0.21
C VAL L 32 31.73 -16.76 0.88
N LEU L 33 30.60 -16.07 0.95
CA LEU L 33 30.34 -15.07 1.96
C LEU L 33 29.66 -15.73 3.13
N ASN L 34 30.10 -15.43 4.35
CA ASN L 34 29.32 -15.85 5.49
C ASN L 34 28.16 -14.88 5.71
N ARG L 35 27.47 -15.03 6.83
CA ARG L 35 26.29 -14.22 7.08
C ARG L 35 26.66 -12.77 7.38
N GLU L 36 27.77 -12.55 8.07
CA GLU L 36 28.10 -11.20 8.49
C GLU L 36 28.68 -10.39 7.34
N GLU L 37 29.16 -11.06 6.29
CA GLU L 37 29.60 -10.33 5.10
C GLU L 37 28.45 -10.10 4.14
N VAL L 38 27.30 -10.71 4.40
CA VAL L 38 26.08 -10.31 3.70
C VAL L 38 25.48 -9.09 4.37
N ASN L 39 25.53 -9.04 5.70
CA ASN L 39 24.94 -7.92 6.44
C ASN L 39 25.72 -6.63 6.24
N ILE L 40 27.00 -6.73 5.84
CA ILE L 40 27.71 -5.53 5.45
C ILE L 40 27.17 -4.99 4.14
N ILE L 41 26.83 -5.88 3.21
CA ILE L 41 26.31 -5.47 1.92
C ILE L 41 24.87 -5.01 2.02
N CYS L 42 23.98 -5.89 2.44
CA CYS L 42 22.54 -5.68 2.29
C CYS L 42 21.96 -4.65 3.25
N CYS L 43 22.71 -4.19 4.25
CA CYS L 43 22.15 -3.22 5.18
C CYS L 43 22.36 -1.79 4.69
N GLU L 44 23.19 -1.62 3.68
CA GLU L 44 23.44 -0.29 3.14
C GLU L 44 22.28 0.13 2.24
N LYS L 45 21.88 1.39 2.35
CA LYS L 45 20.60 1.82 1.79
C LYS L 45 20.69 2.03 0.29
N VAL L 46 21.73 2.73 -0.17
CA VAL L 46 21.88 3.01 -1.58
C VAL L 46 22.30 1.73 -2.30
N GLU L 47 21.70 1.47 -3.46
CA GLU L 47 22.04 0.28 -4.23
C GLU L 47 23.44 0.34 -4.82
N GLN L 48 24.03 1.52 -4.93
CA GLN L 48 25.40 1.63 -5.40
C GLN L 48 26.37 1.25 -4.30
N ASP L 49 25.98 1.45 -3.04
CA ASP L 49 26.89 1.15 -1.94
C ASP L 49 26.95 -0.34 -1.67
N ALA L 50 25.81 -1.04 -1.79
CA ALA L 50 25.83 -2.48 -1.66
C ALA L 50 26.54 -3.12 -2.84
N ALA L 51 26.55 -2.45 -3.98
CA ALA L 51 27.30 -2.93 -5.13
C ALA L 51 28.80 -2.77 -4.92
N ARG L 52 29.21 -1.72 -4.21
CA ARG L 52 30.61 -1.59 -3.82
C ARG L 52 30.96 -2.59 -2.74
N GLY L 53 29.95 -3.06 -2.01
CA GLY L 53 30.21 -3.98 -0.92
C GLY L 53 30.48 -5.39 -1.41
N ILE L 54 29.81 -5.81 -2.49
CA ILE L 54 30.05 -7.15 -3.00
C ILE L 54 31.41 -7.22 -3.67
N ILE L 55 31.66 -6.29 -4.59
CA ILE L 55 32.77 -6.39 -5.53
C ILE L 55 34.10 -6.30 -4.81
N HIS L 56 34.16 -5.51 -3.75
CA HIS L 56 35.39 -5.46 -2.97
C HIS L 56 35.49 -6.63 -2.01
N MET L 57 34.45 -7.45 -1.89
CA MET L 57 34.60 -8.71 -1.18
C MET L 57 34.85 -9.85 -2.16
N ILE L 58 34.62 -9.61 -3.45
CA ILE L 58 34.97 -10.59 -4.46
C ILE L 58 36.45 -10.54 -4.77
N LEU L 59 36.97 -9.32 -4.98
CA LEU L 59 38.34 -9.17 -5.45
C LEU L 59 39.35 -9.53 -4.38
N LYS L 60 38.93 -9.51 -3.12
CA LYS L 60 39.80 -10.00 -2.06
C LYS L 60 39.73 -11.51 -1.95
N LYS L 61 38.61 -12.11 -2.37
CA LYS L 61 38.45 -13.56 -2.28
C LYS L 61 38.87 -14.25 -3.58
N GLY L 62 40.18 -14.33 -3.79
CA GLY L 62 40.76 -15.16 -4.82
C GLY L 62 40.41 -14.78 -6.25
N SER L 63 40.65 -15.71 -7.17
CA SER L 63 40.17 -15.52 -8.54
C SER L 63 39.17 -16.61 -8.91
N GLU L 64 39.33 -17.80 -8.33
CA GLU L 64 38.38 -18.89 -8.61
C GLU L 64 37.05 -18.63 -7.92
N SER L 65 37.05 -17.81 -6.87
CA SER L 65 35.80 -17.45 -6.21
C SER L 65 35.17 -16.21 -6.84
N CYS L 66 35.86 -15.61 -7.80
CA CYS L 66 35.23 -14.55 -8.58
C CYS L 66 34.24 -15.13 -9.58
N ASN L 67 34.44 -16.39 -9.95
CA ASN L 67 33.61 -17.04 -10.96
C ASN L 67 32.21 -17.26 -10.45
N LEU L 68 32.09 -17.67 -9.18
CA LEU L 68 30.81 -18.01 -8.59
C LEU L 68 29.91 -16.79 -8.46
N PHE L 69 30.52 -15.61 -8.32
CA PHE L 69 29.78 -14.37 -8.53
C PHE L 69 29.32 -14.27 -9.97
N LEU L 70 30.19 -14.56 -10.92
CA LEU L 70 29.90 -14.28 -12.32
C LEU L 70 28.95 -15.33 -12.88
N LYS L 71 28.98 -16.54 -12.32
CA LYS L 71 27.96 -17.52 -12.64
C LYS L 71 26.61 -17.11 -12.06
N SER L 72 26.63 -16.41 -10.93
CA SER L 72 25.38 -15.95 -10.33
C SER L 72 24.90 -14.68 -11.00
N LEU L 73 25.75 -14.04 -11.79
CA LEU L 73 25.32 -12.85 -12.53
C LEU L 73 24.83 -13.22 -13.92
N LYS L 74 25.18 -14.42 -14.40
CA LYS L 74 24.62 -14.83 -15.67
C LYS L 74 23.29 -15.56 -15.46
N GLU L 75 22.98 -15.92 -14.22
CA GLU L 75 21.66 -16.46 -13.92
C GLU L 75 20.69 -15.36 -13.51
N TRP L 76 21.03 -14.60 -12.47
CA TRP L 76 20.25 -13.46 -12.05
C TRP L 76 20.85 -12.23 -12.72
N ASN L 77 19.98 -11.40 -13.33
CA ASN L 77 20.38 -10.25 -14.16
C ASN L 77 21.30 -10.66 -15.31
N TYR L 78 20.77 -11.50 -16.20
CA TYR L 78 21.45 -11.73 -17.47
C TYR L 78 21.45 -10.55 -18.45
N PRO L 79 20.38 -9.71 -18.60
CA PRO L 79 20.49 -8.61 -19.58
C PRO L 79 21.55 -7.56 -19.26
N LEU L 80 21.98 -7.45 -18.01
CA LEU L 80 23.18 -6.68 -17.74
C LEU L 80 24.40 -7.39 -18.30
N PHE L 81 24.58 -8.67 -17.94
CA PHE L 81 25.77 -9.42 -18.29
C PHE L 81 25.85 -9.70 -19.79
N GLN L 82 24.70 -9.74 -20.46
CA GLN L 82 24.69 -9.76 -21.92
C GLN L 82 25.19 -8.42 -22.47
N ASP L 83 24.78 -7.32 -21.85
CA ASP L 83 25.20 -6.01 -22.34
C ASP L 83 26.56 -5.64 -21.78
N LEU L 84 26.98 -6.33 -20.71
CA LEU L 84 28.28 -6.05 -20.12
C LEU L 84 29.39 -6.59 -21.02
N ASN L 85 29.12 -7.66 -21.75
CA ASN L 85 30.08 -8.23 -22.68
C ASN L 85 30.02 -7.52 -24.02
N MET M 1 23.22 30.30 -4.63
CA MET M 1 21.94 30.97 -4.56
C MET M 1 21.65 31.53 -3.17
N ASN M 2 21.27 32.80 -3.12
CA ASN M 2 20.90 33.41 -1.85
C ASN M 2 19.49 33.01 -1.45
N PHE M 3 18.65 32.69 -2.42
CA PHE M 3 17.25 32.37 -2.15
C PHE M 3 17.11 31.02 -1.48
N ILE M 4 17.85 30.02 -1.96
CA ILE M 4 17.74 28.68 -1.41
C ILE M 4 18.36 28.63 -0.02
N LYS M 5 19.48 29.34 0.18
CA LYS M 5 20.17 29.33 1.47
C LYS M 5 19.33 29.99 2.56
N ASP M 6 18.67 31.10 2.23
CA ASP M 6 17.91 31.83 3.24
C ASP M 6 16.61 31.10 3.58
N ASN M 7 16.08 30.34 2.64
CA ASN M 7 14.81 29.66 2.87
C ASN M 7 15.03 28.18 3.16
N SER M 8 16.29 27.78 3.37
CA SER M 8 16.64 26.39 3.59
C SER M 8 16.09 25.82 4.89
N ARG M 9 15.79 26.70 5.86
CA ARG M 9 15.16 26.22 7.09
C ARG M 9 13.73 25.78 6.83
N ALA M 10 13.01 26.52 5.97
CA ALA M 10 11.64 26.14 5.66
C ALA M 10 11.59 25.13 4.53
N LEU M 11 12.60 25.14 3.65
CA LEU M 11 12.59 24.18 2.54
C LEU M 11 12.98 22.78 3.00
N ILE M 12 13.57 22.64 4.18
CA ILE M 12 13.73 21.29 4.71
C ILE M 12 12.55 20.93 5.59
N GLN M 13 11.57 21.83 5.70
CA GLN M 13 10.44 21.56 6.58
C GLN M 13 9.17 21.34 5.79
N ARG M 14 8.79 22.28 4.93
CA ARG M 14 7.50 22.22 4.27
C ARG M 14 7.53 21.58 2.89
N MET M 15 8.67 21.02 2.51
CA MET M 15 8.85 20.57 1.12
C MET M 15 8.03 19.31 0.84
N GLY M 16 8.32 18.23 1.54
CA GLY M 16 7.55 17.00 1.42
C GLY M 16 8.18 16.04 0.43
N MET M 17 8.04 14.74 0.76
CA MET M 17 8.71 13.71 0.00
C MET M 17 8.09 13.52 -1.37
N THR M 18 6.78 13.79 -1.49
CA THR M 18 6.07 13.49 -2.73
C THR M 18 6.50 14.43 -3.86
N VAL M 19 7.09 15.57 -3.50
CA VAL M 19 7.59 16.47 -4.55
C VAL M 19 9.10 16.32 -4.68
N ILE M 20 9.76 15.83 -3.64
CA ILE M 20 11.21 15.63 -3.67
C ILE M 20 11.58 14.53 -4.65
N LYS M 21 10.75 13.49 -4.75
CA LYS M 21 10.98 12.47 -5.76
C LYS M 21 10.55 12.97 -7.14
N GLN M 22 9.84 14.09 -7.20
CA GLN M 22 9.46 14.66 -8.49
C GLN M 22 10.43 15.75 -8.91
N ILE M 23 11.00 16.47 -7.96
CA ILE M 23 12.02 17.46 -8.29
C ILE M 23 13.30 16.78 -8.71
N THR M 24 13.72 15.75 -7.97
CA THR M 24 14.94 15.03 -8.33
C THR M 24 14.76 14.17 -9.59
N ASP M 25 13.52 14.04 -10.06
CA ASP M 25 13.31 13.52 -11.41
C ASP M 25 13.78 14.52 -12.45
N ASP M 26 13.35 15.78 -12.33
CA ASP M 26 13.72 16.79 -13.32
C ASP M 26 15.18 17.19 -13.18
N LEU M 27 15.75 17.02 -12.00
CA LEU M 27 17.18 17.29 -11.82
C LEU M 27 18.02 16.21 -12.46
N PHE M 28 17.46 15.01 -12.63
CA PHE M 28 18.19 13.94 -13.30
C PHE M 28 18.06 14.02 -14.81
N VAL M 29 16.88 14.41 -15.29
CA VAL M 29 16.64 14.54 -16.73
C VAL M 29 17.48 15.67 -17.30
N TRP M 30 17.73 16.70 -16.52
CA TRP M 30 18.53 17.83 -16.96
C TRP M 30 20.01 17.64 -16.62
N ASN M 31 20.43 16.42 -16.30
CA ASN M 31 21.81 15.99 -16.06
C ASN M 31 22.49 16.72 -14.93
N VAL M 32 21.75 17.19 -13.93
CA VAL M 32 22.40 17.79 -12.77
C VAL M 32 22.85 16.70 -11.80
N LEU M 33 21.91 15.95 -11.26
CA LEU M 33 22.19 14.84 -10.36
C LEU M 33 22.30 13.58 -11.19
N ASN M 34 23.30 12.76 -10.93
CA ASN M 34 23.29 11.45 -11.52
C ASN M 34 22.38 10.52 -10.71
N ARG M 35 22.43 9.24 -11.02
CA ARG M 35 21.52 8.30 -10.38
C ARG M 35 21.90 8.06 -8.92
N GLU M 36 23.19 8.04 -8.62
CA GLU M 36 23.62 7.70 -7.28
C GLU M 36 23.43 8.87 -6.33
N GLU M 37 23.30 10.09 -6.85
CA GLU M 37 22.98 11.23 -6.00
C GLU M 37 21.48 11.39 -5.83
N VAL M 38 20.69 10.64 -6.60
CA VAL M 38 19.27 10.52 -6.30
C VAL M 38 19.06 9.48 -5.20
N ASN M 39 19.82 8.38 -5.24
CA ASN M 39 19.66 7.31 -4.26
C ASN M 39 20.12 7.74 -2.88
N ILE M 40 20.98 8.77 -2.79
CA ILE M 40 21.29 9.32 -1.49
C ILE M 40 20.09 10.07 -0.93
N ILE M 41 19.36 10.77 -1.77
CA ILE M 41 18.19 11.52 -1.34
C ILE M 41 17.01 10.61 -1.07
N CYS M 42 16.55 9.88 -2.08
CA CYS M 42 15.26 9.22 -2.04
C CYS M 42 15.23 7.98 -1.16
N CYS M 43 16.37 7.48 -0.68
CA CYS M 43 16.34 6.29 0.15
C CYS M 43 16.17 6.63 1.62
N GLU M 44 16.30 7.91 1.97
CA GLU M 44 16.13 8.31 3.35
C GLU M 44 14.65 8.39 3.69
N LYS M 45 14.29 7.93 4.89
CA LYS M 45 12.89 7.66 5.20
C LYS M 45 12.14 8.94 5.52
N VAL M 46 12.72 9.79 6.37
CA VAL M 46 12.05 11.01 6.76
C VAL M 46 12.09 11.99 5.60
N GLU M 47 10.97 12.67 5.36
CA GLU M 47 10.92 13.65 4.28
C GLU M 47 11.76 14.89 4.55
N GLN M 48 12.12 15.15 5.80
CA GLN M 48 13.00 16.26 6.10
C GLN M 48 14.44 15.91 5.77
N ASP M 49 14.79 14.62 5.83
CA ASP M 49 16.16 14.22 5.56
C ASP M 49 16.46 14.22 4.06
N ALA M 50 15.48 13.80 3.26
CA ALA M 50 15.66 13.88 1.82
C ALA M 50 15.66 15.32 1.35
N ALA M 51 15.00 16.20 2.10
CA ALA M 51 15.02 17.63 1.79
C ALA M 51 16.38 18.23 2.13
N ARG M 52 17.04 17.72 3.16
CA ARG M 52 18.42 18.12 3.43
C ARG M 52 19.37 17.53 2.40
N GLY M 53 18.95 16.44 1.76
CA GLY M 53 19.82 15.79 0.80
C GLY M 53 19.86 16.52 -0.52
N ILE M 54 18.75 17.12 -0.93
CA ILE M 54 18.75 17.84 -2.20
C ILE M 54 19.52 19.13 -2.06
N ILE M 55 19.18 19.92 -1.03
CA ILE M 55 19.60 21.31 -0.93
C ILE M 55 21.10 21.41 -0.75
N HIS M 56 21.68 20.45 -0.03
CA HIS M 56 23.12 20.46 0.11
C HIS M 56 23.81 19.86 -1.11
N MET M 57 23.05 19.31 -2.04
CA MET M 57 23.63 18.95 -3.33
C MET M 57 23.39 20.05 -4.36
N ILE M 58 22.48 20.96 -4.05
CA ILE M 58 22.28 22.12 -4.92
C ILE M 58 23.35 23.15 -4.66
N LEU M 59 23.59 23.46 -3.39
CA LEU M 59 24.47 24.58 -3.03
C LEU M 59 25.92 24.26 -3.34
N LYS M 60 26.25 22.99 -3.47
CA LYS M 60 27.59 22.63 -3.92
C LYS M 60 27.68 22.68 -5.43
N LYS M 61 26.56 22.52 -6.13
CA LYS M 61 26.57 22.53 -7.59
C LYS M 61 26.25 23.94 -8.12
N GLY M 62 27.24 24.81 -8.04
CA GLY M 62 27.22 26.09 -8.72
C GLY M 62 26.13 27.05 -8.27
N SER M 63 25.87 28.07 -9.10
CA SER M 63 24.72 28.93 -8.88
C SER M 63 23.75 28.84 -10.05
N GLU M 64 24.27 28.59 -11.25
CA GLU M 64 23.40 28.45 -12.41
C GLU M 64 22.64 27.14 -12.37
N SER M 65 23.16 26.15 -11.64
CA SER M 65 22.45 24.89 -11.48
C SER M 65 21.51 24.94 -10.29
N CYS M 66 21.52 26.02 -9.53
CA CYS M 66 20.50 26.21 -8.51
C CYS M 66 19.17 26.59 -9.13
N ASN M 67 19.21 27.17 -10.33
CA ASN M 67 18.01 27.64 -10.99
C ASN M 67 17.13 26.49 -11.43
N LEU M 68 17.75 25.42 -11.94
CA LEU M 68 17.01 24.29 -12.47
C LEU M 68 16.26 23.54 -11.37
N PHE M 69 16.78 23.59 -10.14
CA PHE M 69 15.96 23.23 -8.99
C PHE M 69 14.78 24.17 -8.84
N LEU M 70 15.02 25.47 -8.95
CA LEU M 70 13.99 26.44 -8.61
C LEU M 70 12.96 26.55 -9.72
N LYS M 71 13.37 26.24 -10.96
CA LYS M 71 12.39 26.08 -12.04
C LYS M 71 11.57 24.83 -11.83
N SER M 72 12.14 23.80 -11.21
CA SER M 72 11.39 22.58 -10.95
C SER M 72 10.54 22.73 -9.70
N LEU M 73 10.80 23.76 -8.91
CA LEU M 73 9.96 23.99 -7.73
C LEU M 73 8.81 24.94 -8.05
N LYS M 74 8.92 25.68 -9.16
CA LYS M 74 7.78 26.49 -9.55
C LYS M 74 6.83 25.71 -10.44
N GLU M 75 7.27 24.55 -10.92
CA GLU M 75 6.36 23.66 -11.64
C GLU M 75 5.71 22.65 -10.70
N TRP M 76 6.51 21.88 -9.99
CA TRP M 76 6.02 20.97 -8.97
C TRP M 76 6.07 21.70 -7.64
N ASN M 77 4.97 21.64 -6.89
CA ASN M 77 4.78 22.39 -5.63
C ASN M 77 4.94 23.90 -5.85
N TYR M 78 4.07 24.47 -6.67
CA TYR M 78 3.96 25.91 -6.74
C TYR M 78 3.35 26.59 -5.49
N PRO M 79 2.32 26.04 -4.79
CA PRO M 79 1.82 26.78 -3.60
C PRO M 79 2.81 26.94 -2.47
N LEU M 80 3.84 26.11 -2.39
CA LEU M 80 4.95 26.44 -1.50
C LEU M 80 5.72 27.64 -2.01
N PHE M 81 6.13 27.59 -3.29
CA PHE M 81 6.99 28.62 -3.87
C PHE M 81 6.25 29.95 -4.02
N GLN M 82 4.93 29.90 -4.15
CA GLN M 82 4.13 31.12 -4.06
C GLN M 82 4.16 31.68 -2.65
N ASP M 83 4.09 30.80 -1.65
CA ASP M 83 4.09 31.27 -0.27
C ASP M 83 5.52 31.48 0.23
N LEU M 84 6.49 30.90 -0.48
CA LEU M 84 7.89 31.07 -0.09
C LEU M 84 8.36 32.48 -0.42
N ASN M 85 7.80 33.08 -1.47
CA ASN M 85 8.13 34.44 -1.85
C ASN M 85 7.31 35.44 -1.06
N MET N 1 9.58 10.75 34.12
CA MET N 1 8.49 9.92 34.61
C MET N 1 8.97 8.53 35.02
N ASN N 2 8.59 8.12 36.24
CA ASN N 2 8.93 6.78 36.71
C ASN N 2 8.00 5.75 36.11
N PHE N 3 6.78 6.16 35.75
CA PHE N 3 5.78 5.23 35.24
C PHE N 3 6.13 4.76 33.84
N ILE N 4 6.55 5.68 32.98
CA ILE N 4 6.87 5.33 31.60
C ILE N 4 8.14 4.50 31.53
N LYS N 5 9.13 4.85 32.36
CA LYS N 5 10.41 4.14 32.35
C LYS N 5 10.26 2.70 32.83
N ASP N 6 9.45 2.48 33.86
CA ASP N 6 9.32 1.14 34.42
C ASP N 6 8.46 0.25 33.51
N ASN N 7 7.55 0.85 32.76
CA ASN N 7 6.68 0.06 31.90
C ASN N 7 7.12 0.12 30.44
N SER N 8 8.31 0.67 30.19
CA SER N 8 8.82 0.86 28.84
C SER N 8 9.09 -0.46 28.13
N ARG N 9 9.32 -1.54 28.88
CA ARG N 9 9.50 -2.84 28.26
C ARG N 9 8.19 -3.33 27.67
N ALA N 10 7.08 -3.10 28.36
CA ALA N 10 5.79 -3.52 27.83
C ALA N 10 5.20 -2.47 26.90
N LEU N 11 5.56 -1.20 27.10
CA LEU N 11 5.02 -0.15 26.23
C LEU N 11 5.68 -0.15 24.87
N ILE N 12 6.83 -0.82 24.71
CA ILE N 12 7.34 -1.00 23.36
C ILE N 12 6.87 -2.31 22.79
N GLN N 13 6.05 -3.04 23.55
CA GLN N 13 5.61 -4.35 23.09
C GLN N 13 4.12 -4.34 22.75
N ARG N 14 3.27 -3.93 23.70
CA ARG N 14 1.83 -4.08 23.52
C ARG N 14 1.16 -2.82 23.00
N MET N 15 1.93 -1.81 22.61
CA MET N 15 1.37 -0.52 22.27
C MET N 15 0.61 -0.56 20.95
N GLY N 16 1.30 -0.85 19.86
CA GLY N 16 0.69 -1.00 18.56
C GLY N 16 0.73 0.28 17.75
N MET N 17 0.88 0.08 16.44
CA MET N 17 1.11 1.21 15.54
C MET N 17 -0.15 2.05 15.38
N THR N 18 -1.33 1.42 15.48
CA THR N 18 -2.57 2.12 15.18
C THR N 18 -2.89 3.16 16.24
N VAL N 19 -2.29 3.05 17.42
CA VAL N 19 -2.49 4.06 18.45
C VAL N 19 -1.30 5.01 18.50
N ILE N 20 -0.14 4.56 18.03
CA ILE N 20 1.07 5.38 18.01
C ILE N 20 0.91 6.54 17.04
N LYS N 21 0.25 6.31 15.91
CA LYS N 21 -0.05 7.40 15.00
C LYS N 21 -1.19 8.27 15.53
N GLN N 22 -1.89 7.79 16.56
CA GLN N 22 -2.95 8.59 17.16
C GLN N 22 -2.45 9.33 18.39
N ILE N 23 -1.50 8.74 19.12
CA ILE N 23 -0.91 9.44 20.25
C ILE N 23 -0.01 10.57 19.77
N THR N 24 0.80 10.31 18.75
CA THR N 24 1.69 11.34 18.21
C THR N 24 0.90 12.40 17.42
N ASP N 25 -0.38 12.16 17.17
CA ASP N 25 -1.26 13.23 16.73
C ASP N 25 -1.50 14.23 17.84
N ASP N 26 -1.88 13.74 19.03
CA ASP N 26 -2.17 14.63 20.15
C ASP N 26 -0.91 15.26 20.72
N LEU N 27 0.23 14.60 20.54
CA LEU N 27 1.50 15.17 20.97
C LEU N 27 1.92 16.30 20.04
N PHE N 28 1.44 16.29 18.80
CA PHE N 28 1.77 17.36 17.89
C PHE N 28 0.83 18.54 18.05
N VAL N 29 -0.45 18.27 18.32
CA VAL N 29 -1.43 19.33 18.51
C VAL N 29 -1.13 20.12 19.78
N TRP N 30 -0.57 19.47 20.79
CA TRP N 30 -0.20 20.11 22.03
C TRP N 30 1.22 20.65 22.01
N ASN N 31 1.83 20.76 20.83
CA ASN N 31 3.14 21.36 20.56
C ASN N 31 4.28 20.68 21.30
N VAL N 32 4.17 19.38 21.59
CA VAL N 32 5.31 18.69 22.19
C VAL N 32 6.29 18.26 21.10
N LEU N 33 5.84 17.40 20.20
CA LEU N 33 6.65 16.93 19.08
C LEU N 33 6.36 17.85 17.90
N ASN N 34 7.41 18.27 17.21
CA ASN N 34 7.17 18.93 15.94
C ASN N 34 6.91 17.87 14.85
N ARG N 35 6.88 18.33 13.60
CA ARG N 35 6.53 17.42 12.53
C ARG N 35 7.65 16.44 12.24
N GLU N 36 8.90 16.89 12.36
CA GLU N 36 10.02 16.04 11.99
C GLU N 36 10.30 14.98 13.06
N GLU N 37 9.82 15.20 14.28
CA GLU N 37 9.93 14.17 15.30
C GLU N 37 8.77 13.21 15.26
N VAL N 38 7.74 13.52 14.47
CA VAL N 38 6.72 12.53 14.16
C VAL N 38 7.21 11.63 13.02
N ASN N 39 7.89 12.21 12.04
CA ASN N 39 8.37 11.44 10.90
C ASN N 39 9.48 10.48 11.28
N ILE N 40 10.17 10.74 12.39
CA ILE N 40 11.12 9.74 12.90
C ILE N 40 10.36 8.53 13.44
N ILE N 41 9.24 8.77 14.10
CA ILE N 41 8.46 7.69 14.67
C ILE N 41 7.67 6.94 13.60
N CYS N 42 6.78 7.63 12.90
CA CYS N 42 5.77 6.98 12.07
C CYS N 42 6.31 6.39 10.78
N CYS N 43 7.56 6.67 10.40
CA CYS N 43 8.08 6.11 9.15
C CYS N 43 8.71 4.75 9.37
N GLU N 44 8.92 4.36 10.63
CA GLU N 44 9.50 3.06 10.91
C GLU N 44 8.44 1.98 10.78
N LYS N 45 8.83 0.85 10.20
CA LYS N 45 7.85 -0.12 9.73
C LYS N 45 7.31 -0.96 10.88
N VAL N 46 8.20 -1.46 11.73
CA VAL N 46 7.77 -2.31 12.84
C VAL N 46 7.10 -1.44 13.89
N GLU N 47 5.98 -1.92 14.44
CA GLU N 47 5.28 -1.16 15.48
C GLU N 47 6.05 -1.09 16.79
N GLN N 48 7.02 -1.99 17.00
CA GLN N 48 7.84 -1.91 18.19
C GLN N 48 8.88 -0.82 18.04
N ASP N 49 9.30 -0.51 16.81
CA ASP N 49 10.33 0.49 16.61
C ASP N 49 9.76 1.90 16.75
N ALA N 50 8.53 2.10 16.26
CA ALA N 50 7.89 3.39 16.46
C ALA N 50 7.53 3.60 17.93
N ALA N 51 7.33 2.50 18.67
CA ALA N 51 7.10 2.61 20.09
C ALA N 51 8.36 2.97 20.84
N ARG N 52 9.52 2.52 20.35
CA ARG N 52 10.79 2.99 20.90
C ARG N 52 11.06 4.42 20.52
N GLY N 53 10.44 4.88 19.43
CA GLY N 53 10.69 6.23 18.95
C GLY N 53 9.95 7.27 19.77
N ILE N 54 8.75 6.94 20.25
CA ILE N 54 8.02 7.91 21.06
C ILE N 54 8.65 8.03 22.42
N ILE N 55 8.86 6.90 23.09
CA ILE N 55 9.17 6.86 24.51
C ILE N 55 10.53 7.49 24.78
N HIS N 56 11.46 7.32 23.86
CA HIS N 56 12.75 7.98 24.04
C HIS N 56 12.70 9.44 23.62
N MET N 57 11.59 9.88 23.03
CA MET N 57 11.40 11.31 22.84
C MET N 57 10.56 11.91 23.96
N ILE N 58 9.90 11.05 24.74
CA ILE N 58 9.19 11.52 25.92
C ILE N 58 10.16 11.75 27.07
N LEU N 59 11.04 10.77 27.31
CA LEU N 59 11.88 10.80 28.50
C LEU N 59 12.95 11.88 28.39
N LYS N 60 13.24 12.33 27.17
CA LYS N 60 14.14 13.46 27.02
C LYS N 60 13.39 14.77 27.20
N LYS N 61 12.08 14.78 26.94
CA LYS N 61 11.28 15.99 27.06
C LYS N 61 10.63 16.09 28.43
N GLY N 62 11.45 16.44 29.42
CA GLY N 62 10.97 16.83 30.74
C GLY N 62 10.23 15.76 31.52
N SER N 63 9.51 16.19 32.55
CA SER N 63 8.60 15.27 33.24
C SER N 63 7.16 15.74 33.12
N GLU N 64 6.95 17.06 33.02
CA GLU N 64 5.61 17.59 32.84
C GLU N 64 5.09 17.31 31.45
N SER N 65 5.99 17.09 30.49
CA SER N 65 5.56 16.74 29.14
C SER N 65 5.42 15.24 28.98
N CYS N 66 5.77 14.47 30.01
CA CYS N 66 5.47 13.05 29.99
C CYS N 66 3.98 12.82 30.23
N ASN N 67 3.33 13.76 30.90
CA ASN N 67 1.93 13.61 31.27
C ASN N 67 1.04 13.65 30.05
N LEU N 68 1.36 14.54 29.10
CA LEU N 68 0.52 14.73 27.92
C LEU N 68 0.55 13.51 27.01
N PHE N 69 1.64 12.75 27.04
CA PHE N 69 1.61 11.40 26.51
C PHE N 69 0.64 10.52 27.27
N LEU N 70 0.69 10.58 28.60
CA LEU N 70 -0.05 9.62 29.41
C LEU N 70 -1.52 9.99 29.46
N LYS N 71 -1.83 11.28 29.29
CA LYS N 71 -3.22 11.69 29.08
C LYS N 71 -3.72 11.22 27.72
N SER N 72 -2.82 11.15 26.74
CA SER N 72 -3.23 10.69 25.42
C SER N 72 -3.26 9.17 25.37
N LEU N 73 -2.70 8.51 26.37
CA LEU N 73 -2.77 7.05 26.41
C LEU N 73 -3.96 6.58 27.23
N LYS N 74 -4.53 7.47 28.05
CA LYS N 74 -5.75 7.09 28.74
C LYS N 74 -6.97 7.42 27.90
N GLU N 75 -6.79 8.21 26.84
CA GLU N 75 -7.89 8.43 25.89
C GLU N 75 -7.84 7.43 24.76
N TRP N 76 -6.74 7.35 24.04
CA TRP N 76 -6.52 6.36 23.01
C TRP N 76 -5.81 5.18 23.64
N ASN N 77 -6.32 3.97 23.39
CA ASN N 77 -5.85 2.72 24.03
C ASN N 77 -5.93 2.81 25.56
N TYR N 78 -7.14 2.96 26.07
CA TYR N 78 -7.38 2.77 27.49
C TYR N 78 -7.25 1.31 27.99
N PRO N 79 -7.68 0.25 27.27
CA PRO N 79 -7.51 -1.10 27.85
C PRO N 79 -6.08 -1.54 28.07
N LEU N 80 -5.12 -0.95 27.37
CA LEU N 80 -3.73 -1.15 27.77
C LEU N 80 -3.45 -0.45 29.10
N PHE N 81 -3.79 0.83 29.18
CA PHE N 81 -3.46 1.65 30.35
C PHE N 81 -4.26 1.22 31.58
N GLN N 82 -5.43 0.62 31.38
CA GLN N 82 -6.13 -0.03 32.48
C GLN N 82 -5.37 -1.26 32.94
N ASP N 83 -4.82 -2.04 31.99
CA ASP N 83 -4.11 -3.25 32.36
C ASP N 83 -2.66 -2.92 32.71
N LEU N 84 -2.19 -1.74 32.31
CA LEU N 84 -0.83 -1.34 32.63
C LEU N 84 -0.71 -0.99 34.11
N ASN N 85 -1.78 -0.49 34.70
CA ASN N 85 -1.81 -0.17 36.12
C ASN N 85 -2.13 -1.39 36.95
N MET O 1 20.61 -26.44 10.34
CA MET O 1 20.02 -27.33 9.34
C MET O 1 20.73 -27.25 8.00
N ASN O 2 21.11 -28.41 7.46
CA ASN O 2 21.73 -28.46 6.15
C ASN O 2 20.70 -28.31 5.05
N PHE O 3 19.46 -28.72 5.33
CA PHE O 3 18.41 -28.70 4.32
C PHE O 3 17.96 -27.29 4.00
N ILE O 4 17.79 -26.46 5.02
CA ILE O 4 17.32 -25.09 4.82
C ILE O 4 18.41 -24.26 4.16
N LYS O 5 19.67 -24.46 4.57
CA LYS O 5 20.78 -23.68 4.02
C LYS O 5 21.02 -23.98 2.54
N ASP O 6 20.91 -25.24 2.16
CA ASP O 6 21.19 -25.61 0.77
C ASP O 6 20.04 -25.21 -0.15
N ASN O 7 18.83 -25.14 0.39
CA ASN O 7 17.68 -24.78 -0.45
C ASN O 7 17.26 -23.33 -0.23
N SER O 8 18.09 -22.56 0.48
CA SER O 8 17.77 -21.18 0.82
C SER O 8 17.70 -20.27 -0.40
N ARG O 9 18.37 -20.65 -1.49
CA ARG O 9 18.27 -19.86 -2.71
C ARG O 9 16.88 -19.99 -3.31
N ALA O 10 16.31 -21.20 -3.27
CA ALA O 10 14.97 -21.41 -3.81
C ALA O 10 13.90 -21.07 -2.79
N LEU O 11 14.22 -21.20 -1.50
CA LEU O 11 13.23 -20.89 -0.47
C LEU O 11 13.04 -19.39 -0.29
N ILE O 12 13.96 -18.57 -0.79
CA ILE O 12 13.67 -17.14 -0.81
C ILE O 12 13.05 -16.76 -2.14
N GLN O 13 12.83 -17.74 -3.00
CA GLN O 13 12.30 -17.42 -4.32
C GLN O 13 10.87 -17.93 -4.48
N ARG O 14 10.65 -19.23 -4.26
CA ARG O 14 9.36 -19.83 -4.55
C ARG O 14 8.42 -19.91 -3.35
N MET O 15 8.79 -19.29 -2.24
CA MET O 15 8.05 -19.48 -1.00
C MET O 15 6.70 -18.78 -1.04
N GLY O 16 6.71 -17.46 -1.17
CA GLY O 16 5.49 -16.68 -1.30
C GLY O 16 5.01 -16.14 0.02
N MET O 17 4.44 -14.93 -0.05
CA MET O 17 4.06 -14.20 1.16
C MET O 17 2.87 -14.84 1.84
N THR O 18 1.98 -15.48 1.07
CA THR O 18 0.73 -15.98 1.62
C THR O 18 0.97 -17.17 2.54
N VAL O 19 2.12 -17.82 2.41
CA VAL O 19 2.43 -18.91 3.33
C VAL O 19 3.40 -18.45 4.41
N ILE O 20 4.14 -17.38 4.13
CA ILE O 20 5.10 -16.82 5.10
C ILE O 20 4.36 -16.24 6.29
N LYS O 21 3.20 -15.63 6.06
CA LYS O 21 2.39 -15.15 7.18
C LYS O 21 1.67 -16.31 7.85
N GLN O 22 1.67 -17.49 7.22
CA GLN O 22 1.06 -18.66 7.83
C GLN O 22 2.08 -19.52 8.54
N ILE O 23 3.32 -19.54 8.03
CA ILE O 23 4.39 -20.26 8.72
C ILE O 23 4.80 -19.53 9.97
N THR O 24 4.95 -18.20 9.89
CA THR O 24 5.32 -17.41 11.06
C THR O 24 4.17 -17.31 12.07
N ASP O 25 2.98 -17.75 11.68
CA ASP O 25 1.93 -17.97 12.67
C ASP O 25 2.27 -19.17 13.55
N ASP O 26 2.63 -20.30 12.93
CA ASP O 26 2.92 -21.51 13.70
C ASP O 26 4.25 -21.39 14.43
N LEU O 27 5.15 -20.55 13.93
CA LEU O 27 6.41 -20.32 14.64
C LEU O 27 6.19 -19.45 15.86
N PHE O 28 5.11 -18.66 15.88
CA PHE O 28 4.82 -17.85 17.05
C PHE O 28 4.04 -18.65 18.10
N VAL O 29 3.14 -19.52 17.64
CA VAL O 29 2.34 -20.33 18.56
C VAL O 29 3.23 -21.33 19.29
N TRP O 30 4.29 -21.79 18.63
CA TRP O 30 5.23 -22.72 19.24
C TRP O 30 6.37 -22.02 19.95
N ASN O 31 6.24 -20.72 20.22
CA ASN O 31 7.15 -19.87 20.98
C ASN O 31 8.55 -19.79 20.41
N VAL O 32 8.71 -19.93 19.09
CA VAL O 32 10.03 -19.74 18.50
C VAL O 32 10.29 -18.25 18.28
N LEU O 33 9.49 -17.63 17.43
CA LEU O 33 9.58 -16.20 17.15
C LEU O 33 8.65 -15.48 18.10
N ASN O 34 9.12 -14.40 18.70
CA ASN O 34 8.17 -13.55 19.41
C ASN O 34 7.44 -12.65 18.41
N ARG O 35 6.71 -11.67 18.95
CA ARG O 35 5.88 -10.84 18.08
C ARG O 35 6.73 -9.88 17.27
N GLU O 36 7.81 -9.38 17.86
CA GLU O 36 8.60 -8.36 17.18
C GLU O 36 9.49 -8.97 16.10
N GLU O 37 9.73 -10.28 16.17
CA GLU O 37 10.46 -10.94 15.10
C GLU O 37 9.53 -11.41 14.00
N VAL O 38 8.21 -11.34 14.24
CA VAL O 38 7.26 -11.49 13.15
C VAL O 38 7.11 -10.17 12.39
N ASN O 39 7.12 -9.05 13.12
CA ASN O 39 6.95 -7.74 12.51
C ASN O 39 8.15 -7.35 11.66
N ILE O 40 9.31 -7.94 11.92
CA ILE O 40 10.43 -7.74 11.03
C ILE O 40 10.18 -8.45 9.69
N ILE O 41 9.58 -9.62 9.75
CA ILE O 41 9.31 -10.38 8.53
C ILE O 41 8.12 -9.81 7.77
N CYS O 42 6.95 -9.78 8.39
CA CYS O 42 5.70 -9.55 7.69
C CYS O 42 5.49 -8.10 7.26
N CYS O 43 6.32 -7.15 7.71
CA CYS O 43 6.10 -5.76 7.32
C CYS O 43 6.84 -5.44 6.02
N GLU O 44 7.72 -6.33 5.58
CA GLU O 44 8.46 -6.09 4.36
C GLU O 44 7.57 -6.41 3.16
N LYS O 45 7.65 -5.56 2.12
CA LYS O 45 6.64 -5.58 1.08
C LYS O 45 6.86 -6.73 0.10
N VAL O 46 8.10 -6.90 -0.36
CA VAL O 46 8.41 -7.95 -1.31
C VAL O 46 8.37 -9.29 -0.61
N GLU O 47 7.75 -10.29 -1.26
CA GLU O 47 7.68 -11.63 -0.68
C GLU O 47 9.03 -12.32 -0.61
N GLN O 48 10.01 -11.88 -1.38
CA GLN O 48 11.35 -12.44 -1.28
C GLN O 48 12.07 -11.90 -0.06
N ASP O 49 11.72 -10.68 0.37
CA ASP O 49 12.41 -10.10 1.50
C ASP O 49 11.92 -10.69 2.82
N ALA O 50 10.61 -10.96 2.91
CA ALA O 50 10.10 -11.64 4.09
C ALA O 50 10.58 -13.09 4.14
N ALA O 51 10.88 -13.66 2.98
CA ALA O 51 11.45 -15.01 2.95
C ALA O 51 12.90 -14.99 3.42
N ARG O 52 13.63 -13.91 3.15
CA ARG O 52 14.96 -13.76 3.73
C ARG O 52 14.88 -13.47 5.21
N GLY O 53 13.74 -12.96 5.66
CA GLY O 53 13.60 -12.59 7.06
C GLY O 53 13.36 -13.79 7.94
N ILE O 54 12.64 -14.80 7.43
CA ILE O 54 12.39 -15.99 8.25
C ILE O 54 13.66 -16.80 8.36
N ILE O 55 14.26 -17.10 7.21
CA ILE O 55 15.31 -18.12 7.11
C ILE O 55 16.54 -17.71 7.88
N HIS O 56 16.84 -16.42 7.90
CA HIS O 56 17.97 -15.96 8.69
C HIS O 56 17.61 -15.83 10.16
N MET O 57 16.32 -15.99 10.51
CA MET O 57 15.97 -16.11 11.92
C MET O 57 15.84 -17.57 12.32
N ILE O 58 15.77 -18.46 11.34
CA ILE O 58 15.78 -19.89 11.62
C ILE O 58 17.20 -20.35 11.89
N LEU O 59 18.13 -19.98 11.01
CA LEU O 59 19.47 -20.52 11.07
C LEU O 59 20.24 -20.00 12.27
N LYS O 60 19.80 -18.88 12.83
CA LYS O 60 20.38 -18.42 14.08
C LYS O 60 19.77 -19.13 15.28
N LYS O 61 18.54 -19.61 15.14
CA LYS O 61 17.86 -20.29 16.23
C LYS O 61 18.05 -21.80 16.15
N GLY O 62 19.24 -22.24 16.53
CA GLY O 62 19.53 -23.64 16.77
C GLY O 62 19.41 -24.55 15.56
N SER O 63 19.34 -25.86 15.82
CA SER O 63 19.01 -26.80 14.75
C SER O 63 17.70 -27.52 15.05
N GLU O 64 17.39 -27.71 16.33
CA GLU O 64 16.14 -28.36 16.70
C GLU O 64 14.96 -27.43 16.45
N SER O 65 15.21 -26.13 16.43
CA SER O 65 14.14 -25.17 16.12
C SER O 65 14.03 -24.93 14.63
N CYS O 66 14.94 -25.50 13.84
CA CYS O 66 14.77 -25.47 12.39
C CYS O 66 13.68 -26.43 11.95
N ASN O 67 13.43 -27.46 12.77
CA ASN O 67 12.47 -28.49 12.41
C ASN O 67 11.05 -27.95 12.43
N LEU O 68 10.74 -27.11 13.42
CA LEU O 68 9.39 -26.59 13.59
C LEU O 68 9.00 -25.65 12.45
N PHE O 69 9.99 -25.00 11.83
CA PHE O 69 9.76 -24.40 10.52
C PHE O 69 9.43 -25.45 9.49
N LEU O 70 10.18 -26.54 9.46
CA LEU O 70 10.06 -27.49 8.36
C LEU O 70 8.84 -28.35 8.54
N LYS O 71 8.39 -28.55 9.79
CA LYS O 71 7.10 -29.17 10.02
C LYS O 71 5.98 -28.24 9.60
N SER O 72 6.19 -26.93 9.71
CA SER O 72 5.17 -25.99 9.29
C SER O 72 5.21 -25.76 7.78
N LEU O 73 6.28 -26.21 7.13
CA LEU O 73 6.33 -26.10 5.68
C LEU O 73 5.81 -27.37 5.02
N LYS O 74 5.71 -28.47 5.77
CA LYS O 74 5.10 -29.65 5.18
C LYS O 74 3.59 -29.64 5.43
N GLU O 75 3.11 -28.75 6.30
CA GLU O 75 1.68 -28.58 6.45
C GLU O 75 1.16 -27.48 5.55
N TRP O 76 1.70 -26.28 5.66
CA TRP O 76 1.38 -25.17 4.78
C TRP O 76 2.40 -25.18 3.66
N ASN O 77 1.93 -25.09 2.40
CA ASN O 77 2.75 -25.21 1.18
C ASN O 77 3.50 -26.54 1.15
N TYR O 78 2.75 -27.63 1.11
CA TYR O 78 3.35 -28.92 0.79
C TYR O 78 3.82 -29.09 -0.66
N PRO O 79 3.14 -28.59 -1.72
CA PRO O 79 3.68 -28.81 -3.07
C PRO O 79 5.03 -28.17 -3.35
N LEU O 80 5.42 -27.14 -2.59
CA LEU O 80 6.81 -26.72 -2.65
C LEU O 80 7.72 -27.76 -2.02
N PHE O 81 7.40 -28.18 -0.79
CA PHE O 81 8.25 -29.09 -0.03
C PHE O 81 8.28 -30.48 -0.64
N GLN O 82 7.23 -30.87 -1.36
CA GLN O 82 7.28 -32.08 -2.18
C GLN O 82 8.25 -31.90 -3.33
N ASP O 83 8.24 -30.72 -3.96
CA ASP O 83 9.13 -30.50 -5.10
C ASP O 83 10.51 -30.05 -4.62
N LEU O 84 10.61 -29.63 -3.36
CA LEU O 84 11.90 -29.22 -2.82
C LEU O 84 12.77 -30.43 -2.56
N ASN O 85 12.16 -31.56 -2.24
CA ASN O 85 12.89 -32.80 -2.02
C ASN O 85 13.15 -33.52 -3.34
N MET P 1 19.43 4.17 -23.36
CA MET P 1 18.45 4.81 -24.23
C MET P 1 18.31 6.30 -23.95
N ASN P 2 18.41 7.10 -25.02
CA ASN P 2 18.21 8.53 -24.88
C ASN P 2 16.73 8.87 -24.79
N PHE P 3 15.88 8.04 -25.37
CA PHE P 3 14.46 8.32 -25.41
C PHE P 3 13.81 8.15 -24.04
N ILE P 4 14.18 7.09 -23.33
CA ILE P 4 13.58 6.82 -22.02
C ILE P 4 14.07 7.85 -21.00
N LYS P 5 15.36 8.21 -21.07
CA LYS P 5 15.93 9.15 -20.11
C LYS P 5 15.34 10.55 -20.26
N ASP P 6 15.12 10.99 -21.51
CA ASP P 6 14.62 12.34 -21.73
C ASP P 6 13.14 12.44 -21.39
N ASN P 7 12.41 11.33 -21.53
CA ASN P 7 10.98 11.36 -21.25
C ASN P 7 10.65 10.76 -19.91
N SER P 8 11.67 10.51 -19.08
CA SER P 8 11.50 9.87 -17.78
C SER P 8 10.72 10.73 -16.80
N ARG P 9 10.70 12.04 -17.00
CA ARG P 9 9.90 12.90 -16.15
C ARG P 9 8.42 12.68 -16.42
N ALA P 10 8.05 12.50 -17.68
CA ALA P 10 6.65 12.27 -18.01
C ALA P 10 6.29 10.79 -17.90
N LEU P 11 7.28 9.90 -18.09
CA LEU P 11 6.99 8.47 -17.99
C LEU P 11 6.84 8.02 -16.54
N ILE P 12 7.28 8.82 -15.57
CA ILE P 12 6.92 8.48 -14.20
C ILE P 12 5.65 9.21 -13.79
N GLN P 13 5.06 9.95 -14.72
CA GLN P 13 3.87 10.71 -14.38
C GLN P 13 2.63 10.15 -15.05
N ARG P 14 2.66 10.02 -16.39
CA ARG P 14 1.45 9.66 -17.12
C ARG P 14 1.33 8.17 -17.41
N MET P 15 2.22 7.35 -16.84
CA MET P 15 2.28 5.95 -17.21
C MET P 15 1.09 5.17 -16.69
N GLY P 16 0.94 5.10 -15.38
CA GLY P 16 -0.20 4.46 -14.76
C GLY P 16 0.09 3.02 -14.38
N MET P 17 -0.50 2.61 -13.26
CA MET P 17 -0.21 1.30 -12.69
C MET P 17 -0.80 0.18 -13.52
N THR P 18 -1.92 0.44 -14.20
CA THR P 18 -2.62 -0.62 -14.91
C THR P 18 -1.84 -1.10 -16.13
N VAL P 19 -0.90 -0.30 -16.60
CA VAL P 19 -0.07 -0.74 -17.72
C VAL P 19 1.30 -1.18 -17.22
N ILE P 20 1.70 -0.70 -16.04
CA ILE P 20 2.98 -1.07 -15.44
C ILE P 20 2.99 -2.55 -15.05
N LYS P 21 1.85 -3.05 -14.58
CA LYS P 21 1.75 -4.48 -14.31
C LYS P 21 1.59 -5.27 -15.59
N GLN P 22 1.33 -4.59 -16.70
CA GLN P 22 1.23 -5.27 -17.99
C GLN P 22 2.54 -5.20 -18.76
N ILE P 23 3.29 -4.10 -18.59
CA ILE P 23 4.60 -4.01 -19.21
C ILE P 23 5.59 -4.93 -18.53
N THR P 24 5.57 -4.95 -17.19
CA THR P 24 6.47 -5.84 -16.46
C THR P 24 6.06 -7.31 -16.58
N ASP P 25 4.88 -7.57 -17.14
CA ASP P 25 4.56 -8.92 -17.58
C ASP P 25 5.41 -9.32 -18.78
N ASP P 26 5.44 -8.46 -19.80
CA ASP P 26 6.18 -8.78 -21.02
C ASP P 26 7.68 -8.69 -20.79
N LEU P 27 8.11 -7.91 -19.79
CA LEU P 27 9.53 -7.85 -19.46
C LEU P 27 9.95 -9.11 -18.73
N PHE P 28 9.02 -9.80 -18.10
CA PHE P 28 9.36 -11.05 -17.42
C PHE P 28 9.34 -12.22 -18.38
N VAL P 29 8.39 -12.22 -19.33
CA VAL P 29 8.29 -13.29 -20.31
C VAL P 29 9.49 -13.29 -21.24
N TRP P 30 10.05 -12.11 -21.50
CA TRP P 30 11.22 -12.00 -22.35
C TRP P 30 12.53 -12.06 -21.55
N ASN P 31 12.46 -12.53 -20.31
CA ASN P 31 13.59 -12.81 -19.41
C ASN P 31 14.43 -11.58 -19.11
N VAL P 32 13.86 -10.38 -19.13
CA VAL P 32 14.62 -9.21 -18.72
C VAL P 32 14.62 -9.08 -17.20
N LEU P 33 13.44 -8.89 -16.62
CA LEU P 33 13.28 -8.80 -15.18
C LEU P 33 12.96 -10.20 -14.66
N ASN P 34 13.62 -10.59 -13.57
CA ASN P 34 13.16 -11.79 -12.92
C ASN P 34 11.95 -11.48 -12.04
N ARG P 35 11.56 -12.45 -11.21
CA ARG P 35 10.34 -12.28 -10.43
C ARG P 35 10.54 -11.28 -9.30
N GLU P 36 11.73 -11.26 -8.71
CA GLU P 36 11.95 -10.41 -7.55
C GLU P 36 12.14 -8.94 -7.96
N GLU P 37 12.47 -8.70 -9.23
CA GLU P 37 12.54 -7.32 -9.71
C GLU P 37 11.18 -6.84 -10.21
N VAL P 38 10.21 -7.76 -10.32
CA VAL P 38 8.83 -7.34 -10.51
C VAL P 38 8.21 -6.97 -9.17
N ASN P 39 8.54 -7.74 -8.12
CA ASN P 39 7.97 -7.49 -6.79
C ASN P 39 8.49 -6.19 -6.19
N ILE P 40 9.64 -5.70 -6.65
CA ILE P 40 10.08 -4.38 -6.24
C ILE P 40 9.19 -3.32 -6.85
N ILE P 41 8.79 -3.51 -8.11
CA ILE P 41 7.95 -2.55 -8.79
C ILE P 41 6.50 -2.63 -8.32
N CYS P 42 5.86 -3.78 -8.49
CA CYS P 42 4.42 -3.89 -8.37
C CYS P 42 3.92 -3.85 -6.93
N CYS P 43 4.79 -3.91 -5.93
CA CYS P 43 4.30 -3.88 -4.55
C CYS P 43 4.19 -2.45 -4.04
N GLU P 44 4.74 -1.49 -4.76
CA GLU P 44 4.66 -0.11 -4.35
C GLU P 44 3.29 0.47 -4.68
N LYS P 45 2.74 1.25 -3.76
CA LYS P 45 1.33 1.59 -3.82
C LYS P 45 1.05 2.68 -4.84
N VAL P 46 1.85 3.74 -4.82
CA VAL P 46 1.65 4.85 -5.75
C VAL P 46 2.09 4.42 -7.14
N GLU P 47 1.29 4.77 -8.15
CA GLU P 47 1.64 4.43 -9.52
C GLU P 47 2.84 5.18 -10.04
N GLN P 48 3.21 6.30 -9.42
CA GLN P 48 4.41 7.01 -9.81
C GLN P 48 5.65 6.30 -9.28
N ASP P 49 5.52 5.59 -8.16
CA ASP P 49 6.68 4.94 -7.58
C ASP P 49 7.01 3.65 -8.32
N ALA P 50 6.00 2.92 -8.77
CA ALA P 50 6.27 1.75 -9.60
C ALA P 50 6.79 2.16 -10.96
N ALA P 51 6.45 3.37 -11.41
CA ALA P 51 6.98 3.87 -12.66
C ALA P 51 8.45 4.27 -12.50
N ARG P 52 8.85 4.72 -11.31
CA ARG P 52 10.27 4.94 -11.03
C ARG P 52 10.98 3.61 -10.88
N GLY P 53 10.25 2.57 -10.54
CA GLY P 53 10.87 1.27 -10.31
C GLY P 53 11.23 0.57 -11.60
N ILE P 54 10.41 0.75 -12.65
CA ILE P 54 10.74 0.09 -13.92
C ILE P 54 11.90 0.80 -14.57
N ILE P 55 11.81 2.11 -14.70
CA ILE P 55 12.69 2.90 -15.57
C ILE P 55 14.12 2.85 -15.06
N HIS P 56 14.29 2.83 -13.75
CA HIS P 56 15.64 2.71 -13.21
C HIS P 56 16.13 1.27 -13.23
N MET P 57 15.26 0.32 -13.59
CA MET P 57 15.74 -1.03 -13.86
C MET P 57 15.95 -1.23 -15.35
N ILE P 58 15.41 -0.33 -16.16
CA ILE P 58 15.67 -0.38 -17.59
C ILE P 58 17.03 0.22 -17.90
N LEU P 59 17.30 1.40 -17.33
CA LEU P 59 18.49 2.16 -17.70
C LEU P 59 19.75 1.49 -17.18
N LYS P 60 19.62 0.63 -16.17
CA LYS P 60 20.76 -0.15 -15.74
C LYS P 60 20.95 -1.38 -16.62
N LYS P 61 19.87 -1.86 -17.23
CA LYS P 61 19.95 -3.05 -18.08
C LYS P 61 20.17 -2.67 -19.54
N GLY P 62 21.41 -2.29 -19.85
CA GLY P 62 21.86 -2.14 -21.22
C GLY P 62 21.16 -1.08 -22.04
N SER P 63 21.32 -1.16 -23.37
CA SER P 63 20.54 -0.31 -24.25
C SER P 63 19.65 -1.17 -25.16
N GLU P 64 20.11 -2.38 -25.48
CA GLU P 64 19.31 -3.27 -26.31
C GLU P 64 18.13 -3.83 -25.53
N SER P 65 18.23 -3.84 -24.20
CA SER P 65 17.11 -4.28 -23.38
C SER P 65 16.19 -3.13 -23.02
N CYS P 66 16.56 -1.91 -23.43
CA CYS P 66 15.62 -0.80 -23.30
C CYS P 66 14.54 -0.89 -24.36
N ASN P 67 14.84 -1.56 -25.48
CA ASN P 67 13.91 -1.65 -26.60
C ASN P 67 12.71 -2.50 -26.24
N LEU P 68 12.93 -3.60 -25.52
CA LEU P 68 11.86 -4.53 -25.19
C LEU P 68 10.85 -3.92 -24.24
N PHE P 69 11.28 -2.96 -23.42
CA PHE P 69 10.34 -2.07 -22.75
C PHE P 69 9.57 -1.24 -23.75
N LEU P 70 10.25 -0.67 -24.73
CA LEU P 70 9.63 0.31 -25.59
C LEU P 70 8.75 -0.38 -26.63
N LYS P 71 9.08 -1.63 -26.97
CA LYS P 71 8.16 -2.44 -27.76
C LYS P 71 6.93 -2.81 -26.96
N SER P 72 7.09 -2.97 -25.65
CA SER P 72 5.95 -3.29 -24.81
C SER P 72 5.14 -2.05 -24.47
N LEU P 73 5.70 -0.87 -24.73
CA LEU P 73 4.95 0.36 -24.50
C LEU P 73 4.23 0.79 -25.78
N LYS P 74 4.63 0.27 -26.92
CA LYS P 74 3.88 0.58 -28.13
C LYS P 74 2.76 -0.43 -28.34
N GLU P 75 2.78 -1.53 -27.59
CA GLU P 75 1.65 -2.45 -27.60
C GLU P 75 0.65 -2.11 -26.52
N TRP P 76 1.09 -2.08 -25.27
CA TRP P 76 0.26 -1.67 -24.15
C TRP P 76 0.50 -0.19 -23.93
N ASN P 77 -0.58 0.59 -23.80
CA ASN P 77 -0.57 2.06 -23.73
C ASN P 77 0.14 2.68 -24.95
N TYR P 78 -0.44 2.45 -26.12
CA TYR P 78 -0.03 3.22 -27.29
C TYR P 78 -0.42 4.70 -27.29
N PRO P 79 -1.60 5.15 -26.79
CA PRO P 79 -1.87 6.60 -26.84
C PRO P 79 -0.94 7.46 -26.01
N LEU P 80 -0.27 6.91 -25.01
CA LEU P 80 0.84 7.64 -24.41
C LEU P 80 2.00 7.74 -25.38
N PHE P 81 2.43 6.60 -25.93
CA PHE P 81 3.62 6.54 -26.77
C PHE P 81 3.41 7.26 -28.10
N GLN P 82 2.16 7.34 -28.55
CA GLN P 82 1.84 8.22 -29.68
C GLN P 82 2.00 9.68 -29.29
N ASP P 83 1.58 10.04 -28.08
CA ASP P 83 1.68 11.42 -27.65
C ASP P 83 3.06 11.71 -27.08
N LEU P 84 3.79 10.66 -26.73
CA LEU P 84 5.14 10.84 -26.21
C LEU P 84 6.10 11.26 -27.31
N ASN P 85 5.83 10.82 -28.54
CA ASN P 85 6.65 11.18 -29.69
C ASN P 85 6.19 12.52 -30.26
#